data_2EQL
# 
_entry.id   2EQL 
# 
_audit_conform.dict_name       mmcif_pdbx.dic 
_audit_conform.dict_version    5.399 
_audit_conform.dict_location   http://mmcif.pdb.org/dictionaries/ascii/mmcif_pdbx.dic 
# 
loop_
_database_2.database_id 
_database_2.database_code 
_database_2.pdbx_database_accession 
_database_2.pdbx_DOI 
PDB   2EQL         pdb_00002eql 10.2210/pdb2eql/pdb 
WWPDB D_1000178039 ?            ?                   
# 
loop_
_pdbx_audit_revision_history.ordinal 
_pdbx_audit_revision_history.data_content_type 
_pdbx_audit_revision_history.major_revision 
_pdbx_audit_revision_history.minor_revision 
_pdbx_audit_revision_history.revision_date 
1 'Structure model' 1 0 1994-07-31 
2 'Structure model' 1 1 2008-03-24 
3 'Structure model' 1 2 2011-07-13 
4 'Structure model' 1 3 2017-11-29 
5 'Structure model' 1 4 2024-11-20 
# 
_pdbx_audit_revision_details.ordinal             1 
_pdbx_audit_revision_details.revision_ordinal    1 
_pdbx_audit_revision_details.data_content_type   'Structure model' 
_pdbx_audit_revision_details.provider            repository 
_pdbx_audit_revision_details.type                'Initial release' 
_pdbx_audit_revision_details.description         ? 
_pdbx_audit_revision_details.details             ? 
# 
loop_
_pdbx_audit_revision_group.ordinal 
_pdbx_audit_revision_group.revision_ordinal 
_pdbx_audit_revision_group.data_content_type 
_pdbx_audit_revision_group.group 
1 2 'Structure model' 'Version format compliance' 
2 3 'Structure model' 'Version format compliance' 
3 4 'Structure model' 'Derived calculations'      
4 4 'Structure model' Other                       
5 5 'Structure model' 'Data collection'           
6 5 'Structure model' 'Database references'       
7 5 'Structure model' 'Structure summary'         
# 
loop_
_pdbx_audit_revision_category.ordinal 
_pdbx_audit_revision_category.revision_ordinal 
_pdbx_audit_revision_category.data_content_type 
_pdbx_audit_revision_category.category 
1 4 'Structure model' pdbx_database_status      
2 4 'Structure model' struct_conf               
3 4 'Structure model' struct_conf_type          
4 5 'Structure model' chem_comp_atom            
5 5 'Structure model' chem_comp_bond            
6 5 'Structure model' database_2                
7 5 'Structure model' pdbx_entry_details        
8 5 'Structure model' pdbx_modification_feature 
# 
loop_
_pdbx_audit_revision_item.ordinal 
_pdbx_audit_revision_item.revision_ordinal 
_pdbx_audit_revision_item.data_content_type 
_pdbx_audit_revision_item.item 
1 4 'Structure model' '_pdbx_database_status.process_site'  
2 5 'Structure model' '_database_2.pdbx_DOI'                
3 5 'Structure model' '_database_2.pdbx_database_accession' 
# 
_pdbx_database_status.status_code                     REL 
_pdbx_database_status.entry_id                        2EQL 
_pdbx_database_status.recvd_initial_deposition_date   1994-05-27 
_pdbx_database_status.deposit_site                    ? 
_pdbx_database_status.process_site                    BNL 
_pdbx_database_status.status_code_sf                  REL 
_pdbx_database_status.status_code_mr                  ? 
_pdbx_database_status.SG_entry                        ? 
_pdbx_database_status.pdb_format_compatible           Y 
_pdbx_database_status.status_code_cs                  ? 
_pdbx_database_status.methods_development_category    ? 
_pdbx_database_status.status_code_nmr_data            ? 
# 
loop_
_audit_author.name 
_audit_author.pdbx_ordinal 
'Tsuge, H.'  1 
'Ago, H.'    2 
'Miyano, M.' 3 
# 
loop_
_citation.id 
_citation.title 
_citation.journal_abbrev 
_citation.journal_volume 
_citation.page_first 
_citation.page_last 
_citation.year 
_citation.journal_id_ASTM 
_citation.country 
_citation.journal_id_ISSN 
_citation.journal_id_CSD 
_citation.book_publisher 
_citation.pdbx_database_id_PubMed 
_citation.pdbx_database_id_DOI 
primary 'Crystallographic studies of a calcium binding lysozyme from equine milk at 2.5 A resolution.' 'J.Biochem.(Tokyo)'    111  
141 143 1992 JOBIAO JA 0021-924X 0418 ? 1569037 ? 
1       'A Structural Study of Calcium-Binding Equine Lysozyme by Two-Dimensional 1H-NMR'              Biochim.Biophys.Acta   1078 
77  ?   1991 BBACAQ NE 0006-3002 0113 ? ?       ? 
2       'Calcium-Binding Lysozymes'                                                                    Biol.Chem.Hoppe-Seyler 369  
671 ?   1988 BCHSEI GW 0177-3593 0858 ? ?       ? 
3       'The Calcium-Binding Property of Equine Lysozyme'                                              'FEBS Lett.'           223  
405 ?   1987 FEBLAL NE 0014-5793 0165 ? ?       ? 
# 
loop_
_citation_author.citation_id 
_citation_author.name 
_citation_author.ordinal 
_citation_author.identifier_ORCID 
primary 'Tsuge, H.'     1  ? 
primary 'Ago, H.'       2  ? 
primary 'Noma, M.'      3  ? 
primary 'Nitta, K.'     4  ? 
primary 'Sugai, S.'     5  ? 
primary 'Miyano, M.'    6  ? 
1       'Tsuge, H.'     7  ? 
1       'Koseki, K.'    8  ? 
1       'Miyano, M.'    9  ? 
1       'Shimazaki, K.' 10 ? 
1       'Chuman, T.'    11 ? 
1       'Matsumoto, T.' 12 ? 
1       'Noma, M.'      13 ? 
1       'Nitta, K.'     14 ? 
1       'Sugai, S.'     15 ? 
2       'Nitta, K.'     16 ? 
2       'Tsuge, H.'     17 ? 
2       'Shimazaki, K.' 18 ? 
2       'Sugai, S.'     19 ? 
3       'Nitta, K.'     20 ? 
3       'Tsuge, H.'     21 ? 
3       'Sugai, S.'     22 ? 
3       'Shimazaki, K.' 23 ? 
# 
_entity.id                         1 
_entity.type                       polymer 
_entity.src_method                 man 
_entity.pdbx_description           'HORSE MILK LYSOZYME' 
_entity.formula_weight             14673.627 
_entity.pdbx_number_of_molecules   1 
_entity.pdbx_ec                    ? 
_entity.pdbx_mutation              ? 
_entity.pdbx_fragment              ? 
_entity.details                    ? 
# 
_entity_poly.entity_id                      1 
_entity_poly.type                           'polypeptide(L)' 
_entity_poly.nstd_linkage                   no 
_entity_poly.nstd_monomer                   no 
_entity_poly.pdbx_seq_one_letter_code       
;KVFSKCELAHKLKAQEMDGFGGYSLANWVCMAEYESNFNTRAFNGKNANGSSDYGLFQLNNKWWCKDNKRSSSNACNIMC
SKLLDENIDDDISCAKRVVRDPKGMSAWKAWVKHCKDKDLSEYLASCNL
;
_entity_poly.pdbx_seq_one_letter_code_can   
;KVFSKCELAHKLKAQEMDGFGGYSLANWVCMAEYESNFNTRAFNGKNANGSSDYGLFQLNNKWWCKDNKRSSSNACNIMC
SKLLDENIDDDISCAKRVVRDPKGMSAWKAWVKHCKDKDLSEYLASCNL
;
_entity_poly.pdbx_strand_id                 A 
_entity_poly.pdbx_target_identifier         ? 
# 
loop_
_entity_poly_seq.entity_id 
_entity_poly_seq.num 
_entity_poly_seq.mon_id 
_entity_poly_seq.hetero 
1 1   LYS n 
1 2   VAL n 
1 3   PHE n 
1 4   SER n 
1 5   LYS n 
1 6   CYS n 
1 7   GLU n 
1 8   LEU n 
1 9   ALA n 
1 10  HIS n 
1 11  LYS n 
1 12  LEU n 
1 13  LYS n 
1 14  ALA n 
1 15  GLN n 
1 16  GLU n 
1 17  MET n 
1 18  ASP n 
1 19  GLY n 
1 20  PHE n 
1 21  GLY n 
1 22  GLY n 
1 23  TYR n 
1 24  SER n 
1 25  LEU n 
1 26  ALA n 
1 27  ASN n 
1 28  TRP n 
1 29  VAL n 
1 30  CYS n 
1 31  MET n 
1 32  ALA n 
1 33  GLU n 
1 34  TYR n 
1 35  GLU n 
1 36  SER n 
1 37  ASN n 
1 38  PHE n 
1 39  ASN n 
1 40  THR n 
1 41  ARG n 
1 42  ALA n 
1 43  PHE n 
1 44  ASN n 
1 45  GLY n 
1 46  LYS n 
1 47  ASN n 
1 48  ALA n 
1 49  ASN n 
1 50  GLY n 
1 51  SER n 
1 52  SER n 
1 53  ASP n 
1 54  TYR n 
1 55  GLY n 
1 56  LEU n 
1 57  PHE n 
1 58  GLN n 
1 59  LEU n 
1 60  ASN n 
1 61  ASN n 
1 62  LYS n 
1 63  TRP n 
1 64  TRP n 
1 65  CYS n 
1 66  LYS n 
1 67  ASP n 
1 68  ASN n 
1 69  LYS n 
1 70  ARG n 
1 71  SER n 
1 72  SER n 
1 73  SER n 
1 74  ASN n 
1 75  ALA n 
1 76  CYS n 
1 77  ASN n 
1 78  ILE n 
1 79  MET n 
1 80  CYS n 
1 81  SER n 
1 82  LYS n 
1 83  LEU n 
1 84  LEU n 
1 85  ASP n 
1 86  GLU n 
1 87  ASN n 
1 88  ILE n 
1 89  ASP n 
1 90  ASP n 
1 91  ASP n 
1 92  ILE n 
1 93  SER n 
1 94  CYS n 
1 95  ALA n 
1 96  LYS n 
1 97  ARG n 
1 98  VAL n 
1 99  VAL n 
1 100 ARG n 
1 101 ASP n 
1 102 PRO n 
1 103 LYS n 
1 104 GLY n 
1 105 MET n 
1 106 SER n 
1 107 ALA n 
1 108 TRP n 
1 109 LYS n 
1 110 ALA n 
1 111 TRP n 
1 112 VAL n 
1 113 LYS n 
1 114 HIS n 
1 115 CYS n 
1 116 LYS n 
1 117 ASP n 
1 118 LYS n 
1 119 ASP n 
1 120 LEU n 
1 121 SER n 
1 122 GLU n 
1 123 TYR n 
1 124 LEU n 
1 125 ALA n 
1 126 SER n 
1 127 CYS n 
1 128 ASN n 
1 129 LEU n 
# 
_entity_src_gen.entity_id                          1 
_entity_src_gen.pdbx_src_id                        1 
_entity_src_gen.pdbx_alt_source_flag               sample 
_entity_src_gen.pdbx_seq_type                      ? 
_entity_src_gen.pdbx_beg_seq_num                   ? 
_entity_src_gen.pdbx_end_seq_num                   ? 
_entity_src_gen.gene_src_common_name               horse 
_entity_src_gen.gene_src_genus                     Equus 
_entity_src_gen.pdbx_gene_src_gene                 ? 
_entity_src_gen.gene_src_species                   ? 
_entity_src_gen.gene_src_strain                    ? 
_entity_src_gen.gene_src_tissue                    ? 
_entity_src_gen.gene_src_tissue_fraction           ? 
_entity_src_gen.gene_src_details                   ? 
_entity_src_gen.pdbx_gene_src_fragment             ? 
_entity_src_gen.pdbx_gene_src_scientific_name      'Equus caballus' 
_entity_src_gen.pdbx_gene_src_ncbi_taxonomy_id     9796 
_entity_src_gen.pdbx_gene_src_variant              ? 
_entity_src_gen.pdbx_gene_src_cell_line            ? 
_entity_src_gen.pdbx_gene_src_atcc                 ? 
_entity_src_gen.pdbx_gene_src_organ                ? 
_entity_src_gen.pdbx_gene_src_organelle            ? 
_entity_src_gen.pdbx_gene_src_cell                 ? 
_entity_src_gen.pdbx_gene_src_cellular_location    ? 
_entity_src_gen.host_org_common_name               ? 
_entity_src_gen.pdbx_host_org_scientific_name      ? 
_entity_src_gen.pdbx_host_org_ncbi_taxonomy_id     ? 
_entity_src_gen.host_org_genus                     ? 
_entity_src_gen.pdbx_host_org_gene                 ? 
_entity_src_gen.pdbx_host_org_organ                ? 
_entity_src_gen.host_org_species                   ? 
_entity_src_gen.pdbx_host_org_tissue               ? 
_entity_src_gen.pdbx_host_org_tissue_fraction      ? 
_entity_src_gen.pdbx_host_org_strain               ? 
_entity_src_gen.pdbx_host_org_variant              ? 
_entity_src_gen.pdbx_host_org_cell_line            ? 
_entity_src_gen.pdbx_host_org_atcc                 ? 
_entity_src_gen.pdbx_host_org_culture_collection   ? 
_entity_src_gen.pdbx_host_org_cell                 ? 
_entity_src_gen.pdbx_host_org_organelle            ? 
_entity_src_gen.pdbx_host_org_cellular_location    ? 
_entity_src_gen.pdbx_host_org_vector_type          ? 
_entity_src_gen.pdbx_host_org_vector               ? 
_entity_src_gen.host_org_details                   ? 
_entity_src_gen.expression_system_id               ? 
_entity_src_gen.plasmid_name                       ? 
_entity_src_gen.plasmid_details                    ? 
_entity_src_gen.pdbx_description                   ? 
# 
loop_
_chem_comp.id 
_chem_comp.type 
_chem_comp.mon_nstd_flag 
_chem_comp.name 
_chem_comp.pdbx_synonyms 
_chem_comp.formula 
_chem_comp.formula_weight 
ALA 'L-peptide linking' y ALANINE         ? 'C3 H7 N O2'     89.093  
ARG 'L-peptide linking' y ARGININE        ? 'C6 H15 N4 O2 1' 175.209 
ASN 'L-peptide linking' y ASPARAGINE      ? 'C4 H8 N2 O3'    132.118 
ASP 'L-peptide linking' y 'ASPARTIC ACID' ? 'C4 H7 N O4'     133.103 
CYS 'L-peptide linking' y CYSTEINE        ? 'C3 H7 N O2 S'   121.158 
GLN 'L-peptide linking' y GLUTAMINE       ? 'C5 H10 N2 O3'   146.144 
GLU 'L-peptide linking' y 'GLUTAMIC ACID' ? 'C5 H9 N O4'     147.129 
GLY 'peptide linking'   y GLYCINE         ? 'C2 H5 N O2'     75.067  
HIS 'L-peptide linking' y HISTIDINE       ? 'C6 H10 N3 O2 1' 156.162 
ILE 'L-peptide linking' y ISOLEUCINE      ? 'C6 H13 N O2'    131.173 
LEU 'L-peptide linking' y LEUCINE         ? 'C6 H13 N O2'    131.173 
LYS 'L-peptide linking' y LYSINE          ? 'C6 H15 N2 O2 1' 147.195 
MET 'L-peptide linking' y METHIONINE      ? 'C5 H11 N O2 S'  149.211 
PHE 'L-peptide linking' y PHENYLALANINE   ? 'C9 H11 N O2'    165.189 
PRO 'L-peptide linking' y PROLINE         ? 'C5 H9 N O2'     115.130 
SER 'L-peptide linking' y SERINE          ? 'C3 H7 N O3'     105.093 
THR 'L-peptide linking' y THREONINE       ? 'C4 H9 N O3'     119.119 
TRP 'L-peptide linking' y TRYPTOPHAN      ? 'C11 H12 N2 O2'  204.225 
TYR 'L-peptide linking' y TYROSINE        ? 'C9 H11 N O3'    181.189 
VAL 'L-peptide linking' y VALINE          ? 'C5 H11 N O2'    117.146 
# 
loop_
_pdbx_poly_seq_scheme.asym_id 
_pdbx_poly_seq_scheme.entity_id 
_pdbx_poly_seq_scheme.seq_id 
_pdbx_poly_seq_scheme.mon_id 
_pdbx_poly_seq_scheme.ndb_seq_num 
_pdbx_poly_seq_scheme.pdb_seq_num 
_pdbx_poly_seq_scheme.auth_seq_num 
_pdbx_poly_seq_scheme.pdb_mon_id 
_pdbx_poly_seq_scheme.auth_mon_id 
_pdbx_poly_seq_scheme.pdb_strand_id 
_pdbx_poly_seq_scheme.pdb_ins_code 
_pdbx_poly_seq_scheme.hetero 
A 1 1   LYS 1   1   1   LYS LYS A . n 
A 1 2   VAL 2   2   2   VAL VAL A . n 
A 1 3   PHE 3   3   3   PHE PHE A . n 
A 1 4   SER 4   4   4   SER SER A . n 
A 1 5   LYS 5   5   5   LYS LYS A . n 
A 1 6   CYS 6   6   6   CYS CYS A . n 
A 1 7   GLU 7   7   7   GLU GLU A . n 
A 1 8   LEU 8   8   8   LEU LEU A . n 
A 1 9   ALA 9   9   9   ALA ALA A . n 
A 1 10  HIS 10  10  10  HIS HIS A . n 
A 1 11  LYS 11  11  11  LYS LYS A . n 
A 1 12  LEU 12  12  12  LEU LEU A . n 
A 1 13  LYS 13  13  13  LYS LYS A . n 
A 1 14  ALA 14  14  14  ALA ALA A . n 
A 1 15  GLN 15  15  15  GLN GLN A . n 
A 1 16  GLU 16  16  16  GLU GLU A . n 
A 1 17  MET 17  17  17  MET MET A . n 
A 1 18  ASP 18  18  18  ASP ASP A . n 
A 1 19  GLY 19  19  19  GLY GLY A . n 
A 1 20  PHE 20  20  20  PHE PHE A . n 
A 1 21  GLY 21  21  21  GLY GLY A . n 
A 1 22  GLY 22  22  22  GLY GLY A . n 
A 1 23  TYR 23  23  23  TYR TYR A . n 
A 1 24  SER 24  24  24  SER SER A . n 
A 1 25  LEU 25  25  25  LEU LEU A . n 
A 1 26  ALA 26  26  26  ALA ALA A . n 
A 1 27  ASN 27  27  27  ASN ASN A . n 
A 1 28  TRP 28  28  28  TRP TRP A . n 
A 1 29  VAL 29  29  29  VAL VAL A . n 
A 1 30  CYS 30  30  30  CYS CYS A . n 
A 1 31  MET 31  31  31  MET MET A . n 
A 1 32  ALA 32  32  32  ALA ALA A . n 
A 1 33  GLU 33  33  33  GLU GLU A . n 
A 1 34  TYR 34  34  34  TYR TYR A . n 
A 1 35  GLU 35  35  35  GLU GLU A . n 
A 1 36  SER 36  36  36  SER SER A . n 
A 1 37  ASN 37  37  37  ASN ASN A . n 
A 1 38  PHE 38  38  38  PHE PHE A . n 
A 1 39  ASN 39  39  39  ASN ASN A . n 
A 1 40  THR 40  40  40  THR THR A . n 
A 1 41  ARG 41  41  41  ARG ARG A . n 
A 1 42  ALA 42  42  42  ALA ALA A . n 
A 1 43  PHE 43  43  43  PHE PHE A . n 
A 1 44  ASN 44  44  44  ASN ASN A . n 
A 1 45  GLY 45  45  45  GLY GLY A . n 
A 1 46  LYS 46  46  46  LYS LYS A . n 
A 1 47  ASN 47  47  47  ASN ASN A . n 
A 1 48  ALA 48  48  48  ALA ALA A . n 
A 1 49  ASN 49  49  49  ASN ASN A . n 
A 1 50  GLY 50  50  50  GLY GLY A . n 
A 1 51  SER 51  51  51  SER SER A . n 
A 1 52  SER 52  52  52  SER SER A . n 
A 1 53  ASP 53  53  53  ASP ASP A . n 
A 1 54  TYR 54  54  54  TYR TYR A . n 
A 1 55  GLY 55  55  55  GLY GLY A . n 
A 1 56  LEU 56  56  56  LEU LEU A . n 
A 1 57  PHE 57  57  57  PHE PHE A . n 
A 1 58  GLN 58  58  58  GLN GLN A . n 
A 1 59  LEU 59  59  59  LEU LEU A . n 
A 1 60  ASN 60  60  60  ASN ASN A . n 
A 1 61  ASN 61  61  61  ASN ASN A . n 
A 1 62  LYS 62  62  62  LYS LYS A . n 
A 1 63  TRP 63  63  63  TRP TRP A . n 
A 1 64  TRP 64  64  64  TRP TRP A . n 
A 1 65  CYS 65  65  65  CYS CYS A . n 
A 1 66  LYS 66  66  66  LYS LYS A . n 
A 1 67  ASP 67  67  67  ASP ASP A . n 
A 1 68  ASN 68  68  68  ASN ASN A . n 
A 1 69  LYS 69  69  69  LYS LYS A . n 
A 1 70  ARG 70  70  70  ARG ARG A . n 
A 1 71  SER 71  71  71  SER SER A . n 
A 1 72  SER 72  72  72  SER SER A . n 
A 1 73  SER 73  73  73  SER SER A . n 
A 1 74  ASN 74  74  74  ASN ASN A . n 
A 1 75  ALA 75  75  75  ALA ALA A . n 
A 1 76  CYS 76  76  76  CYS CYS A . n 
A 1 77  ASN 77  77  77  ASN ASN A . n 
A 1 78  ILE 78  78  78  ILE ILE A . n 
A 1 79  MET 79  79  79  MET MET A . n 
A 1 80  CYS 80  80  80  CYS CYS A . n 
A 1 81  SER 81  81  81  SER SER A . n 
A 1 82  LYS 82  82  82  LYS LYS A . n 
A 1 83  LEU 83  83  83  LEU LEU A . n 
A 1 84  LEU 84  84  84  LEU LEU A . n 
A 1 85  ASP 85  85  85  ASP ASP A . n 
A 1 86  GLU 86  86  86  GLU GLU A . n 
A 1 87  ASN 87  87  87  ASN ASN A . n 
A 1 88  ILE 88  88  88  ILE ILE A . n 
A 1 89  ASP 89  89  89  ASP ASP A . n 
A 1 90  ASP 90  90  90  ASP ASP A . n 
A 1 91  ASP 91  91  91  ASP ASP A . n 
A 1 92  ILE 92  92  92  ILE ILE A . n 
A 1 93  SER 93  93  93  SER SER A . n 
A 1 94  CYS 94  94  94  CYS CYS A . n 
A 1 95  ALA 95  95  95  ALA ALA A . n 
A 1 96  LYS 96  96  96  LYS LYS A . n 
A 1 97  ARG 97  97  97  ARG ARG A . n 
A 1 98  VAL 98  98  98  VAL VAL A . n 
A 1 99  VAL 99  99  99  VAL VAL A . n 
A 1 100 ARG 100 100 100 ARG ARG A . n 
A 1 101 ASP 101 101 101 ASP ASP A . n 
A 1 102 PRO 102 102 102 PRO PRO A . n 
A 1 103 LYS 103 103 103 LYS LYS A . n 
A 1 104 GLY 104 104 104 GLY GLY A . n 
A 1 105 MET 105 105 105 MET MET A . n 
A 1 106 SER 106 106 106 SER SER A . n 
A 1 107 ALA 107 107 107 ALA ALA A . n 
A 1 108 TRP 108 108 108 TRP TRP A . n 
A 1 109 LYS 109 109 109 LYS LYS A . n 
A 1 110 ALA 110 110 110 ALA ALA A . n 
A 1 111 TRP 111 111 111 TRP TRP A . n 
A 1 112 VAL 112 112 112 VAL VAL A . n 
A 1 113 LYS 113 113 113 LYS LYS A . n 
A 1 114 HIS 114 114 114 HIS HIS A . n 
A 1 115 CYS 115 115 115 CYS CYS A . n 
A 1 116 LYS 116 116 116 LYS LYS A . n 
A 1 117 ASP 117 117 117 ASP ASP A . n 
A 1 118 LYS 118 118 118 LYS LYS A . n 
A 1 119 ASP 119 119 119 ASP ASP A . n 
A 1 120 LEU 120 120 120 LEU LEU A . n 
A 1 121 SER 121 121 121 SER SER A . n 
A 1 122 GLU 122 122 122 GLU GLU A . n 
A 1 123 TYR 123 123 123 TYR TYR A . n 
A 1 124 LEU 124 124 124 LEU LEU A . n 
A 1 125 ALA 125 125 125 ALA ALA A . n 
A 1 126 SER 126 126 126 SER SER A . n 
A 1 127 CYS 127 127 127 CYS CYS A . n 
A 1 128 ASN 128 128 128 ASN ASN A . n 
A 1 129 LEU 129 129 129 LEU LEU A . n 
# 
loop_
_software.name 
_software.classification 
_software.version 
_software.citation_id 
_software.pdbx_ordinal 
X-PLOR 'model building' . ? 1 
X-PLOR refinement       . ? 2 
X-PLOR phasing          . ? 3 
# 
_cell.entry_id           2EQL 
_cell.length_a           54.100 
_cell.length_b           57.200 
_cell.length_c           38.700 
_cell.angle_alpha        90.00 
_cell.angle_beta         90.00 
_cell.angle_gamma        90.00 
_cell.Z_PDB              4 
_cell.pdbx_unique_axis   ? 
# 
_symmetry.entry_id                         2EQL 
_symmetry.space_group_name_H-M             'P 21 21 21' 
_symmetry.pdbx_full_space_group_name_H-M   ? 
_symmetry.cell_setting                     ? 
_symmetry.Int_Tables_number                19 
# 
_exptl.entry_id          2EQL 
_exptl.method            'X-RAY DIFFRACTION' 
_exptl.crystals_number   ? 
# 
_exptl_crystal.id                    1 
_exptl_crystal.density_meas          ? 
_exptl_crystal.density_Matthews      2.04 
_exptl_crystal.density_percent_sol   39.71 
_exptl_crystal.description           ? 
# 
_refine.entry_id                                 2EQL 
_refine.ls_number_reflns_obs                     4142 
_refine.ls_number_reflns_all                     ? 
_refine.pdbx_ls_sigma_I                          ? 
_refine.pdbx_ls_sigma_F                          3.0 
_refine.pdbx_data_cutoff_high_absF               ? 
_refine.pdbx_data_cutoff_low_absF                ? 
_refine.pdbx_data_cutoff_high_rms_absF           ? 
_refine.ls_d_res_low                             7.0 
_refine.ls_d_res_high                            2.5 
_refine.ls_percent_reflns_obs                    ? 
_refine.ls_R_factor_obs                          0.234 
_refine.ls_R_factor_all                          ? 
_refine.ls_R_factor_R_work                       0.234 
_refine.ls_R_factor_R_free                       ? 
_refine.ls_R_factor_R_free_error                 ? 
_refine.ls_R_factor_R_free_error_details         ? 
_refine.ls_percent_reflns_R_free                 ? 
_refine.ls_number_reflns_R_free                  ? 
_refine.ls_number_parameters                     ? 
_refine.ls_number_restraints                     ? 
_refine.occupancy_min                            ? 
_refine.occupancy_max                            ? 
_refine.B_iso_mean                               ? 
_refine.aniso_B[1][1]                            ? 
_refine.aniso_B[2][2]                            ? 
_refine.aniso_B[3][3]                            ? 
_refine.aniso_B[1][2]                            ? 
_refine.aniso_B[1][3]                            ? 
_refine.aniso_B[2][3]                            ? 
_refine.solvent_model_details                    ? 
_refine.solvent_model_param_ksol                 ? 
_refine.solvent_model_param_bsol                 ? 
_refine.pdbx_ls_cross_valid_method               ? 
_refine.details                                  ? 
_refine.pdbx_starting_model                      ? 
_refine.pdbx_method_to_determine_struct          ? 
_refine.pdbx_isotropic_thermal_model             ? 
_refine.pdbx_stereochemistry_target_values       ? 
_refine.pdbx_stereochem_target_val_spec_case     ? 
_refine.pdbx_R_Free_selection_details            ? 
_refine.pdbx_overall_ESU_R                       ? 
_refine.pdbx_overall_ESU_R_Free                  ? 
_refine.overall_SU_ML                            ? 
_refine.overall_SU_B                             ? 
_refine.pdbx_refine_id                           'X-RAY DIFFRACTION' 
_refine.pdbx_diffrn_id                           1 
_refine.pdbx_TLS_residual_ADP_flag               ? 
_refine.correlation_coeff_Fo_to_Fc               ? 
_refine.correlation_coeff_Fo_to_Fc_free          ? 
_refine.pdbx_solvent_vdw_probe_radii             ? 
_refine.pdbx_solvent_ion_probe_radii             ? 
_refine.pdbx_solvent_shrinkage_radii             ? 
_refine.pdbx_overall_phase_error                 ? 
_refine.overall_SU_R_Cruickshank_DPI             ? 
_refine.pdbx_overall_SU_R_free_Cruickshank_DPI   ? 
_refine.pdbx_overall_SU_R_Blow_DPI               ? 
_refine.pdbx_overall_SU_R_free_Blow_DPI          ? 
# 
_refine_hist.pdbx_refine_id                   'X-RAY DIFFRACTION' 
_refine_hist.cycle_id                         LAST 
_refine_hist.pdbx_number_atoms_protein        1023 
_refine_hist.pdbx_number_atoms_nucleic_acid   0 
_refine_hist.pdbx_number_atoms_ligand         0 
_refine_hist.number_atoms_solvent             0 
_refine_hist.number_atoms_total               1023 
_refine_hist.d_res_high                       2.5 
_refine_hist.d_res_low                        7.0 
# 
loop_
_refine_ls_restr.type 
_refine_ls_restr.dev_ideal 
_refine_ls_restr.dev_ideal_target 
_refine_ls_restr.weight 
_refine_ls_restr.number 
_refine_ls_restr.pdbx_refine_id 
_refine_ls_restr.pdbx_restraint_function 
x_bond_d                0.019 ? ? ? 'X-RAY DIFFRACTION' ? 
x_bond_d_na             ?     ? ? ? 'X-RAY DIFFRACTION' ? 
x_bond_d_prot           ?     ? ? ? 'X-RAY DIFFRACTION' ? 
x_angle_d               ?     ? ? ? 'X-RAY DIFFRACTION' ? 
x_angle_d_na            ?     ? ? ? 'X-RAY DIFFRACTION' ? 
x_angle_d_prot          ?     ? ? ? 'X-RAY DIFFRACTION' ? 
x_angle_deg             4.08  ? ? ? 'X-RAY DIFFRACTION' ? 
x_angle_deg_na          ?     ? ? ? 'X-RAY DIFFRACTION' ? 
x_angle_deg_prot        ?     ? ? ? 'X-RAY DIFFRACTION' ? 
x_dihedral_angle_d      ?     ? ? ? 'X-RAY DIFFRACTION' ? 
x_dihedral_angle_d_na   ?     ? ? ? 'X-RAY DIFFRACTION' ? 
x_dihedral_angle_d_prot ?     ? ? ? 'X-RAY DIFFRACTION' ? 
x_improper_angle_d      ?     ? ? ? 'X-RAY DIFFRACTION' ? 
x_improper_angle_d_na   ?     ? ? ? 'X-RAY DIFFRACTION' ? 
x_improper_angle_d_prot ?     ? ? ? 'X-RAY DIFFRACTION' ? 
x_mcbond_it             ?     ? ? ? 'X-RAY DIFFRACTION' ? 
x_mcangle_it            ?     ? ? ? 'X-RAY DIFFRACTION' ? 
x_scbond_it             ?     ? ? ? 'X-RAY DIFFRACTION' ? 
x_scangle_it            ?     ? ? ? 'X-RAY DIFFRACTION' ? 
# 
_struct.entry_id                  2EQL 
_struct.title                     
'CRYSTALLOGRAPHIC STUDIES OF A CALCIUM BINDING LYSOZYME FROM EQUINE MILK AT 2.5 ANGSTROMS RESOLUTION' 
_struct.pdbx_model_details        ? 
_struct.pdbx_CASP_flag            ? 
_struct.pdbx_model_type_details   ? 
# 
_struct_keywords.entry_id        2EQL 
_struct_keywords.pdbx_keywords   'HYDROLASE(O-GLYCOSYL)' 
_struct_keywords.text            'HYDROLASE(O-GLYCOSYL)' 
# 
_struct_asym.id                            A 
_struct_asym.pdbx_blank_PDB_chainid_flag   N 
_struct_asym.pdbx_modified                 N 
_struct_asym.entity_id                     1 
_struct_asym.details                       ? 
# 
_struct_ref.id                         1 
_struct_ref.db_name                    UNP 
_struct_ref.db_code                    LYSC1_HORSE 
_struct_ref.entity_id                  1 
_struct_ref.pdbx_db_accession          P11376 
_struct_ref.pdbx_align_begin           1 
_struct_ref.pdbx_seq_one_letter_code   
;KVFSKCELAHKLKAQEMDGFGGYSLANWVCMAEYESNFNTRAFNGKNANGSSDYGLFQLNNKWWCKDNKRSSSNACNIMC
SKLLDENIDDDISCAKRVVRDPKGMSAWKAWVKHCKDKDLSEYLASCNL
;
_struct_ref.pdbx_db_isoform            ? 
# 
_struct_ref_seq.align_id                      1 
_struct_ref_seq.ref_id                        1 
_struct_ref_seq.pdbx_PDB_id_code              2EQL 
_struct_ref_seq.pdbx_strand_id                A 
_struct_ref_seq.seq_align_beg                 1 
_struct_ref_seq.pdbx_seq_align_beg_ins_code   ? 
_struct_ref_seq.seq_align_end                 129 
_struct_ref_seq.pdbx_seq_align_end_ins_code   ? 
_struct_ref_seq.pdbx_db_accession             P11376 
_struct_ref_seq.db_align_beg                  1 
_struct_ref_seq.pdbx_db_align_beg_ins_code    ? 
_struct_ref_seq.db_align_end                  129 
_struct_ref_seq.pdbx_db_align_end_ins_code    ? 
_struct_ref_seq.pdbx_auth_seq_align_beg       1 
_struct_ref_seq.pdbx_auth_seq_align_end       129 
# 
_pdbx_struct_assembly.id                   1 
_pdbx_struct_assembly.details              author_defined_assembly 
_pdbx_struct_assembly.method_details       ? 
_pdbx_struct_assembly.oligomeric_details   monomeric 
_pdbx_struct_assembly.oligomeric_count     1 
# 
_pdbx_struct_assembly_gen.assembly_id       1 
_pdbx_struct_assembly_gen.oper_expression   1 
_pdbx_struct_assembly_gen.asym_id_list      A 
# 
_pdbx_struct_oper_list.id                   1 
_pdbx_struct_oper_list.type                 'identity operation' 
_pdbx_struct_oper_list.name                 1_555 
_pdbx_struct_oper_list.symmetry_operation   x,y,z 
_pdbx_struct_oper_list.matrix[1][1]         1.0000000000 
_pdbx_struct_oper_list.matrix[1][2]         0.0000000000 
_pdbx_struct_oper_list.matrix[1][3]         0.0000000000 
_pdbx_struct_oper_list.vector[1]            0.0000000000 
_pdbx_struct_oper_list.matrix[2][1]         0.0000000000 
_pdbx_struct_oper_list.matrix[2][2]         1.0000000000 
_pdbx_struct_oper_list.matrix[2][3]         0.0000000000 
_pdbx_struct_oper_list.vector[2]            0.0000000000 
_pdbx_struct_oper_list.matrix[3][1]         0.0000000000 
_pdbx_struct_oper_list.matrix[3][2]         0.0000000000 
_pdbx_struct_oper_list.matrix[3][3]         1.0000000000 
_pdbx_struct_oper_list.vector[3]            0.0000000000 
# 
_struct_biol.id   1 
# 
loop_
_struct_conf.conf_type_id 
_struct_conf.id 
_struct_conf.pdbx_PDB_helix_id 
_struct_conf.beg_label_comp_id 
_struct_conf.beg_label_asym_id 
_struct_conf.beg_label_seq_id 
_struct_conf.pdbx_beg_PDB_ins_code 
_struct_conf.end_label_comp_id 
_struct_conf.end_label_asym_id 
_struct_conf.end_label_seq_id 
_struct_conf.pdbx_end_PDB_ins_code 
_struct_conf.beg_auth_comp_id 
_struct_conf.beg_auth_asym_id 
_struct_conf.beg_auth_seq_id 
_struct_conf.end_auth_comp_id 
_struct_conf.end_auth_asym_id 
_struct_conf.end_auth_seq_id 
_struct_conf.pdbx_PDB_helix_class 
_struct_conf.details 
_struct_conf.pdbx_PDB_helix_length 
HELX_P HELX_P1 H1 LYS A 5   ? ALA A 14  ? LYS A 5   ALA A 14  1 ? 10 
HELX_P HELX_P2 H2 LEU A 25  ? SER A 36  ? LEU A 25  SER A 36  1 ? 12 
HELX_P HELX_P3 H3 MET A 79  ? LEU A 83  ? MET A 79  LEU A 83  5 ? 5  
HELX_P HELX_P4 H4 ASP A 89  ? VAL A 98  ? ASP A 89  VAL A 98  1 ? 10 
HELX_P HELX_P5 H5 LYS A 109 ? HIS A 114 ? LYS A 109 HIS A 114 1 ? 6  
# 
_struct_conf_type.id          HELX_P 
_struct_conf_type.criteria    ? 
_struct_conf_type.reference   ? 
# 
loop_
_struct_conn.id 
_struct_conn.conn_type_id 
_struct_conn.pdbx_leaving_atom_flag 
_struct_conn.pdbx_PDB_id 
_struct_conn.ptnr1_label_asym_id 
_struct_conn.ptnr1_label_comp_id 
_struct_conn.ptnr1_label_seq_id 
_struct_conn.ptnr1_label_atom_id 
_struct_conn.pdbx_ptnr1_label_alt_id 
_struct_conn.pdbx_ptnr1_PDB_ins_code 
_struct_conn.pdbx_ptnr1_standard_comp_id 
_struct_conn.ptnr1_symmetry 
_struct_conn.ptnr2_label_asym_id 
_struct_conn.ptnr2_label_comp_id 
_struct_conn.ptnr2_label_seq_id 
_struct_conn.ptnr2_label_atom_id 
_struct_conn.pdbx_ptnr2_label_alt_id 
_struct_conn.pdbx_ptnr2_PDB_ins_code 
_struct_conn.ptnr1_auth_asym_id 
_struct_conn.ptnr1_auth_comp_id 
_struct_conn.ptnr1_auth_seq_id 
_struct_conn.ptnr2_auth_asym_id 
_struct_conn.ptnr2_auth_comp_id 
_struct_conn.ptnr2_auth_seq_id 
_struct_conn.ptnr2_symmetry 
_struct_conn.pdbx_ptnr3_label_atom_id 
_struct_conn.pdbx_ptnr3_label_seq_id 
_struct_conn.pdbx_ptnr3_label_comp_id 
_struct_conn.pdbx_ptnr3_label_asym_id 
_struct_conn.pdbx_ptnr3_label_alt_id 
_struct_conn.pdbx_ptnr3_PDB_ins_code 
_struct_conn.details 
_struct_conn.pdbx_dist_value 
_struct_conn.pdbx_value_order 
_struct_conn.pdbx_role 
disulf1 disulf ? ? A CYS 6  SG ? ? ? 1_555 A CYS 127 SG ? ? A CYS 6  A CYS 127 1_555 ? ? ? ? ? ? ? 2.046 ? ? 
disulf2 disulf ? ? A CYS 30 SG ? ? ? 1_555 A CYS 115 SG ? ? A CYS 30 A CYS 115 1_555 ? ? ? ? ? ? ? 2.032 ? ? 
disulf3 disulf ? ? A CYS 65 SG ? ? ? 1_555 A CYS 80  SG ? ? A CYS 65 A CYS 80  1_555 ? ? ? ? ? ? ? 2.001 ? ? 
disulf4 disulf ? ? A CYS 76 SG ? ? ? 1_555 A CYS 94  SG ? ? A CYS 76 A CYS 94  1_555 ? ? ? ? ? ? ? 2.033 ? ? 
# 
_struct_conn_type.id          disulf 
_struct_conn_type.criteria    ? 
_struct_conn_type.reference   ? 
# 
loop_
_pdbx_modification_feature.ordinal 
_pdbx_modification_feature.label_comp_id 
_pdbx_modification_feature.label_asym_id 
_pdbx_modification_feature.label_seq_id 
_pdbx_modification_feature.label_alt_id 
_pdbx_modification_feature.modified_residue_label_comp_id 
_pdbx_modification_feature.modified_residue_label_asym_id 
_pdbx_modification_feature.modified_residue_label_seq_id 
_pdbx_modification_feature.modified_residue_label_alt_id 
_pdbx_modification_feature.auth_comp_id 
_pdbx_modification_feature.auth_asym_id 
_pdbx_modification_feature.auth_seq_id 
_pdbx_modification_feature.PDB_ins_code 
_pdbx_modification_feature.symmetry 
_pdbx_modification_feature.modified_residue_auth_comp_id 
_pdbx_modification_feature.modified_residue_auth_asym_id 
_pdbx_modification_feature.modified_residue_auth_seq_id 
_pdbx_modification_feature.modified_residue_PDB_ins_code 
_pdbx_modification_feature.modified_residue_symmetry 
_pdbx_modification_feature.comp_id_linking_atom 
_pdbx_modification_feature.modified_residue_id_linking_atom 
_pdbx_modification_feature.modified_residue_id 
_pdbx_modification_feature.ref_pcm_id 
_pdbx_modification_feature.ref_comp_id 
_pdbx_modification_feature.type 
_pdbx_modification_feature.category 
1 CYS A 6  ? CYS A 127 ? CYS A 6  ? 1_555 CYS A 127 ? 1_555 SG SG . . . None 'Disulfide bridge' 
2 CYS A 30 ? CYS A 115 ? CYS A 30 ? 1_555 CYS A 115 ? 1_555 SG SG . . . None 'Disulfide bridge' 
3 CYS A 65 ? CYS A 80  ? CYS A 65 ? 1_555 CYS A 80  ? 1_555 SG SG . . . None 'Disulfide bridge' 
4 CYS A 76 ? CYS A 94  ? CYS A 76 ? 1_555 CYS A 94  ? 1_555 SG SG . . . None 'Disulfide bridge' 
# 
loop_
_struct_sheet.id 
_struct_sheet.type 
_struct_sheet.number_strands 
_struct_sheet.details 
S1 ? 2 ? 
S2 ? 3 ? 
# 
loop_
_struct_sheet_order.sheet_id 
_struct_sheet_order.range_id_1 
_struct_sheet_order.range_id_2 
_struct_sheet_order.offset 
_struct_sheet_order.sense 
S1 1 2 ? anti-parallel 
S2 1 2 ? anti-parallel 
S2 2 3 ? anti-parallel 
# 
loop_
_struct_sheet_range.sheet_id 
_struct_sheet_range.id 
_struct_sheet_range.beg_label_comp_id 
_struct_sheet_range.beg_label_asym_id 
_struct_sheet_range.beg_label_seq_id 
_struct_sheet_range.pdbx_beg_PDB_ins_code 
_struct_sheet_range.end_label_comp_id 
_struct_sheet_range.end_label_asym_id 
_struct_sheet_range.end_label_seq_id 
_struct_sheet_range.pdbx_end_PDB_ins_code 
_struct_sheet_range.beg_auth_comp_id 
_struct_sheet_range.beg_auth_asym_id 
_struct_sheet_range.beg_auth_seq_id 
_struct_sheet_range.end_auth_comp_id 
_struct_sheet_range.end_auth_asym_id 
_struct_sheet_range.end_auth_seq_id 
S1 1 VAL A 2  ? PHE A 3  ? VAL A 2  PHE A 3  
S1 2 PHE A 38 ? THR A 40 ? PHE A 38 THR A 40 
S2 1 ALA A 42 ? LYS A 46 ? ALA A 42 LYS A 46 
S2 2 SER A 51 ? GLY A 55 ? SER A 51 GLY A 55 
S2 3 LEU A 59 ? ASN A 61 ? LEU A 59 ASN A 61 
# 
_pdbx_entry_details.entry_id                   2EQL 
_pdbx_entry_details.compound_details           ? 
_pdbx_entry_details.source_details             ? 
_pdbx_entry_details.nonpolymer_details         ? 
_pdbx_entry_details.sequence_details           ? 
_pdbx_entry_details.has_ligand_of_interest     ? 
_pdbx_entry_details.has_protein_modification   Y 
# 
loop_
_pdbx_validate_rmsd_angle.id 
_pdbx_validate_rmsd_angle.PDB_model_num 
_pdbx_validate_rmsd_angle.auth_atom_id_1 
_pdbx_validate_rmsd_angle.auth_asym_id_1 
_pdbx_validate_rmsd_angle.auth_comp_id_1 
_pdbx_validate_rmsd_angle.auth_seq_id_1 
_pdbx_validate_rmsd_angle.PDB_ins_code_1 
_pdbx_validate_rmsd_angle.label_alt_id_1 
_pdbx_validate_rmsd_angle.auth_atom_id_2 
_pdbx_validate_rmsd_angle.auth_asym_id_2 
_pdbx_validate_rmsd_angle.auth_comp_id_2 
_pdbx_validate_rmsd_angle.auth_seq_id_2 
_pdbx_validate_rmsd_angle.PDB_ins_code_2 
_pdbx_validate_rmsd_angle.label_alt_id_2 
_pdbx_validate_rmsd_angle.auth_atom_id_3 
_pdbx_validate_rmsd_angle.auth_asym_id_3 
_pdbx_validate_rmsd_angle.auth_comp_id_3 
_pdbx_validate_rmsd_angle.auth_seq_id_3 
_pdbx_validate_rmsd_angle.PDB_ins_code_3 
_pdbx_validate_rmsd_angle.label_alt_id_3 
_pdbx_validate_rmsd_angle.angle_value 
_pdbx_validate_rmsd_angle.angle_target_value 
_pdbx_validate_rmsd_angle.angle_deviation 
_pdbx_validate_rmsd_angle.angle_standard_deviation 
_pdbx_validate_rmsd_angle.linker_flag 
1  1 CA  A GLU 16  ? ? CB  A GLU 16  ? ? CG  A GLU 16  ? ? 132.37 113.40 18.97  2.20 N 
2  1 CG  A MET 17  ? ? SD  A MET 17  ? ? CE  A MET 17  ? ? 89.48  100.20 -10.72 1.60 N 
3  1 CA  A ASP 18  ? ? C   A ASP 18  ? ? N   A GLY 19  ? ? 128.96 116.20 12.76  2.00 Y 
4  1 CD1 A TRP 28  ? ? CG  A TRP 28  ? ? CD2 A TRP 28  ? ? 113.68 106.30 7.38   0.80 N 
5  1 CG  A TRP 28  ? ? CD1 A TRP 28  ? ? NE1 A TRP 28  ? ? 103.97 110.10 -6.13  1.00 N 
6  1 CE2 A TRP 28  ? ? CD2 A TRP 28  ? ? CG  A TRP 28  ? ? 101.77 107.30 -5.53  0.80 N 
7  1 CA  A GLU 33  ? ? CB  A GLU 33  ? ? CG  A GLU 33  ? ? 129.18 113.40 15.78  2.20 N 
8  1 NE  A ARG 41  ? ? CZ  A ARG 41  ? ? NH1 A ARG 41  ? ? 124.13 120.30 3.83   0.50 N 
9  1 NE  A ARG 41  ? ? CZ  A ARG 41  ? ? NH2 A ARG 41  ? ? 115.09 120.30 -5.21  0.50 N 
10 1 CA  A ASN 49  ? ? C   A ASN 49  ? ? N   A GLY 50  ? ? 128.60 116.20 12.40  2.00 Y 
11 1 CD1 A TRP 63  ? ? CG  A TRP 63  ? ? CD2 A TRP 63  ? ? 111.48 106.30 5.18   0.80 N 
12 1 CE2 A TRP 63  ? ? CD2 A TRP 63  ? ? CG  A TRP 63  ? ? 102.07 107.30 -5.23  0.80 N 
13 1 CD1 A TRP 64  ? ? CG  A TRP 64  ? ? CD2 A TRP 64  ? ? 114.16 106.30 7.86   0.80 N 
14 1 CG  A TRP 64  ? ? CD1 A TRP 64  ? ? NE1 A TRP 64  ? ? 102.85 110.10 -7.25  1.00 N 
15 1 CE2 A TRP 64  ? ? CD2 A TRP 64  ? ? CG  A TRP 64  ? ? 100.70 107.30 -6.60  0.80 N 
16 1 CB  A ASP 67  ? ? CG  A ASP 67  ? ? OD1 A ASP 67  ? ? 124.18 118.30 5.88   0.90 N 
17 1 CA  A LEU 84  ? ? CB  A LEU 84  ? ? CG  A LEU 84  ? ? 129.19 115.30 13.89  2.30 N 
18 1 CA  A ARG 97  ? ? CB  A ARG 97  ? ? CG  A ARG 97  ? ? 128.37 113.40 14.97  2.20 N 
19 1 NH1 A ARG 97  ? ? CZ  A ARG 97  ? ? NH2 A ARG 97  ? ? 109.00 119.40 -10.40 1.10 N 
20 1 NE  A ARG 97  ? ? CZ  A ARG 97  ? ? NH1 A ARG 97  ? ? 124.87 120.30 4.57   0.50 N 
21 1 NE  A ARG 97  ? ? CZ  A ARG 97  ? ? NH2 A ARG 97  ? ? 117.25 120.30 -3.05  0.50 N 
22 1 CB  A VAL 99  ? ? CA  A VAL 99  ? ? C   A VAL 99  ? ? 99.25  111.40 -12.15 1.90 N 
23 1 CD1 A TRP 108 ? ? CG  A TRP 108 ? ? CD2 A TRP 108 ? ? 113.02 106.30 6.72   0.80 N 
24 1 CE2 A TRP 108 ? ? CD2 A TRP 108 ? ? CG  A TRP 108 ? ? 101.47 107.30 -5.83  0.80 N 
25 1 CD1 A TRP 111 ? ? CG  A TRP 111 ? ? CD2 A TRP 111 ? ? 113.17 106.30 6.87   0.80 N 
26 1 CG  A TRP 111 ? ? CD1 A TRP 111 ? ? NE1 A TRP 111 ? ? 103.47 110.10 -6.63  1.00 N 
27 1 CE2 A TRP 111 ? ? CD2 A TRP 111 ? ? CG  A TRP 111 ? ? 101.43 107.30 -5.87  0.80 N 
28 1 CB  A ASP 119 ? ? CG  A ASP 119 ? ? OD1 A ASP 119 ? ? 124.00 118.30 5.70   0.90 N 
29 1 CA  A ASN 128 ? ? CB  A ASN 128 ? ? CG  A ASN 128 ? ? 97.87  113.40 -15.53 2.20 N 
# 
loop_
_pdbx_validate_torsion.id 
_pdbx_validate_torsion.PDB_model_num 
_pdbx_validate_torsion.auth_comp_id 
_pdbx_validate_torsion.auth_asym_id 
_pdbx_validate_torsion.auth_seq_id 
_pdbx_validate_torsion.PDB_ins_code 
_pdbx_validate_torsion.label_alt_id 
_pdbx_validate_torsion.phi 
_pdbx_validate_torsion.psi 
1 1 ARG A 70  ? ? -1.57   -63.25  
2 1 SER A 73  ? ? -157.06 -157.82 
3 1 ASN A 74  ? ? -154.80 61.25   
4 1 CYS A 115 ? ? -131.80 -36.32  
5 1 ASP A 117 ? ? 80.67   -18.63  
6 1 ASN A 128 ? ? -109.75 72.49   
# 
_pdbx_validate_planes.id              1 
_pdbx_validate_planes.PDB_model_num   1 
_pdbx_validate_planes.auth_comp_id    ARG 
_pdbx_validate_planes.auth_asym_id    A 
_pdbx_validate_planes.auth_seq_id     97 
_pdbx_validate_planes.PDB_ins_code    ? 
_pdbx_validate_planes.label_alt_id    ? 
_pdbx_validate_planes.rmsd            0.215 
_pdbx_validate_planes.type            'SIDE CHAIN' 
# 
loop_
_chem_comp_atom.comp_id 
_chem_comp_atom.atom_id 
_chem_comp_atom.type_symbol 
_chem_comp_atom.pdbx_aromatic_flag 
_chem_comp_atom.pdbx_stereo_config 
_chem_comp_atom.pdbx_ordinal 
ALA N    N N N 1   
ALA CA   C N S 2   
ALA C    C N N 3   
ALA O    O N N 4   
ALA CB   C N N 5   
ALA OXT  O N N 6   
ALA H    H N N 7   
ALA H2   H N N 8   
ALA HA   H N N 9   
ALA HB1  H N N 10  
ALA HB2  H N N 11  
ALA HB3  H N N 12  
ALA HXT  H N N 13  
ARG N    N N N 14  
ARG CA   C N S 15  
ARG C    C N N 16  
ARG O    O N N 17  
ARG CB   C N N 18  
ARG CG   C N N 19  
ARG CD   C N N 20  
ARG NE   N N N 21  
ARG CZ   C N N 22  
ARG NH1  N N N 23  
ARG NH2  N N N 24  
ARG OXT  O N N 25  
ARG H    H N N 26  
ARG H2   H N N 27  
ARG HA   H N N 28  
ARG HB2  H N N 29  
ARG HB3  H N N 30  
ARG HG2  H N N 31  
ARG HG3  H N N 32  
ARG HD2  H N N 33  
ARG HD3  H N N 34  
ARG HE   H N N 35  
ARG HH11 H N N 36  
ARG HH12 H N N 37  
ARG HH21 H N N 38  
ARG HH22 H N N 39  
ARG HXT  H N N 40  
ASN N    N N N 41  
ASN CA   C N S 42  
ASN C    C N N 43  
ASN O    O N N 44  
ASN CB   C N N 45  
ASN CG   C N N 46  
ASN OD1  O N N 47  
ASN ND2  N N N 48  
ASN OXT  O N N 49  
ASN H    H N N 50  
ASN H2   H N N 51  
ASN HA   H N N 52  
ASN HB2  H N N 53  
ASN HB3  H N N 54  
ASN HD21 H N N 55  
ASN HD22 H N N 56  
ASN HXT  H N N 57  
ASP N    N N N 58  
ASP CA   C N S 59  
ASP C    C N N 60  
ASP O    O N N 61  
ASP CB   C N N 62  
ASP CG   C N N 63  
ASP OD1  O N N 64  
ASP OD2  O N N 65  
ASP OXT  O N N 66  
ASP H    H N N 67  
ASP H2   H N N 68  
ASP HA   H N N 69  
ASP HB2  H N N 70  
ASP HB3  H N N 71  
ASP HD2  H N N 72  
ASP HXT  H N N 73  
CYS N    N N N 74  
CYS CA   C N R 75  
CYS C    C N N 76  
CYS O    O N N 77  
CYS CB   C N N 78  
CYS SG   S N N 79  
CYS OXT  O N N 80  
CYS H    H N N 81  
CYS H2   H N N 82  
CYS HA   H N N 83  
CYS HB2  H N N 84  
CYS HB3  H N N 85  
CYS HG   H N N 86  
CYS HXT  H N N 87  
GLN N    N N N 88  
GLN CA   C N S 89  
GLN C    C N N 90  
GLN O    O N N 91  
GLN CB   C N N 92  
GLN CG   C N N 93  
GLN CD   C N N 94  
GLN OE1  O N N 95  
GLN NE2  N N N 96  
GLN OXT  O N N 97  
GLN H    H N N 98  
GLN H2   H N N 99  
GLN HA   H N N 100 
GLN HB2  H N N 101 
GLN HB3  H N N 102 
GLN HG2  H N N 103 
GLN HG3  H N N 104 
GLN HE21 H N N 105 
GLN HE22 H N N 106 
GLN HXT  H N N 107 
GLU N    N N N 108 
GLU CA   C N S 109 
GLU C    C N N 110 
GLU O    O N N 111 
GLU CB   C N N 112 
GLU CG   C N N 113 
GLU CD   C N N 114 
GLU OE1  O N N 115 
GLU OE2  O N N 116 
GLU OXT  O N N 117 
GLU H    H N N 118 
GLU H2   H N N 119 
GLU HA   H N N 120 
GLU HB2  H N N 121 
GLU HB3  H N N 122 
GLU HG2  H N N 123 
GLU HG3  H N N 124 
GLU HE2  H N N 125 
GLU HXT  H N N 126 
GLY N    N N N 127 
GLY CA   C N N 128 
GLY C    C N N 129 
GLY O    O N N 130 
GLY OXT  O N N 131 
GLY H    H N N 132 
GLY H2   H N N 133 
GLY HA2  H N N 134 
GLY HA3  H N N 135 
GLY HXT  H N N 136 
HIS N    N N N 137 
HIS CA   C N S 138 
HIS C    C N N 139 
HIS O    O N N 140 
HIS CB   C N N 141 
HIS CG   C Y N 142 
HIS ND1  N Y N 143 
HIS CD2  C Y N 144 
HIS CE1  C Y N 145 
HIS NE2  N Y N 146 
HIS OXT  O N N 147 
HIS H    H N N 148 
HIS H2   H N N 149 
HIS HA   H N N 150 
HIS HB2  H N N 151 
HIS HB3  H N N 152 
HIS HD1  H N N 153 
HIS HD2  H N N 154 
HIS HE1  H N N 155 
HIS HE2  H N N 156 
HIS HXT  H N N 157 
ILE N    N N N 158 
ILE CA   C N S 159 
ILE C    C N N 160 
ILE O    O N N 161 
ILE CB   C N S 162 
ILE CG1  C N N 163 
ILE CG2  C N N 164 
ILE CD1  C N N 165 
ILE OXT  O N N 166 
ILE H    H N N 167 
ILE H2   H N N 168 
ILE HA   H N N 169 
ILE HB   H N N 170 
ILE HG12 H N N 171 
ILE HG13 H N N 172 
ILE HG21 H N N 173 
ILE HG22 H N N 174 
ILE HG23 H N N 175 
ILE HD11 H N N 176 
ILE HD12 H N N 177 
ILE HD13 H N N 178 
ILE HXT  H N N 179 
LEU N    N N N 180 
LEU CA   C N S 181 
LEU C    C N N 182 
LEU O    O N N 183 
LEU CB   C N N 184 
LEU CG   C N N 185 
LEU CD1  C N N 186 
LEU CD2  C N N 187 
LEU OXT  O N N 188 
LEU H    H N N 189 
LEU H2   H N N 190 
LEU HA   H N N 191 
LEU HB2  H N N 192 
LEU HB3  H N N 193 
LEU HG   H N N 194 
LEU HD11 H N N 195 
LEU HD12 H N N 196 
LEU HD13 H N N 197 
LEU HD21 H N N 198 
LEU HD22 H N N 199 
LEU HD23 H N N 200 
LEU HXT  H N N 201 
LYS N    N N N 202 
LYS CA   C N S 203 
LYS C    C N N 204 
LYS O    O N N 205 
LYS CB   C N N 206 
LYS CG   C N N 207 
LYS CD   C N N 208 
LYS CE   C N N 209 
LYS NZ   N N N 210 
LYS OXT  O N N 211 
LYS H    H N N 212 
LYS H2   H N N 213 
LYS HA   H N N 214 
LYS HB2  H N N 215 
LYS HB3  H N N 216 
LYS HG2  H N N 217 
LYS HG3  H N N 218 
LYS HD2  H N N 219 
LYS HD3  H N N 220 
LYS HE2  H N N 221 
LYS HE3  H N N 222 
LYS HZ1  H N N 223 
LYS HZ2  H N N 224 
LYS HZ3  H N N 225 
LYS HXT  H N N 226 
MET N    N N N 227 
MET CA   C N S 228 
MET C    C N N 229 
MET O    O N N 230 
MET CB   C N N 231 
MET CG   C N N 232 
MET SD   S N N 233 
MET CE   C N N 234 
MET OXT  O N N 235 
MET H    H N N 236 
MET H2   H N N 237 
MET HA   H N N 238 
MET HB2  H N N 239 
MET HB3  H N N 240 
MET HG2  H N N 241 
MET HG3  H N N 242 
MET HE1  H N N 243 
MET HE2  H N N 244 
MET HE3  H N N 245 
MET HXT  H N N 246 
PHE N    N N N 247 
PHE CA   C N S 248 
PHE C    C N N 249 
PHE O    O N N 250 
PHE CB   C N N 251 
PHE CG   C Y N 252 
PHE CD1  C Y N 253 
PHE CD2  C Y N 254 
PHE CE1  C Y N 255 
PHE CE2  C Y N 256 
PHE CZ   C Y N 257 
PHE OXT  O N N 258 
PHE H    H N N 259 
PHE H2   H N N 260 
PHE HA   H N N 261 
PHE HB2  H N N 262 
PHE HB3  H N N 263 
PHE HD1  H N N 264 
PHE HD2  H N N 265 
PHE HE1  H N N 266 
PHE HE2  H N N 267 
PHE HZ   H N N 268 
PHE HXT  H N N 269 
PRO N    N N N 270 
PRO CA   C N S 271 
PRO C    C N N 272 
PRO O    O N N 273 
PRO CB   C N N 274 
PRO CG   C N N 275 
PRO CD   C N N 276 
PRO OXT  O N N 277 
PRO H    H N N 278 
PRO HA   H N N 279 
PRO HB2  H N N 280 
PRO HB3  H N N 281 
PRO HG2  H N N 282 
PRO HG3  H N N 283 
PRO HD2  H N N 284 
PRO HD3  H N N 285 
PRO HXT  H N N 286 
SER N    N N N 287 
SER CA   C N S 288 
SER C    C N N 289 
SER O    O N N 290 
SER CB   C N N 291 
SER OG   O N N 292 
SER OXT  O N N 293 
SER H    H N N 294 
SER H2   H N N 295 
SER HA   H N N 296 
SER HB2  H N N 297 
SER HB3  H N N 298 
SER HG   H N N 299 
SER HXT  H N N 300 
THR N    N N N 301 
THR CA   C N S 302 
THR C    C N N 303 
THR O    O N N 304 
THR CB   C N R 305 
THR OG1  O N N 306 
THR CG2  C N N 307 
THR OXT  O N N 308 
THR H    H N N 309 
THR H2   H N N 310 
THR HA   H N N 311 
THR HB   H N N 312 
THR HG1  H N N 313 
THR HG21 H N N 314 
THR HG22 H N N 315 
THR HG23 H N N 316 
THR HXT  H N N 317 
TRP N    N N N 318 
TRP CA   C N S 319 
TRP C    C N N 320 
TRP O    O N N 321 
TRP CB   C N N 322 
TRP CG   C Y N 323 
TRP CD1  C Y N 324 
TRP CD2  C Y N 325 
TRP NE1  N Y N 326 
TRP CE2  C Y N 327 
TRP CE3  C Y N 328 
TRP CZ2  C Y N 329 
TRP CZ3  C Y N 330 
TRP CH2  C Y N 331 
TRP OXT  O N N 332 
TRP H    H N N 333 
TRP H2   H N N 334 
TRP HA   H N N 335 
TRP HB2  H N N 336 
TRP HB3  H N N 337 
TRP HD1  H N N 338 
TRP HE1  H N N 339 
TRP HE3  H N N 340 
TRP HZ2  H N N 341 
TRP HZ3  H N N 342 
TRP HH2  H N N 343 
TRP HXT  H N N 344 
TYR N    N N N 345 
TYR CA   C N S 346 
TYR C    C N N 347 
TYR O    O N N 348 
TYR CB   C N N 349 
TYR CG   C Y N 350 
TYR CD1  C Y N 351 
TYR CD2  C Y N 352 
TYR CE1  C Y N 353 
TYR CE2  C Y N 354 
TYR CZ   C Y N 355 
TYR OH   O N N 356 
TYR OXT  O N N 357 
TYR H    H N N 358 
TYR H2   H N N 359 
TYR HA   H N N 360 
TYR HB2  H N N 361 
TYR HB3  H N N 362 
TYR HD1  H N N 363 
TYR HD2  H N N 364 
TYR HE1  H N N 365 
TYR HE2  H N N 366 
TYR HH   H N N 367 
TYR HXT  H N N 368 
VAL N    N N N 369 
VAL CA   C N S 370 
VAL C    C N N 371 
VAL O    O N N 372 
VAL CB   C N N 373 
VAL CG1  C N N 374 
VAL CG2  C N N 375 
VAL OXT  O N N 376 
VAL H    H N N 377 
VAL H2   H N N 378 
VAL HA   H N N 379 
VAL HB   H N N 380 
VAL HG11 H N N 381 
VAL HG12 H N N 382 
VAL HG13 H N N 383 
VAL HG21 H N N 384 
VAL HG22 H N N 385 
VAL HG23 H N N 386 
VAL HXT  H N N 387 
# 
loop_
_chem_comp_bond.comp_id 
_chem_comp_bond.atom_id_1 
_chem_comp_bond.atom_id_2 
_chem_comp_bond.value_order 
_chem_comp_bond.pdbx_aromatic_flag 
_chem_comp_bond.pdbx_stereo_config 
_chem_comp_bond.pdbx_ordinal 
ALA N   CA   sing N N 1   
ALA N   H    sing N N 2   
ALA N   H2   sing N N 3   
ALA CA  C    sing N N 4   
ALA CA  CB   sing N N 5   
ALA CA  HA   sing N N 6   
ALA C   O    doub N N 7   
ALA C   OXT  sing N N 8   
ALA CB  HB1  sing N N 9   
ALA CB  HB2  sing N N 10  
ALA CB  HB3  sing N N 11  
ALA OXT HXT  sing N N 12  
ARG N   CA   sing N N 13  
ARG N   H    sing N N 14  
ARG N   H2   sing N N 15  
ARG CA  C    sing N N 16  
ARG CA  CB   sing N N 17  
ARG CA  HA   sing N N 18  
ARG C   O    doub N N 19  
ARG C   OXT  sing N N 20  
ARG CB  CG   sing N N 21  
ARG CB  HB2  sing N N 22  
ARG CB  HB3  sing N N 23  
ARG CG  CD   sing N N 24  
ARG CG  HG2  sing N N 25  
ARG CG  HG3  sing N N 26  
ARG CD  NE   sing N N 27  
ARG CD  HD2  sing N N 28  
ARG CD  HD3  sing N N 29  
ARG NE  CZ   sing N N 30  
ARG NE  HE   sing N N 31  
ARG CZ  NH1  sing N N 32  
ARG CZ  NH2  doub N N 33  
ARG NH1 HH11 sing N N 34  
ARG NH1 HH12 sing N N 35  
ARG NH2 HH21 sing N N 36  
ARG NH2 HH22 sing N N 37  
ARG OXT HXT  sing N N 38  
ASN N   CA   sing N N 39  
ASN N   H    sing N N 40  
ASN N   H2   sing N N 41  
ASN CA  C    sing N N 42  
ASN CA  CB   sing N N 43  
ASN CA  HA   sing N N 44  
ASN C   O    doub N N 45  
ASN C   OXT  sing N N 46  
ASN CB  CG   sing N N 47  
ASN CB  HB2  sing N N 48  
ASN CB  HB3  sing N N 49  
ASN CG  OD1  doub N N 50  
ASN CG  ND2  sing N N 51  
ASN ND2 HD21 sing N N 52  
ASN ND2 HD22 sing N N 53  
ASN OXT HXT  sing N N 54  
ASP N   CA   sing N N 55  
ASP N   H    sing N N 56  
ASP N   H2   sing N N 57  
ASP CA  C    sing N N 58  
ASP CA  CB   sing N N 59  
ASP CA  HA   sing N N 60  
ASP C   O    doub N N 61  
ASP C   OXT  sing N N 62  
ASP CB  CG   sing N N 63  
ASP CB  HB2  sing N N 64  
ASP CB  HB3  sing N N 65  
ASP CG  OD1  doub N N 66  
ASP CG  OD2  sing N N 67  
ASP OD2 HD2  sing N N 68  
ASP OXT HXT  sing N N 69  
CYS N   CA   sing N N 70  
CYS N   H    sing N N 71  
CYS N   H2   sing N N 72  
CYS CA  C    sing N N 73  
CYS CA  CB   sing N N 74  
CYS CA  HA   sing N N 75  
CYS C   O    doub N N 76  
CYS C   OXT  sing N N 77  
CYS CB  SG   sing N N 78  
CYS CB  HB2  sing N N 79  
CYS CB  HB3  sing N N 80  
CYS SG  HG   sing N N 81  
CYS OXT HXT  sing N N 82  
GLN N   CA   sing N N 83  
GLN N   H    sing N N 84  
GLN N   H2   sing N N 85  
GLN CA  C    sing N N 86  
GLN CA  CB   sing N N 87  
GLN CA  HA   sing N N 88  
GLN C   O    doub N N 89  
GLN C   OXT  sing N N 90  
GLN CB  CG   sing N N 91  
GLN CB  HB2  sing N N 92  
GLN CB  HB3  sing N N 93  
GLN CG  CD   sing N N 94  
GLN CG  HG2  sing N N 95  
GLN CG  HG3  sing N N 96  
GLN CD  OE1  doub N N 97  
GLN CD  NE2  sing N N 98  
GLN NE2 HE21 sing N N 99  
GLN NE2 HE22 sing N N 100 
GLN OXT HXT  sing N N 101 
GLU N   CA   sing N N 102 
GLU N   H    sing N N 103 
GLU N   H2   sing N N 104 
GLU CA  C    sing N N 105 
GLU CA  CB   sing N N 106 
GLU CA  HA   sing N N 107 
GLU C   O    doub N N 108 
GLU C   OXT  sing N N 109 
GLU CB  CG   sing N N 110 
GLU CB  HB2  sing N N 111 
GLU CB  HB3  sing N N 112 
GLU CG  CD   sing N N 113 
GLU CG  HG2  sing N N 114 
GLU CG  HG3  sing N N 115 
GLU CD  OE1  doub N N 116 
GLU CD  OE2  sing N N 117 
GLU OE2 HE2  sing N N 118 
GLU OXT HXT  sing N N 119 
GLY N   CA   sing N N 120 
GLY N   H    sing N N 121 
GLY N   H2   sing N N 122 
GLY CA  C    sing N N 123 
GLY CA  HA2  sing N N 124 
GLY CA  HA3  sing N N 125 
GLY C   O    doub N N 126 
GLY C   OXT  sing N N 127 
GLY OXT HXT  sing N N 128 
HIS N   CA   sing N N 129 
HIS N   H    sing N N 130 
HIS N   H2   sing N N 131 
HIS CA  C    sing N N 132 
HIS CA  CB   sing N N 133 
HIS CA  HA   sing N N 134 
HIS C   O    doub N N 135 
HIS C   OXT  sing N N 136 
HIS CB  CG   sing N N 137 
HIS CB  HB2  sing N N 138 
HIS CB  HB3  sing N N 139 
HIS CG  ND1  sing Y N 140 
HIS CG  CD2  doub Y N 141 
HIS ND1 CE1  doub Y N 142 
HIS ND1 HD1  sing N N 143 
HIS CD2 NE2  sing Y N 144 
HIS CD2 HD2  sing N N 145 
HIS CE1 NE2  sing Y N 146 
HIS CE1 HE1  sing N N 147 
HIS NE2 HE2  sing N N 148 
HIS OXT HXT  sing N N 149 
ILE N   CA   sing N N 150 
ILE N   H    sing N N 151 
ILE N   H2   sing N N 152 
ILE CA  C    sing N N 153 
ILE CA  CB   sing N N 154 
ILE CA  HA   sing N N 155 
ILE C   O    doub N N 156 
ILE C   OXT  sing N N 157 
ILE CB  CG1  sing N N 158 
ILE CB  CG2  sing N N 159 
ILE CB  HB   sing N N 160 
ILE CG1 CD1  sing N N 161 
ILE CG1 HG12 sing N N 162 
ILE CG1 HG13 sing N N 163 
ILE CG2 HG21 sing N N 164 
ILE CG2 HG22 sing N N 165 
ILE CG2 HG23 sing N N 166 
ILE CD1 HD11 sing N N 167 
ILE CD1 HD12 sing N N 168 
ILE CD1 HD13 sing N N 169 
ILE OXT HXT  sing N N 170 
LEU N   CA   sing N N 171 
LEU N   H    sing N N 172 
LEU N   H2   sing N N 173 
LEU CA  C    sing N N 174 
LEU CA  CB   sing N N 175 
LEU CA  HA   sing N N 176 
LEU C   O    doub N N 177 
LEU C   OXT  sing N N 178 
LEU CB  CG   sing N N 179 
LEU CB  HB2  sing N N 180 
LEU CB  HB3  sing N N 181 
LEU CG  CD1  sing N N 182 
LEU CG  CD2  sing N N 183 
LEU CG  HG   sing N N 184 
LEU CD1 HD11 sing N N 185 
LEU CD1 HD12 sing N N 186 
LEU CD1 HD13 sing N N 187 
LEU CD2 HD21 sing N N 188 
LEU CD2 HD22 sing N N 189 
LEU CD2 HD23 sing N N 190 
LEU OXT HXT  sing N N 191 
LYS N   CA   sing N N 192 
LYS N   H    sing N N 193 
LYS N   H2   sing N N 194 
LYS CA  C    sing N N 195 
LYS CA  CB   sing N N 196 
LYS CA  HA   sing N N 197 
LYS C   O    doub N N 198 
LYS C   OXT  sing N N 199 
LYS CB  CG   sing N N 200 
LYS CB  HB2  sing N N 201 
LYS CB  HB3  sing N N 202 
LYS CG  CD   sing N N 203 
LYS CG  HG2  sing N N 204 
LYS CG  HG3  sing N N 205 
LYS CD  CE   sing N N 206 
LYS CD  HD2  sing N N 207 
LYS CD  HD3  sing N N 208 
LYS CE  NZ   sing N N 209 
LYS CE  HE2  sing N N 210 
LYS CE  HE3  sing N N 211 
LYS NZ  HZ1  sing N N 212 
LYS NZ  HZ2  sing N N 213 
LYS NZ  HZ3  sing N N 214 
LYS OXT HXT  sing N N 215 
MET N   CA   sing N N 216 
MET N   H    sing N N 217 
MET N   H2   sing N N 218 
MET CA  C    sing N N 219 
MET CA  CB   sing N N 220 
MET CA  HA   sing N N 221 
MET C   O    doub N N 222 
MET C   OXT  sing N N 223 
MET CB  CG   sing N N 224 
MET CB  HB2  sing N N 225 
MET CB  HB3  sing N N 226 
MET CG  SD   sing N N 227 
MET CG  HG2  sing N N 228 
MET CG  HG3  sing N N 229 
MET SD  CE   sing N N 230 
MET CE  HE1  sing N N 231 
MET CE  HE2  sing N N 232 
MET CE  HE3  sing N N 233 
MET OXT HXT  sing N N 234 
PHE N   CA   sing N N 235 
PHE N   H    sing N N 236 
PHE N   H2   sing N N 237 
PHE CA  C    sing N N 238 
PHE CA  CB   sing N N 239 
PHE CA  HA   sing N N 240 
PHE C   O    doub N N 241 
PHE C   OXT  sing N N 242 
PHE CB  CG   sing N N 243 
PHE CB  HB2  sing N N 244 
PHE CB  HB3  sing N N 245 
PHE CG  CD1  doub Y N 246 
PHE CG  CD2  sing Y N 247 
PHE CD1 CE1  sing Y N 248 
PHE CD1 HD1  sing N N 249 
PHE CD2 CE2  doub Y N 250 
PHE CD2 HD2  sing N N 251 
PHE CE1 CZ   doub Y N 252 
PHE CE1 HE1  sing N N 253 
PHE CE2 CZ   sing Y N 254 
PHE CE2 HE2  sing N N 255 
PHE CZ  HZ   sing N N 256 
PHE OXT HXT  sing N N 257 
PRO N   CA   sing N N 258 
PRO N   CD   sing N N 259 
PRO N   H    sing N N 260 
PRO CA  C    sing N N 261 
PRO CA  CB   sing N N 262 
PRO CA  HA   sing N N 263 
PRO C   O    doub N N 264 
PRO C   OXT  sing N N 265 
PRO CB  CG   sing N N 266 
PRO CB  HB2  sing N N 267 
PRO CB  HB3  sing N N 268 
PRO CG  CD   sing N N 269 
PRO CG  HG2  sing N N 270 
PRO CG  HG3  sing N N 271 
PRO CD  HD2  sing N N 272 
PRO CD  HD3  sing N N 273 
PRO OXT HXT  sing N N 274 
SER N   CA   sing N N 275 
SER N   H    sing N N 276 
SER N   H2   sing N N 277 
SER CA  C    sing N N 278 
SER CA  CB   sing N N 279 
SER CA  HA   sing N N 280 
SER C   O    doub N N 281 
SER C   OXT  sing N N 282 
SER CB  OG   sing N N 283 
SER CB  HB2  sing N N 284 
SER CB  HB3  sing N N 285 
SER OG  HG   sing N N 286 
SER OXT HXT  sing N N 287 
THR N   CA   sing N N 288 
THR N   H    sing N N 289 
THR N   H2   sing N N 290 
THR CA  C    sing N N 291 
THR CA  CB   sing N N 292 
THR CA  HA   sing N N 293 
THR C   O    doub N N 294 
THR C   OXT  sing N N 295 
THR CB  OG1  sing N N 296 
THR CB  CG2  sing N N 297 
THR CB  HB   sing N N 298 
THR OG1 HG1  sing N N 299 
THR CG2 HG21 sing N N 300 
THR CG2 HG22 sing N N 301 
THR CG2 HG23 sing N N 302 
THR OXT HXT  sing N N 303 
TRP N   CA   sing N N 304 
TRP N   H    sing N N 305 
TRP N   H2   sing N N 306 
TRP CA  C    sing N N 307 
TRP CA  CB   sing N N 308 
TRP CA  HA   sing N N 309 
TRP C   O    doub N N 310 
TRP C   OXT  sing N N 311 
TRP CB  CG   sing N N 312 
TRP CB  HB2  sing N N 313 
TRP CB  HB3  sing N N 314 
TRP CG  CD1  doub Y N 315 
TRP CG  CD2  sing Y N 316 
TRP CD1 NE1  sing Y N 317 
TRP CD1 HD1  sing N N 318 
TRP CD2 CE2  doub Y N 319 
TRP CD2 CE3  sing Y N 320 
TRP NE1 CE2  sing Y N 321 
TRP NE1 HE1  sing N N 322 
TRP CE2 CZ2  sing Y N 323 
TRP CE3 CZ3  doub Y N 324 
TRP CE3 HE3  sing N N 325 
TRP CZ2 CH2  doub Y N 326 
TRP CZ2 HZ2  sing N N 327 
TRP CZ3 CH2  sing Y N 328 
TRP CZ3 HZ3  sing N N 329 
TRP CH2 HH2  sing N N 330 
TRP OXT HXT  sing N N 331 
TYR N   CA   sing N N 332 
TYR N   H    sing N N 333 
TYR N   H2   sing N N 334 
TYR CA  C    sing N N 335 
TYR CA  CB   sing N N 336 
TYR CA  HA   sing N N 337 
TYR C   O    doub N N 338 
TYR C   OXT  sing N N 339 
TYR CB  CG   sing N N 340 
TYR CB  HB2  sing N N 341 
TYR CB  HB3  sing N N 342 
TYR CG  CD1  doub Y N 343 
TYR CG  CD2  sing Y N 344 
TYR CD1 CE1  sing Y N 345 
TYR CD1 HD1  sing N N 346 
TYR CD2 CE2  doub Y N 347 
TYR CD2 HD2  sing N N 348 
TYR CE1 CZ   doub Y N 349 
TYR CE1 HE1  sing N N 350 
TYR CE2 CZ   sing Y N 351 
TYR CE2 HE2  sing N N 352 
TYR CZ  OH   sing N N 353 
TYR OH  HH   sing N N 354 
TYR OXT HXT  sing N N 355 
VAL N   CA   sing N N 356 
VAL N   H    sing N N 357 
VAL N   H2   sing N N 358 
VAL CA  C    sing N N 359 
VAL CA  CB   sing N N 360 
VAL CA  HA   sing N N 361 
VAL C   O    doub N N 362 
VAL C   OXT  sing N N 363 
VAL CB  CG1  sing N N 364 
VAL CB  CG2  sing N N 365 
VAL CB  HB   sing N N 366 
VAL CG1 HG11 sing N N 367 
VAL CG1 HG12 sing N N 368 
VAL CG1 HG13 sing N N 369 
VAL CG2 HG21 sing N N 370 
VAL CG2 HG22 sing N N 371 
VAL CG2 HG23 sing N N 372 
VAL OXT HXT  sing N N 373 
# 
_atom_sites.entry_id                    2EQL 
_atom_sites.fract_transf_matrix[1][1]   0.00883967 
_atom_sites.fract_transf_matrix[1][2]   0.00468268 
_atom_sites.fract_transf_matrix[1][3]   0.01554320 
_atom_sites.fract_transf_matrix[2][1]   0.01322318 
_atom_sites.fract_transf_matrix[2][2]   0.00643083 
_atom_sites.fract_transf_matrix[2][3]   -0.00945765 
_atom_sites.fract_transf_matrix[3][1]   -0.01153387 
_atom_sites.fract_transf_matrix[3][2]   0.02311949 
_atom_sites.fract_transf_matrix[3][3]   -0.00040568 
_atom_sites.fract_transf_vector[1]      0.506091 
_atom_sites.fract_transf_vector[2]      -0.050976 
_atom_sites.fract_transf_vector[3]      0.523407 
# 
loop_
_atom_type.symbol 
C 
N 
O 
S 
# 
loop_
_atom_site.group_PDB 
_atom_site.id 
_atom_site.type_symbol 
_atom_site.label_atom_id 
_atom_site.label_alt_id 
_atom_site.label_comp_id 
_atom_site.label_asym_id 
_atom_site.label_entity_id 
_atom_site.label_seq_id 
_atom_site.pdbx_PDB_ins_code 
_atom_site.Cartn_x 
_atom_site.Cartn_y 
_atom_site.Cartn_z 
_atom_site.occupancy 
_atom_site.B_iso_or_equiv 
_atom_site.pdbx_formal_charge 
_atom_site.auth_seq_id 
_atom_site.auth_comp_id 
_atom_site.auth_asym_id 
_atom_site.auth_atom_id 
_atom_site.pdbx_PDB_model_num 
ATOM 1    N N   . LYS A 1 1   ? 13.647  -0.725  -2.943  1.00 6.56  ? 1   LYS A N   1 
ATOM 2    C CA  . LYS A 1 1   ? 13.954  -2.122  -3.170  1.00 11.81 ? 1   LYS A CA  1 
ATOM 3    C C   . LYS A 1 1   ? 12.749  -2.851  -3.759  1.00 12.61 ? 1   LYS A C   1 
ATOM 4    O O   . LYS A 1 1   ? 11.718  -2.185  -3.852  1.00 17.68 ? 1   LYS A O   1 
ATOM 5    C CB  . LYS A 1 1   ? 14.296  -2.810  -1.893  1.00 12.55 ? 1   LYS A CB  1 
ATOM 6    C CG  . LYS A 1 1   ? 13.121  -3.097  -1.015  1.00 11.13 ? 1   LYS A CG  1 
ATOM 7    C CD  . LYS A 1 1   ? 13.764  -3.865  0.084   1.00 15.41 ? 1   LYS A CD  1 
ATOM 8    C CE  . LYS A 1 1   ? 13.223  -5.260  0.257   1.00 16.82 ? 1   LYS A CE  1 
ATOM 9    N NZ  . LYS A 1 1   ? 13.544  -6.085  -0.887  1.00 20.86 ? 1   LYS A NZ  1 
ATOM 10   N N   . VAL A 1 2   ? 12.792  -4.128  -4.137  1.00 10.46 ? 2   VAL A N   1 
ATOM 11   C CA  . VAL A 1 2   ? 11.654  -4.885  -4.644  1.00 11.92 ? 2   VAL A CA  1 
ATOM 12   C C   . VAL A 1 2   ? 11.539  -6.079  -3.708  1.00 12.41 ? 2   VAL A C   1 
ATOM 13   O O   . VAL A 1 2   ? 12.575  -6.677  -3.397  1.00 13.58 ? 2   VAL A O   1 
ATOM 14   C CB  . VAL A 1 2   ? 11.847  -5.478  -6.068  1.00 12.16 ? 2   VAL A CB  1 
ATOM 15   C CG1 . VAL A 1 2   ? 10.531  -6.157  -6.537  1.00 14.16 ? 2   VAL A CG1 1 
ATOM 16   C CG2 . VAL A 1 2   ? 12.228  -4.411  -7.022  1.00 9.77  ? 2   VAL A CG2 1 
ATOM 17   N N   . PHE A 1 3   ? 10.347  -6.414  -3.210  1.00 12.29 ? 3   PHE A N   1 
ATOM 18   C CA  . PHE A 1 3   ? 10.173  -7.602  -2.394  1.00 10.73 ? 3   PHE A CA  1 
ATOM 19   C C   . PHE A 1 3   ? 9.786   -8.743  -3.292  1.00 12.39 ? 3   PHE A C   1 
ATOM 20   O O   . PHE A 1 3   ? 9.269   -8.520  -4.398  1.00 16.33 ? 3   PHE A O   1 
ATOM 21   C CB  . PHE A 1 3   ? 9.061   -7.457  -1.424  1.00 6.28  ? 3   PHE A CB  1 
ATOM 22   C CG  . PHE A 1 3   ? 9.298   -6.386  -0.389  1.00 10.51 ? 3   PHE A CG  1 
ATOM 23   C CD1 . PHE A 1 3   ? 8.978   -5.062  -0.685  1.00 8.32  ? 3   PHE A CD1 1 
ATOM 24   C CD2 . PHE A 1 3   ? 9.834   -6.758  0.836   1.00 11.43 ? 3   PHE A CD2 1 
ATOM 25   C CE1 . PHE A 1 3   ? 9.195   -4.090  0.235   1.00 6.93  ? 3   PHE A CE1 1 
ATOM 26   C CE2 . PHE A 1 3   ? 10.053  -5.767  1.762   1.00 14.25 ? 3   PHE A CE2 1 
ATOM 27   C CZ  . PHE A 1 3   ? 9.731   -4.440  1.450   1.00 11.13 ? 3   PHE A CZ  1 
ATOM 28   N N   . SER A 1 4   ? 10.080  -9.976  -2.883  1.00 11.48 ? 4   SER A N   1 
ATOM 29   C CA  . SER A 1 4   ? 9.445   -11.052 -3.584  1.00 11.29 ? 4   SER A CA  1 
ATOM 30   C C   . SER A 1 4   ? 8.086   -11.099 -2.875  1.00 10.86 ? 4   SER A C   1 
ATOM 31   O O   . SER A 1 4   ? 7.893   -10.517 -1.814  1.00 10.34 ? 4   SER A O   1 
ATOM 32   C CB  . SER A 1 4   ? 10.215  -12.347 -3.397  1.00 13.59 ? 4   SER A CB  1 
ATOM 33   O OG  . SER A 1 4   ? 10.002  -13.019 -2.142  1.00 20.10 ? 4   SER A OG  1 
ATOM 34   N N   . LYS A 1 5   ? 7.156   -11.892 -3.382  1.00 11.58 ? 5   LYS A N   1 
ATOM 35   C CA  . LYS A 1 5   ? 5.829   -12.034 -2.825  1.00 12.66 ? 5   LYS A CA  1 
ATOM 36   C C   . LYS A 1 5   ? 5.792   -12.447 -1.333  1.00 14.01 ? 5   LYS A C   1 
ATOM 37   O O   . LYS A 1 5   ? 5.223   -11.856 -0.404  1.00 12.66 ? 5   LYS A O   1 
ATOM 38   C CB  . LYS A 1 5   ? 5.191   -13.039 -3.757  1.00 10.51 ? 5   LYS A CB  1 
ATOM 39   C CG  . LYS A 1 5   ? 3.766   -13.365 -3.447  1.00 11.95 ? 5   LYS A CG  1 
ATOM 40   C CD  . LYS A 1 5   ? 3.707   -14.840 -3.727  1.00 12.41 ? 5   LYS A CD  1 
ATOM 41   C CE  . LYS A 1 5   ? 2.314   -15.329 -3.986  1.00 8.17  ? 5   LYS A CE  1 
ATOM 42   N NZ  . LYS A 1 5   ? 1.768   -14.799 -5.209  1.00 6.93  ? 5   LYS A NZ  1 
ATOM 43   N N   . CYS A 1 6   ? 6.504   -13.553 -1.146  1.00 14.18 ? 6   CYS A N   1 
ATOM 44   C CA  . CYS A 1 6   ? 6.607   -14.187 0.125   1.00 12.89 ? 6   CYS A CA  1 
ATOM 45   C C   . CYS A 1 6   ? 7.421   -13.330 1.054   1.00 13.25 ? 6   CYS A C   1 
ATOM 46   O O   . CYS A 1 6   ? 7.031   -13.229 2.211   1.00 14.15 ? 6   CYS A O   1 
ATOM 47   C CB  . CYS A 1 6   ? 7.212   -15.533 -0.097  1.00 10.76 ? 6   CYS A CB  1 
ATOM 48   S SG  . CYS A 1 6   ? 6.307   -16.532 -1.330  1.00 19.91 ? 6   CYS A SG  1 
ATOM 49   N N   . GLU A 1 7   ? 8.464   -12.641 0.570   1.00 11.58 ? 7   GLU A N   1 
ATOM 50   C CA  . GLU A 1 7   ? 9.325   -11.741 1.370   1.00 12.21 ? 7   GLU A CA  1 
ATOM 51   C C   . GLU A 1 7   ? 8.520   -10.741 2.175   1.00 11.09 ? 7   GLU A C   1 
ATOM 52   O O   . GLU A 1 7   ? 8.742   -10.439 3.344   1.00 12.19 ? 7   GLU A O   1 
ATOM 53   C CB  . GLU A 1 7   ? 10.237  -10.838 0.529   1.00 15.13 ? 7   GLU A CB  1 
ATOM 54   C CG  . GLU A 1 7   ? 11.635  -11.172 0.093   1.00 15.62 ? 7   GLU A CG  1 
ATOM 55   C CD  . GLU A 1 7   ? 12.431  -9.917  0.318   1.00 13.25 ? 7   GLU A CD  1 
ATOM 56   O OE1 . GLU A 1 7   ? 12.761  -9.654  1.463   1.00 14.98 ? 7   GLU A OE1 1 
ATOM 57   O OE2 . GLU A 1 7   ? 12.662  -9.167  -0.612  1.00 14.05 ? 7   GLU A OE2 1 
ATOM 58   N N   . LEU A 1 8   ? 7.637   -10.160 1.391   1.00 7.13  ? 8   LEU A N   1 
ATOM 59   C CA  . LEU A 1 8   ? 6.697   -9.163  1.817   1.00 10.48 ? 8   LEU A CA  1 
ATOM 60   C C   . LEU A 1 8   ? 5.565   -9.690  2.715   1.00 8.65  ? 8   LEU A C   1 
ATOM 61   O O   . LEU A 1 8   ? 5.170   -8.971  3.668   1.00 6.00  ? 8   LEU A O   1 
ATOM 62   C CB  . LEU A 1 8   ? 6.253   -8.594  0.522   1.00 10.51 ? 8   LEU A CB  1 
ATOM 63   C CG  . LEU A 1 8   ? 5.031   -7.885  0.302   1.00 9.55  ? 8   LEU A CG  1 
ATOM 64   C CD1 . LEU A 1 8   ? 5.135   -6.413  0.358   1.00 11.76 ? 8   LEU A CD1 1 
ATOM 65   C CD2 . LEU A 1 8   ? 4.726   -8.259  -1.080  1.00 12.64 ? 8   LEU A CD2 1 
ATOM 66   N N   . ALA A 1 9   ? 5.066   -10.901 2.401   1.00 2.03  ? 9   ALA A N   1 
ATOM 67   C CA  . ALA A 1 9   ? 4.172   -11.594 3.311   1.00 4.94  ? 9   ALA A CA  1 
ATOM 68   C C   . ALA A 1 9   ? 4.862   -11.827 4.695   1.00 6.73  ? 9   ALA A C   1 
ATOM 69   O O   . ALA A 1 9   ? 4.294   -11.474 5.730   1.00 11.01 ? 9   ALA A O   1 
ATOM 70   C CB  . ALA A 1 9   ? 3.762   -12.920 2.642   1.00 4.34  ? 9   ALA A CB  1 
ATOM 71   N N   . HIS A 1 10  ? 6.098   -12.315 4.817   1.00 10.64 ? 10  HIS A N   1 
ATOM 72   C CA  . HIS A 1 10  ? 6.899   -12.389 6.028   1.00 12.34 ? 10  HIS A CA  1 
ATOM 73   C C   . HIS A 1 10  ? 6.799   -11.039 6.717   1.00 10.88 ? 10  HIS A C   1 
ATOM 74   O O   . HIS A 1 10  ? 6.230   -10.967 7.819   1.00 11.81 ? 10  HIS A O   1 
ATOM 75   C CB  . HIS A 1 10  ? 8.375   -12.660 5.660   1.00 19.07 ? 10  HIS A CB  1 
ATOM 76   C CG  . HIS A 1 10  ? 9.119   -13.732 6.483   1.00 28.54 ? 10  HIS A CG  1 
ATOM 77   N ND1 . HIS A 1 10  ? 8.605   -14.647 7.303   1.00 30.26 ? 10  HIS A ND1 1 
ATOM 78   C CD2 . HIS A 1 10  ? 10.491  -13.999 6.484   1.00 31.90 ? 10  HIS A CD2 1 
ATOM 79   C CE1 . HIS A 1 10  ? 9.558   -15.424 7.789   1.00 30.78 ? 10  HIS A CE1 1 
ATOM 80   N NE2 . HIS A 1 10  ? 10.714  -15.035 7.288   1.00 30.23 ? 10  HIS A NE2 1 
ATOM 81   N N   . LYS A 1 11  ? 7.243   -9.961  6.028   1.00 8.98  ? 11  LYS A N   1 
ATOM 82   C CA  . LYS A 1 11  ? 7.289   -8.601  6.581   1.00 10.27 ? 11  LYS A CA  1 
ATOM 83   C C   . LYS A 1 11  ? 5.969   -7.943  7.001   1.00 10.02 ? 11  LYS A C   1 
ATOM 84   O O   . LYS A 1 11  ? 5.880   -7.197  7.988   1.00 9.87  ? 11  LYS A O   1 
ATOM 85   C CB  . LYS A 1 11  ? 7.988   -7.675  5.577   1.00 12.98 ? 11  LYS A CB  1 
ATOM 86   C CG  . LYS A 1 11  ? 9.302   -7.024  6.076   1.00 17.46 ? 11  LYS A CG  1 
ATOM 87   C CD  . LYS A 1 11  ? 10.487  -8.022  6.392   1.00 22.02 ? 11  LYS A CD  1 
ATOM 88   C CE  . LYS A 1 11  ? 11.001  -8.912  5.209   1.00 23.11 ? 11  LYS A CE  1 
ATOM 89   N NZ  . LYS A 1 11  ? 11.667  -10.133 5.651   1.00 20.52 ? 11  LYS A NZ  1 
ATOM 90   N N   . LEU A 1 12  ? 4.880   -8.211  6.311   1.00 10.89 ? 12  LEU A N   1 
ATOM 91   C CA  . LEU A 1 12  ? 3.650   -7.577  6.685   1.00 9.19  ? 12  LEU A CA  1 
ATOM 92   C C   . LEU A 1 12  ? 3.062   -8.399  7.799   1.00 9.46  ? 12  LEU A C   1 
ATOM 93   O O   . LEU A 1 12  ? 2.492   -7.816  8.740   1.00 12.63 ? 12  LEU A O   1 
ATOM 94   C CB  . LEU A 1 12  ? 2.784   -7.506  5.447   1.00 8.20  ? 12  LEU A CB  1 
ATOM 95   C CG  . LEU A 1 12  ? 2.565   -6.075  4.926   1.00 8.16  ? 12  LEU A CG  1 
ATOM 96   C CD1 . LEU A 1 12  ? 3.888   -5.399  4.637   1.00 7.33  ? 12  LEU A CD1 1 
ATOM 97   C CD2 . LEU A 1 12  ? 1.674   -6.125  3.665   1.00 9.82  ? 12  LEU A CD2 1 
ATOM 98   N N   . LYS A 1 13  ? 3.244   -9.721  7.791   1.00 9.89  ? 13  LYS A N   1 
ATOM 99   C CA  . LYS A 1 13  ? 2.623   -10.564 8.802   1.00 11.97 ? 13  LYS A CA  1 
ATOM 100  C C   . LYS A 1 13  ? 3.200   -10.178 10.148  1.00 15.47 ? 13  LYS A C   1 
ATOM 101  O O   . LYS A 1 13  ? 2.444   -9.977  11.117  1.00 18.07 ? 13  LYS A O   1 
ATOM 102  C CB  . LYS A 1 13  ? 2.890   -12.037 8.528   1.00 12.75 ? 13  LYS A CB  1 
ATOM 103  C CG  . LYS A 1 13  ? 2.421   -12.922 9.687   1.00 14.57 ? 13  LYS A CG  1 
ATOM 104  C CD  . LYS A 1 13  ? 2.507   -14.403 9.341   1.00 15.27 ? 13  LYS A CD  1 
ATOM 105  C CE  . LYS A 1 13  ? 1.731   -15.243 10.331  1.00 14.52 ? 13  LYS A CE  1 
ATOM 106  N NZ  . LYS A 1 13  ? 0.331   -14.903 10.226  1.00 16.65 ? 13  LYS A NZ  1 
ATOM 107  N N   . ALA A 1 14  ? 4.538   -9.994  10.072  1.00 16.70 ? 14  ALA A N   1 
ATOM 108  C CA  . ALA A 1 14  ? 5.443   -9.515  11.127  1.00 14.87 ? 14  ALA A CA  1 
ATOM 109  C C   . ALA A 1 14  ? 4.947   -8.359  11.986  1.00 12.51 ? 14  ALA A C   1 
ATOM 110  O O   . ALA A 1 14  ? 5.346   -8.171  13.130  1.00 9.11  ? 14  ALA A O   1 
ATOM 111  C CB  . ALA A 1 14  ? 6.790   -9.027  10.516  1.00 14.24 ? 14  ALA A CB  1 
ATOM 112  N N   . GLN A 1 15  ? 4.223   -7.514  11.257  1.00 13.85 ? 15  GLN A N   1 
ATOM 113  C CA  . GLN A 1 15  ? 3.607   -6.288  11.732  1.00 15.35 ? 15  GLN A CA  1 
ATOM 114  C C   . GLN A 1 15  ? 2.081   -6.252  12.046  1.00 14.91 ? 15  GLN A C   1 
ATOM 115  O O   . GLN A 1 15  ? 1.535   -5.189  12.352  1.00 16.39 ? 15  GLN A O   1 
ATOM 116  C CB  . GLN A 1 15  ? 4.067   -5.255  10.662  1.00 11.72 ? 15  GLN A CB  1 
ATOM 117  C CG  . GLN A 1 15  ? 5.269   -4.673  11.333  1.00 7.35  ? 15  GLN A CG  1 
ATOM 118  C CD  . GLN A 1 15  ? 5.994   -3.555  10.672  1.00 6.32  ? 15  GLN A CD  1 
ATOM 119  O OE1 . GLN A 1 15  ? 5.566   -2.416  10.657  1.00 6.62  ? 15  GLN A OE1 1 
ATOM 120  N NE2 . GLN A 1 15  ? 7.173   -3.887  10.168  1.00 6.30  ? 15  GLN A NE2 1 
ATOM 121  N N   . GLU A 1 16  ? 1.404   -7.404  12.071  1.00 14.78 ? 16  GLU A N   1 
ATOM 122  C CA  . GLU A 1 16  ? -0.041  -7.662  12.184  1.00 14.77 ? 16  GLU A CA  1 
ATOM 123  C C   . GLU A 1 16  ? -1.018  -7.162  11.115  1.00 14.76 ? 16  GLU A C   1 
ATOM 124  O O   . GLU A 1 16  ? -2.228  -6.986  11.330  1.00 13.00 ? 16  GLU A O   1 
ATOM 125  C CB  . GLU A 1 16  ? -0.634  -7.229  13.592  1.00 15.43 ? 16  GLU A CB  1 
ATOM 126  C CG  . GLU A 1 16  ? -0.397  -5.994  14.484  1.00 20.43 ? 16  GLU A CG  1 
ATOM 127  C CD  . GLU A 1 16  ? -1.412  -4.815  14.528  1.00 20.56 ? 16  GLU A CD  1 
ATOM 128  O OE1 . GLU A 1 16  ? -2.624  -5.018  14.400  1.00 19.73 ? 16  GLU A OE1 1 
ATOM 129  O OE2 . GLU A 1 16  ? -0.969  -3.672  14.711  1.00 19.35 ? 16  GLU A OE2 1 
ATOM 130  N N   . MET A 1 17  ? -0.525  -7.065  9.869   1.00 12.79 ? 17  MET A N   1 
ATOM 131  C CA  . MET A 1 17  ? -1.418  -6.784  8.764   1.00 13.54 ? 17  MET A CA  1 
ATOM 132  C C   . MET A 1 17  ? -2.298  -7.995  8.373   1.00 14.70 ? 17  MET A C   1 
ATOM 133  O O   . MET A 1 17  ? -3.394  -7.929  7.804   1.00 14.02 ? 17  MET A O   1 
ATOM 134  C CB  . MET A 1 17  ? -0.611  -6.332  7.583   1.00 13.78 ? 17  MET A CB  1 
ATOM 135  C CG  . MET A 1 17  ? -0.184  -4.892  7.817   1.00 15.14 ? 17  MET A CG  1 
ATOM 136  S SD  . MET A 1 17  ? -1.530  -3.700  7.646   1.00 17.11 ? 17  MET A SD  1 
ATOM 137  C CE  . MET A 1 17  ? -0.358  -2.462  7.221   1.00 19.00 ? 17  MET A CE  1 
ATOM 138  N N   . ASP A 1 18  ? -1.816  -9.157  8.750   1.00 14.71 ? 18  ASP A N   1 
ATOM 139  C CA  . ASP A 1 18  ? -2.498  -10.421 8.614   1.00 12.89 ? 18  ASP A CA  1 
ATOM 140  C C   . ASP A 1 18  ? -3.985  -10.435 8.910   1.00 11.37 ? 18  ASP A C   1 
ATOM 141  O O   . ASP A 1 18  ? -4.616  -11.081 8.082   1.00 16.74 ? 18  ASP A O   1 
ATOM 142  C CB  . ASP A 1 18  ? -1.789  -11.409 9.502   1.00 14.57 ? 18  ASP A CB  1 
ATOM 143  C CG  . ASP A 1 18  ? -2.421  -12.770 9.499   1.00 16.30 ? 18  ASP A CG  1 
ATOM 144  O OD1 . ASP A 1 18  ? -2.835  -13.239 8.400   1.00 12.17 ? 18  ASP A OD1 1 
ATOM 145  O OD2 . ASP A 1 18  ? -2.478  -13.291 10.637  1.00 17.28 ? 18  ASP A OD2 1 
ATOM 146  N N   . GLY A 1 19  ? -4.628  -9.958  9.962   1.00 4.11  ? 19  GLY A N   1 
ATOM 147  C CA  . GLY A 1 19  ? -6.079  -9.894  9.801   1.00 8.43  ? 19  GLY A CA  1 
ATOM 148  C C   . GLY A 1 19  ? -6.675  -8.510  9.509   1.00 11.31 ? 19  GLY A C   1 
ATOM 149  O O   . GLY A 1 19  ? -7.906  -8.399  9.368   1.00 11.78 ? 19  GLY A O   1 
ATOM 150  N N   . PHE A 1 20  ? -5.789  -7.491  9.380   1.00 10.02 ? 20  PHE A N   1 
ATOM 151  C CA  . PHE A 1 20  ? -6.050  -6.070  9.422   1.00 8.19  ? 20  PHE A CA  1 
ATOM 152  C C   . PHE A 1 20  ? -7.087  -5.491  8.508   1.00 9.19  ? 20  PHE A C   1 
ATOM 153  O O   . PHE A 1 20  ? -7.213  -5.861  7.347   1.00 11.59 ? 20  PHE A O   1 
ATOM 154  C CB  . PHE A 1 20  ? -4.786  -5.308  9.178   1.00 5.54  ? 20  PHE A CB  1 
ATOM 155  C CG  . PHE A 1 20  ? -4.806  -4.030  9.973   1.00 2.34  ? 20  PHE A CG  1 
ATOM 156  C CD1 . PHE A 1 20  ? -4.351  -4.066  11.246  1.00 3.08  ? 20  PHE A CD1 1 
ATOM 157  C CD2 . PHE A 1 20  ? -5.325  -2.880  9.433   1.00 6.27  ? 20  PHE A CD2 1 
ATOM 158  C CE1 . PHE A 1 20  ? -4.427  -2.940  11.976  1.00 6.12  ? 20  PHE A CE1 1 
ATOM 159  C CE2 . PHE A 1 20  ? -5.422  -1.736  10.174  1.00 4.37  ? 20  PHE A CE2 1 
ATOM 160  C CZ  . PHE A 1 20  ? -4.960  -1.781  11.449  1.00 8.01  ? 20  PHE A CZ  1 
ATOM 161  N N   . GLY A 1 21  ? -7.833  -4.569  9.125   1.00 9.30  ? 21  GLY A N   1 
ATOM 162  C CA  . GLY A 1 21  ? -8.995  -3.900  8.510   1.00 11.25 ? 21  GLY A CA  1 
ATOM 163  C C   . GLY A 1 21  ? -10.123 -4.885  8.179   1.00 12.13 ? 21  GLY A C   1 
ATOM 164  O O   . GLY A 1 21  ? -11.045 -4.547  7.433   1.00 16.26 ? 21  GLY A O   1 
ATOM 165  N N   . GLY A 1 22  ? -10.090 -6.081  8.799   1.00 9.30  ? 22  GLY A N   1 
ATOM 166  C CA  . GLY A 1 22  ? -10.950 -7.177  8.489   1.00 8.55  ? 22  GLY A CA  1 
ATOM 167  C C   . GLY A 1 22  ? -10.569 -7.806  7.152   1.00 10.23 ? 22  GLY A C   1 
ATOM 168  O O   . GLY A 1 22  ? -11.468 -8.405  6.558   1.00 13.73 ? 22  GLY A O   1 
ATOM 169  N N   . TYR A 1 23  ? -9.303  -7.682  6.686   1.00 11.08 ? 23  TYR A N   1 
ATOM 170  C CA  . TYR A 1 23  ? -8.741  -8.136  5.396   1.00 8.83  ? 23  TYR A CA  1 
ATOM 171  C C   . TYR A 1 23  ? -7.594  -9.060  5.752   1.00 9.21  ? 23  TYR A C   1 
ATOM 172  O O   . TYR A 1 23  ? -6.903  -8.859  6.752   1.00 13.37 ? 23  TYR A O   1 
ATOM 173  C CB  . TYR A 1 23  ? -8.132  -6.979  4.531   1.00 5.60  ? 23  TYR A CB  1 
ATOM 174  C CG  . TYR A 1 23  ? -9.178  -6.002  4.057   1.00 4.14  ? 23  TYR A CG  1 
ATOM 175  C CD1 . TYR A 1 23  ? -9.988  -6.376  3.006   1.00 6.28  ? 23  TYR A CD1 1 
ATOM 176  C CD2 . TYR A 1 23  ? -9.407  -4.821  4.715   1.00 5.24  ? 23  TYR A CD2 1 
ATOM 177  C CE1 . TYR A 1 23  ? -11.039 -5.593  2.588   1.00 2.03  ? 23  TYR A CE1 1 
ATOM 178  C CE2 . TYR A 1 23  ? -10.451 -4.027  4.310   1.00 3.19  ? 23  TYR A CE2 1 
ATOM 179  C CZ  . TYR A 1 23  ? -11.258 -4.425  3.253   1.00 4.97  ? 23  TYR A CZ  1 
ATOM 180  O OH  . TYR A 1 23  ? -12.308 -3.636  2.801   1.00 6.26  ? 23  TYR A OH  1 
ATOM 181  N N   . SER A 1 24  ? -7.366  -10.092 4.969   1.00 9.04  ? 24  SER A N   1 
ATOM 182  C CA  . SER A 1 24  ? -6.325  -11.047 5.277   1.00 8.32  ? 24  SER A CA  1 
ATOM 183  C C   . SER A 1 24  ? -4.991  -10.635 4.675   1.00 6.22  ? 24  SER A C   1 
ATOM 184  O O   . SER A 1 24  ? -5.004  -9.778  3.789   1.00 10.41 ? 24  SER A O   1 
ATOM 185  C CB  . SER A 1 24  ? -6.811  -12.420 4.754   1.00 8.48  ? 24  SER A CB  1 
ATOM 186  O OG  . SER A 1 24  ? -7.519  -12.351 3.508   1.00 9.89  ? 24  SER A OG  1 
ATOM 187  N N   . LEU A 1 25  ? -3.873  -11.307 5.018   1.00 3.55  ? 25  LEU A N   1 
ATOM 188  C CA  . LEU A 1 25  ? -2.537  -11.026 4.515   1.00 4.84  ? 25  LEU A CA  1 
ATOM 189  C C   . LEU A 1 25  ? -2.572  -11.007 3.002   1.00 7.57  ? 25  LEU A C   1 
ATOM 190  O O   . LEU A 1 25  ? -2.097  -10.046 2.423   1.00 12.56 ? 25  LEU A O   1 
ATOM 191  C CB  . LEU A 1 25  ? -1.552  -12.107 4.894   1.00 4.70  ? 25  LEU A CB  1 
ATOM 192  C CG  . LEU A 1 25  ? -0.291  -11.824 5.666   1.00 5.84  ? 25  LEU A CG  1 
ATOM 193  C CD1 . LEU A 1 25  ? 0.613   -13.048 5.605   1.00 2.01  ? 25  LEU A CD1 1 
ATOM 194  C CD2 . LEU A 1 25  ? 0.341   -10.540 5.130   1.00 3.87  ? 25  LEU A CD2 1 
ATOM 195  N N   . ALA A 1 26  ? -3.181  -12.061 2.389   1.00 7.08  ? 26  ALA A N   1 
ATOM 196  C CA  . ALA A 1 26  ? -3.353  -12.258 0.953   1.00 5.54  ? 26  ALA A CA  1 
ATOM 197  C C   . ALA A 1 26  ? -3.882  -11.045 0.280   1.00 4.30  ? 26  ALA A C   1 
ATOM 198  O O   . ALA A 1 26  ? -3.410  -10.690 -0.775  1.00 4.61  ? 26  ALA A O   1 
ATOM 199  C CB  . ALA A 1 26  ? -4.342  -13.350 0.607   1.00 2.26  ? 26  ALA A CB  1 
ATOM 200  N N   . ASN A 1 27  ? -4.818  -10.355 0.906   1.00 8.92  ? 27  ASN A N   1 
ATOM 201  C CA  . ASN A 1 27  ? -5.419  -9.152  0.369   1.00 7.66  ? 27  ASN A CA  1 
ATOM 202  C C   . ASN A 1 27  ? -4.443  -8.021  0.196   1.00 8.20  ? 27  ASN A C   1 
ATOM 203  O O   . ASN A 1 27  ? -4.250  -7.497  -0.906  1.00 10.61 ? 27  ASN A O   1 
ATOM 204  C CB  . ASN A 1 27  ? -6.523  -8.777  1.287   1.00 6.50  ? 27  ASN A CB  1 
ATOM 205  C CG  . ASN A 1 27  ? -7.770  -9.299  0.637   1.00 8.85  ? 27  ASN A CG  1 
ATOM 206  O OD1 . ASN A 1 27  ? -8.240  -8.739  -0.345  1.00 11.47 ? 27  ASN A OD1 1 
ATOM 207  N ND2 . ASN A 1 27  ? -8.338  -10.411 1.074   1.00 7.60  ? 27  ASN A ND2 1 
ATOM 208  N N   . TRP A 1 28  ? -3.781  -7.744  1.319   1.00 7.62  ? 28  TRP A N   1 
ATOM 209  C CA  . TRP A 1 28  ? -2.743  -6.737  1.485   1.00 5.61  ? 28  TRP A CA  1 
ATOM 210  C C   . TRP A 1 28  ? -1.608  -6.979  0.496   1.00 6.35  ? 28  TRP A C   1 
ATOM 211  O O   . TRP A 1 28  ? -1.221  -6.069  -0.222  1.00 2.59  ? 28  TRP A O   1 
ATOM 212  C CB  . TRP A 1 28  ? -2.181  -6.800  2.937   1.00 6.35  ? 28  TRP A CB  1 
ATOM 213  C CG  . TRP A 1 28  ? -3.150  -6.245  3.956   1.00 5.18  ? 28  TRP A CG  1 
ATOM 214  C CD1 . TRP A 1 28  ? -3.890  -7.055  4.771   1.00 6.60  ? 28  TRP A CD1 1 
ATOM 215  C CD2 . TRP A 1 28  ? -3.433  -4.907  4.103   1.00 5.61  ? 28  TRP A CD2 1 
ATOM 216  N NE1 . TRP A 1 28  ? -4.658  -6.223  5.431   1.00 7.45  ? 28  TRP A NE1 1 
ATOM 217  C CE2 . TRP A 1 28  ? -4.420  -4.932  5.065   1.00 5.41  ? 28  TRP A CE2 1 
ATOM 218  C CE3 . TRP A 1 28  ? -2.978  -3.713  3.534   1.00 6.63  ? 28  TRP A CE3 1 
ATOM 219  C CZ2 . TRP A 1 28  ? -4.963  -3.725  5.468   1.00 5.40  ? 28  TRP A CZ2 1 
ATOM 220  C CZ3 . TRP A 1 28  ? -3.532  -2.521  3.951   1.00 5.31  ? 28  TRP A CZ3 1 
ATOM 221  C CH2 . TRP A 1 28  ? -4.519  -2.529  4.919   1.00 2.59  ? 28  TRP A CH2 1 
ATOM 222  N N   . VAL A 1 29  ? -1.073  -8.208  0.442   1.00 7.48  ? 29  VAL A N   1 
ATOM 223  C CA  . VAL A 1 29  ? -0.004  -8.587  -0.455  1.00 7.30  ? 29  VAL A CA  1 
ATOM 224  C C   . VAL A 1 29  ? -0.443  -8.425  -1.889  1.00 7.24  ? 29  VAL A C   1 
ATOM 225  O O   . VAL A 1 29  ? 0.312   -7.930  -2.730  1.00 10.77 ? 29  VAL A O   1 
ATOM 226  C CB  . VAL A 1 29  ? 0.439   -10.058 -0.241  1.00 7.01  ? 29  VAL A CB  1 
ATOM 227  C CG1 . VAL A 1 29  ? 1.608   -10.386 -1.220  1.00 7.23  ? 29  VAL A CG1 1 
ATOM 228  C CG2 . VAL A 1 29  ? 0.858   -10.272 1.216   1.00 2.65  ? 29  VAL A CG2 1 
ATOM 229  N N   . CYS A 1 30  ? -1.685  -8.742  -2.194  1.00 9.61  ? 30  CYS A N   1 
ATOM 230  C CA  . CYS A 1 30  ? -2.127  -8.721  -3.587  1.00 11.32 ? 30  CYS A CA  1 
ATOM 231  C C   . CYS A 1 30  ? -2.237  -7.288  -4.095  1.00 11.93 ? 30  CYS A C   1 
ATOM 232  O O   . CYS A 1 30  ? -1.881  -6.979  -5.246  1.00 11.72 ? 30  CYS A O   1 
ATOM 233  C CB  . CYS A 1 30  ? -3.441  -9.441  -3.644  1.00 9.29  ? 30  CYS A CB  1 
ATOM 234  S SG  . CYS A 1 30  ? -4.033  -9.484  -5.323  1.00 13.51 ? 30  CYS A SG  1 
ATOM 235  N N   . MET A 1 31  ? -2.664  -6.411  -3.159  1.00 10.87 ? 31  MET A N   1 
ATOM 236  C CA  . MET A 1 31  ? -2.768  -4.989  -3.400  1.00 11.83 ? 31  MET A CA  1 
ATOM 237  C C   . MET A 1 31  ? -1.343  -4.470  -3.733  1.00 11.38 ? 31  MET A C   1 
ATOM 238  O O   . MET A 1 31  ? -1.141  -3.874  -4.802  1.00 7.57  ? 31  MET A O   1 
ATOM 239  C CB  . MET A 1 31  ? -3.369  -4.377  -2.118  1.00 11.87 ? 31  MET A CB  1 
ATOM 240  C CG  . MET A 1 31  ? -3.501  -2.863  -2.091  1.00 12.67 ? 31  MET A CG  1 
ATOM 241  S SD  . MET A 1 31  ? -1.990  -1.965  -1.641  1.00 10.59 ? 31  MET A SD  1 
ATOM 242  C CE  . MET A 1 31  ? -2.403  -2.087  0.083   1.00 10.52 ? 31  MET A CE  1 
ATOM 243  N N   . ALA A 1 32  ? -0.331  -4.723  -2.886  1.00 8.11  ? 32  ALA A N   1 
ATOM 244  C CA  . ALA A 1 32  ? 1.044   -4.351  -3.158  1.00 6.00  ? 32  ALA A CA  1 
ATOM 245  C C   . ALA A 1 32  ? 1.499   -4.879  -4.500  1.00 6.48  ? 32  ALA A C   1 
ATOM 246  O O   . ALA A 1 32  ? 2.081   -4.038  -5.223  1.00 6.90  ? 32  ALA A O   1 
ATOM 247  C CB  . ALA A 1 32  ? 1.996   -4.899  -2.146  1.00 3.00  ? 32  ALA A CB  1 
ATOM 248  N N   . GLU A 1 33  ? 1.230   -6.106  -4.983  1.00 4.27  ? 33  GLU A N   1 
ATOM 249  C CA  . GLU A 1 33  ? 1.791   -6.359  -6.293  1.00 8.08  ? 33  GLU A CA  1 
ATOM 250  C C   . GLU A 1 33  ? 1.159   -5.534  -7.368  1.00 6.61  ? 33  GLU A C   1 
ATOM 251  O O   . GLU A 1 33  ? 1.868   -4.787  -7.997  1.00 10.38 ? 33  GLU A O   1 
ATOM 252  C CB  . GLU A 1 33  ? 1.723   -7.785  -6.748  1.00 6.44  ? 33  GLU A CB  1 
ATOM 253  C CG  . GLU A 1 33  ? 0.554   -8.677  -6.842  1.00 8.26  ? 33  GLU A CG  1 
ATOM 254  C CD  . GLU A 1 33  ? 0.953   -9.928  -7.625  1.00 10.89 ? 33  GLU A CD  1 
ATOM 255  O OE1 . GLU A 1 33  ? 1.445   -9.796  -8.748  1.00 14.57 ? 33  GLU A OE1 1 
ATOM 256  O OE2 . GLU A 1 33  ? 0.775   -11.046 -7.143  1.00 13.58 ? 33  GLU A OE2 1 
ATOM 257  N N   . TYR A 1 34  ? -0.130  -5.498  -7.512  1.00 9.45  ? 34  TYR A N   1 
ATOM 258  C CA  . TYR A 1 34  ? -0.799  -4.712  -8.525  1.00 5.48  ? 34  TYR A CA  1 
ATOM 259  C C   . TYR A 1 34  ? -0.707  -3.234  -8.301  1.00 4.88  ? 34  TYR A C   1 
ATOM 260  O O   . TYR A 1 34  ? -0.949  -2.507  -9.251  1.00 10.05 ? 34  TYR A O   1 
ATOM 261  C CB  . TYR A 1 34  ? -2.258  -5.160  -8.591  1.00 6.89  ? 34  TYR A CB  1 
ATOM 262  C CG  . TYR A 1 34  ? -2.280  -6.542  -9.203  1.00 8.78  ? 34  TYR A CG  1 
ATOM 263  C CD1 . TYR A 1 34  ? -1.916  -6.683  -10.538 1.00 8.65  ? 34  TYR A CD1 1 
ATOM 264  C CD2 . TYR A 1 34  ? -2.639  -7.631  -8.435  1.00 8.01  ? 34  TYR A CD2 1 
ATOM 265  C CE1 . TYR A 1 34  ? -1.880  -7.921  -11.114 1.00 8.86  ? 34  TYR A CE1 1 
ATOM 266  C CE2 . TYR A 1 34  ? -2.616  -8.882  -9.010  1.00 9.28  ? 34  TYR A CE2 1 
ATOM 267  C CZ  . TYR A 1 34  ? -2.237  -9.000  -10.339 1.00 11.18 ? 34  TYR A CZ  1 
ATOM 268  O OH  . TYR A 1 34  ? -2.139  -10.248 -10.905 1.00 13.23 ? 34  TYR A OH  1 
ATOM 269  N N   . GLU A 1 35  ? -0.373  -2.680  -7.131  1.00 6.91  ? 35  GLU A N   1 
ATOM 270  C CA  . GLU A 1 35  ? -0.252  -1.227  -7.025  1.00 2.74  ? 35  GLU A CA  1 
ATOM 271  C C   . GLU A 1 35  ? 1.152   -0.827  -7.409  1.00 2.69  ? 35  GLU A C   1 
ATOM 272  O O   . GLU A 1 35  ? 1.295   0.207   -8.043  1.00 5.30  ? 35  GLU A O   1 
ATOM 273  C CB  . GLU A 1 35  ? -0.432  -0.626  -5.602  1.00 2.19  ? 35  GLU A CB  1 
ATOM 274  C CG  . GLU A 1 35  ? -1.748  -0.153  -5.053  1.00 2.03  ? 35  GLU A CG  1 
ATOM 275  C CD  . GLU A 1 35  ? -2.756  0.447   -6.027  1.00 3.83  ? 35  GLU A CD  1 
ATOM 276  O OE1 . GLU A 1 35  ? -2.427  1.224   -6.949  1.00 5.38  ? 35  GLU A OE1 1 
ATOM 277  O OE2 . GLU A 1 35  ? -3.914  0.127   -5.854  1.00 3.09  ? 35  GLU A OE2 1 
ATOM 278  N N   . SER A 1 36  ? 2.178   -1.620  -7.100  1.00 2.04  ? 36  SER A N   1 
ATOM 279  C CA  . SER A 1 36  ? 3.539   -1.128  -7.149  1.00 6.56  ? 36  SER A CA  1 
ATOM 280  C C   . SER A 1 36  ? 4.605   -2.034  -7.736  1.00 9.57  ? 36  SER A C   1 
ATOM 281  O O   . SER A 1 36  ? 5.776   -1.685  -7.916  1.00 9.16  ? 36  SER A O   1 
ATOM 282  C CB  . SER A 1 36  ? 3.984   -0.781  -5.726  1.00 5.45  ? 36  SER A CB  1 
ATOM 283  O OG  . SER A 1 36  ? 4.075   -1.924  -4.851  1.00 4.77  ? 36  SER A OG  1 
ATOM 284  N N   . ASN A 1 37  ? 4.127   -3.256  -7.890  1.00 10.80 ? 37  ASN A N   1 
ATOM 285  C CA  . ASN A 1 37  ? 4.914   -4.411  -8.209  1.00 12.05 ? 37  ASN A CA  1 
ATOM 286  C C   . ASN A 1 37  ? 5.874   -4.757  -7.069  1.00 11.89 ? 37  ASN A C   1 
ATOM 287  O O   . ASN A 1 37  ? 6.980   -5.238  -7.297  1.00 11.51 ? 37  ASN A O   1 
ATOM 288  C CB  . ASN A 1 37  ? 5.626   -4.157  -9.540  1.00 12.75 ? 37  ASN A CB  1 
ATOM 289  C CG  . ASN A 1 37  ? 4.847   -4.933  -10.596 1.00 19.40 ? 37  ASN A CG  1 
ATOM 290  O OD1 . ASN A 1 37  ? 3.854   -4.467  -11.185 1.00 18.26 ? 37  ASN A OD1 1 
ATOM 291  N ND2 . ASN A 1 37  ? 5.230   -6.207  -10.800 1.00 20.66 ? 37  ASN A ND2 1 
ATOM 292  N N   . PHE A 1 38  ? 5.445   -4.560  -5.811  1.00 9.45  ? 38  PHE A N   1 
ATOM 293  C CA  . PHE A 1 38  ? 6.231   -4.880  -4.625  1.00 10.74 ? 38  PHE A CA  1 
ATOM 294  C C   . PHE A 1 38  ? 7.498   -4.017  -4.598  1.00 10.30 ? 38  PHE A C   1 
ATOM 295  O O   . PHE A 1 38  ? 8.549   -4.402  -4.082  1.00 9.44  ? 38  PHE A O   1 
ATOM 296  C CB  . PHE A 1 38  ? 6.656   -6.364  -4.611  1.00 13.15 ? 38  PHE A CB  1 
ATOM 297  C CG  . PHE A 1 38  ? 5.618   -7.479  -4.725  1.00 14.91 ? 38  PHE A CG  1 
ATOM 298  C CD1 . PHE A 1 38  ? 4.376   -7.372  -4.143  1.00 13.58 ? 38  PHE A CD1 1 
ATOM 299  C CD2 . PHE A 1 38  ? 5.959   -8.655  -5.352  1.00 14.40 ? 38  PHE A CD2 1 
ATOM 300  C CE1 . PHE A 1 38  ? 3.478   -8.425  -4.166  1.00 12.68 ? 38  PHE A CE1 1 
ATOM 301  C CE2 . PHE A 1 38  ? 5.044   -9.691  -5.363  1.00 14.81 ? 38  PHE A CE2 1 
ATOM 302  C CZ  . PHE A 1 38  ? 3.804   -9.596  -4.775  1.00 11.26 ? 38  PHE A CZ  1 
ATOM 303  N N   . ASN A 1 39  ? 7.477   -2.817  -5.144  1.00 10.32 ? 39  ASN A N   1 
ATOM 304  C CA  . ASN A 1 39  ? 8.680   -2.057  -5.208  1.00 12.83 ? 39  ASN A CA  1 
ATOM 305  C C   . ASN A 1 39  ? 8.360   -0.829  -4.443  1.00 13.88 ? 39  ASN A C   1 
ATOM 306  O O   . ASN A 1 39  ? 7.310   -0.226  -4.640  1.00 15.06 ? 39  ASN A O   1 
ATOM 307  C CB  . ASN A 1 39  ? 9.031   -1.695  -6.633  1.00 14.76 ? 39  ASN A CB  1 
ATOM 308  C CG  . ASN A 1 39  ? 10.242  -0.766  -6.873  1.00 14.86 ? 39  ASN A CG  1 
ATOM 309  O OD1 . ASN A 1 39  ? 11.025  -0.306  -6.009  1.00 8.36  ? 39  ASN A OD1 1 
ATOM 310  N ND2 . ASN A 1 39  ? 10.351  -0.459  -8.161  1.00 13.54 ? 39  ASN A ND2 1 
ATOM 311  N N   . THR A 1 40  ? 9.335   -0.472  -3.604  1.00 13.51 ? 40  THR A N   1 
ATOM 312  C CA  . THR A 1 40  ? 9.256   0.708   -2.756  1.00 12.23 ? 40  THR A CA  1 
ATOM 313  C C   . THR A 1 40  ? 9.625   2.001   -3.495  1.00 11.00 ? 40  THR A C   1 
ATOM 314  O O   . THR A 1 40  ? 9.424   3.099   -3.014  1.00 12.71 ? 40  THR A O   1 
ATOM 315  C CB  . THR A 1 40  ? 10.142  0.380   -1.499  1.00 12.87 ? 40  THR A CB  1 
ATOM 316  O OG1 . THR A 1 40  ? 11.446  0.092   -1.953  1.00 15.49 ? 40  THR A OG1 1 
ATOM 317  C CG2 . THR A 1 40  ? 9.667   -0.896  -0.760  1.00 13.29 ? 40  THR A CG2 1 
ATOM 318  N N   . ARG A 1 41  ? 10.105  1.927   -4.717  1.00 11.71 ? 41  ARG A N   1 
ATOM 319  C CA  . ARG A 1 41  ? 10.317  3.105   -5.521  1.00 15.04 ? 41  ARG A CA  1 
ATOM 320  C C   . ARG A 1 41  ? 9.142   3.297   -6.478  1.00 12.97 ? 41  ARG A C   1 
ATOM 321  O O   . ARG A 1 41  ? 9.294   3.955   -7.509  1.00 17.23 ? 41  ARG A O   1 
ATOM 322  C CB  . ARG A 1 41  ? 11.596  2.995   -6.362  1.00 18.87 ? 41  ARG A CB  1 
ATOM 323  C CG  . ARG A 1 41  ? 12.825  3.532   -5.687  1.00 22.59 ? 41  ARG A CG  1 
ATOM 324  C CD  . ARG A 1 41  ? 13.862  2.453   -5.482  1.00 24.99 ? 41  ARG A CD  1 
ATOM 325  N NE  . ARG A 1 41  ? 14.335  2.739   -4.146  1.00 32.42 ? 41  ARG A NE  1 
ATOM 326  C CZ  . ARG A 1 41  ? 15.578  2.515   -3.718  1.00 34.70 ? 41  ARG A CZ  1 
ATOM 327  N NH1 . ARG A 1 41  ? 16.529  1.897   -4.446  1.00 34.58 ? 41  ARG A NH1 1 
ATOM 328  N NH2 . ARG A 1 41  ? 15.826  2.914   -2.477  1.00 36.20 ? 41  ARG A NH2 1 
ATOM 329  N N   . ALA A 1 42  ? 7.970   2.737   -6.316  1.00 8.50  ? 42  ALA A N   1 
ATOM 330  C CA  . ALA A 1 42  ? 6.961   3.010   -7.295  1.00 9.00  ? 42  ALA A CA  1 
ATOM 331  C C   . ALA A 1 42  ? 6.534   4.446   -7.123  1.00 9.79  ? 42  ALA A C   1 
ATOM 332  O O   . ALA A 1 42  ? 6.269   4.801   -5.987  1.00 11.65 ? 42  ALA A O   1 
ATOM 333  C CB  . ALA A 1 42  ? 5.791   2.097   -7.073  1.00 8.72  ? 42  ALA A CB  1 
ATOM 334  N N   . PHE A 1 43  ? 6.491   5.345   -8.097  1.00 12.61 ? 43  PHE A N   1 
ATOM 335  C CA  . PHE A 1 43  ? 5.928   6.680   -7.936  1.00 14.36 ? 43  PHE A CA  1 
ATOM 336  C C   . PHE A 1 43  ? 5.092   6.964   -9.161  1.00 14.81 ? 43  PHE A C   1 
ATOM 337  O O   . PHE A 1 43  ? 5.498   6.609   -10.269 1.00 14.77 ? 43  PHE A O   1 
ATOM 338  C CB  . PHE A 1 43  ? 7.002   7.749   -7.824  1.00 19.73 ? 43  PHE A CB  1 
ATOM 339  C CG  . PHE A 1 43  ? 7.710   7.455   -6.523  1.00 27.69 ? 43  PHE A CG  1 
ATOM 340  C CD1 . PHE A 1 43  ? 7.099   7.721   -5.308  1.00 28.76 ? 43  PHE A CD1 1 
ATOM 341  C CD2 . PHE A 1 43  ? 8.916   6.755   -6.537  1.00 32.84 ? 43  PHE A CD2 1 
ATOM 342  C CE1 . PHE A 1 43  ? 7.688   7.268   -4.127  1.00 30.76 ? 43  PHE A CE1 1 
ATOM 343  C CE2 . PHE A 1 43  ? 9.484   6.307   -5.345  1.00 33.63 ? 43  PHE A CE2 1 
ATOM 344  C CZ  . PHE A 1 43  ? 8.862   6.552   -4.135  1.00 30.87 ? 43  PHE A CZ  1 
ATOM 345  N N   . ASN A 1 44  ? 3.873   7.472   -9.045  1.00 15.71 ? 44  ASN A N   1 
ATOM 346  C CA  . ASN A 1 44  ? 3.166   7.874   -10.234 1.00 16.73 ? 44  ASN A CA  1 
ATOM 347  C C   . ASN A 1 44  ? 2.504   9.216   -10.019 1.00 19.50 ? 44  ASN A C   1 
ATOM 348  O O   . ASN A 1 44  ? 1.655   9.406   -9.154  1.00 18.02 ? 44  ASN A O   1 
ATOM 349  C CB  . ASN A 1 44  ? 2.077   6.924   -10.642 1.00 19.23 ? 44  ASN A CB  1 
ATOM 350  C CG  . ASN A 1 44  ? 1.645   7.327   -12.049 1.00 21.82 ? 44  ASN A CG  1 
ATOM 351  O OD1 . ASN A 1 44  ? 0.491   7.647   -12.394 1.00 23.92 ? 44  ASN A OD1 1 
ATOM 352  N ND2 . ASN A 1 44  ? 2.641   7.287   -12.927 1.00 21.37 ? 44  ASN A ND2 1 
ATOM 353  N N   . GLY A 1 45  ? 2.982   10.167  -10.805 1.00 21.75 ? 45  GLY A N   1 
ATOM 354  C CA  . GLY A 1 45  ? 2.537   11.538  -10.807 1.00 23.71 ? 45  GLY A CA  1 
ATOM 355  C C   . GLY A 1 45  ? 1.753   11.846  -12.056 1.00 25.80 ? 45  GLY A C   1 
ATOM 356  O O   . GLY A 1 45  ? 2.201   11.542  -13.174 1.00 25.41 ? 45  GLY A O   1 
ATOM 357  N N   . LYS A 1 46  ? 0.580   12.452  -11.795 1.00 27.36 ? 46  LYS A N   1 
ATOM 358  C CA  . LYS A 1 46  ? -0.374  12.860  -12.829 1.00 25.81 ? 46  LYS A CA  1 
ATOM 359  C C   . LYS A 1 46  ? -0.981  14.268  -12.638 1.00 25.39 ? 46  LYS A C   1 
ATOM 360  O O   . LYS A 1 46  ? -1.960  14.397  -11.906 1.00 23.35 ? 46  LYS A O   1 
ATOM 361  C CB  . LYS A 1 46  ? -1.488  11.790  -12.899 1.00 26.26 ? 46  LYS A CB  1 
ATOM 362  C CG  . LYS A 1 46  ? -2.001  11.192  -11.565 1.00 27.86 ? 46  LYS A CG  1 
ATOM 363  C CD  . LYS A 1 46  ? -1.161  10.022  -11.074 1.00 26.91 ? 46  LYS A CD  1 
ATOM 364  C CE  . LYS A 1 46  ? -1.782  9.391   -9.871  1.00 26.49 ? 46  LYS A CE  1 
ATOM 365  N NZ  . LYS A 1 46  ? -1.748  10.355  -8.796  1.00 28.87 ? 46  LYS A NZ  1 
ATOM 366  N N   . ASN A 1 47  ? -0.499  15.360  -13.296 1.00 25.52 ? 47  ASN A N   1 
ATOM 367  C CA  . ASN A 1 47  ? -1.031  16.707  -13.077 1.00 25.39 ? 47  ASN A CA  1 
ATOM 368  C C   . ASN A 1 47  ? -2.412  17.001  -13.676 1.00 28.64 ? 47  ASN A C   1 
ATOM 369  O O   . ASN A 1 47  ? -2.559  17.682  -14.687 1.00 32.09 ? 47  ASN A O   1 
ATOM 370  C CB  . ASN A 1 47  ? -0.053  17.858  -13.595 1.00 22.44 ? 47  ASN A CB  1 
ATOM 371  C CG  . ASN A 1 47  ? -0.280  19.236  -12.864 1.00 21.11 ? 47  ASN A CG  1 
ATOM 372  O OD1 . ASN A 1 47  ? 0.018   20.354  -13.283 1.00 14.30 ? 47  ASN A OD1 1 
ATOM 373  N ND2 . ASN A 1 47  ? -0.738  19.332  -11.626 1.00 19.82 ? 47  ASN A ND2 1 
ATOM 374  N N   . ALA A 1 48  ? -3.488  16.427  -13.139 1.00 32.06 ? 48  ALA A N   1 
ATOM 375  C CA  . ALA A 1 48  ? -4.877  16.909  -13.360 1.00 31.18 ? 48  ALA A CA  1 
ATOM 376  C C   . ALA A 1 48  ? -5.019  18.237  -12.544 1.00 32.23 ? 48  ALA A C   1 
ATOM 377  O O   . ALA A 1 48  ? -5.654  19.275  -12.829 1.00 30.96 ? 48  ALA A O   1 
ATOM 378  C CB  . ALA A 1 48  ? -5.844  15.871  -12.800 1.00 29.50 ? 48  ALA A CB  1 
ATOM 379  N N   . ASN A 1 49  ? -4.303  18.051  -11.422 1.00 28.89 ? 49  ASN A N   1 
ATOM 380  C CA  . ASN A 1 49  ? -4.083  18.862  -10.253 1.00 22.87 ? 49  ASN A CA  1 
ATOM 381  C C   . ASN A 1 49  ? -2.778  18.256  -9.748  1.00 23.74 ? 49  ASN A C   1 
ATOM 382  O O   . ASN A 1 49  ? -2.506  17.135  -10.164 1.00 25.85 ? 49  ASN A O   1 
ATOM 383  C CB  . ASN A 1 49  ? -5.236  18.601  -9.299  1.00 24.96 ? 49  ASN A CB  1 
ATOM 384  C CG  . ASN A 1 49  ? -5.737  17.173  -9.354  1.00 22.76 ? 49  ASN A CG  1 
ATOM 385  O OD1 . ASN A 1 49  ? -4.972  16.264  -9.642  1.00 25.53 ? 49  ASN A OD1 1 
ATOM 386  N ND2 . ASN A 1 49  ? -7.019  16.912  -9.222  1.00 24.58 ? 49  ASN A ND2 1 
ATOM 387  N N   . GLY A 1 50  ? -1.870  18.791  -8.886  1.00 22.40 ? 50  GLY A N   1 
ATOM 388  C CA  . GLY A 1 50  ? -0.554  18.154  -8.531  1.00 19.24 ? 50  GLY A CA  1 
ATOM 389  C C   . GLY A 1 50  ? -0.468  16.751  -7.820  1.00 21.24 ? 50  GLY A C   1 
ATOM 390  O O   . GLY A 1 50  ? 0.524   16.423  -7.127  1.00 20.62 ? 50  GLY A O   1 
ATOM 391  N N   . SER A 1 51  ? -1.490  15.889  -7.949  1.00 15.39 ? 51  SER A N   1 
ATOM 392  C CA  . SER A 1 51  ? -1.493  14.589  -7.362  1.00 12.25 ? 51  SER A CA  1 
ATOM 393  C C   . SER A 1 51  ? -0.305  13.692  -7.768  1.00 12.34 ? 51  SER A C   1 
ATOM 394  O O   . SER A 1 51  ? 0.242   13.756  -8.889  1.00 7.28  ? 51  SER A O   1 
ATOM 395  C CB  . SER A 1 51  ? -2.791  13.964  -7.762  1.00 10.26 ? 51  SER A CB  1 
ATOM 396  O OG  . SER A 1 51  ? -3.344  13.215  -6.707  1.00 8.69  ? 51  SER A OG  1 
ATOM 397  N N   . SER A 1 52  ? 0.101   12.846  -6.804  1.00 8.49  ? 52  SER A N   1 
ATOM 398  C CA  . SER A 1 52  ? 1.051   11.802  -7.038  1.00 5.93  ? 52  SER A CA  1 
ATOM 399  C C   . SER A 1 52  ? 0.983   10.788  -5.940  1.00 6.21  ? 52  SER A C   1 
ATOM 400  O O   . SER A 1 52  ? 0.690   11.113  -4.789  1.00 6.34  ? 52  SER A O   1 
ATOM 401  C CB  . SER A 1 52  ? 2.465   12.361  -7.155  1.00 3.19  ? 52  SER A CB  1 
ATOM 402  O OG  . SER A 1 52  ? 2.729   13.353  -6.209  1.00 8.63  ? 52  SER A OG  1 
ATOM 403  N N   . ASP A 1 53  ? 1.156   9.536   -6.377  1.00 8.94  ? 53  ASP A N   1 
ATOM 404  C CA  . ASP A 1 53  ? 1.160   8.307   -5.577  1.00 7.84  ? 53  ASP A CA  1 
ATOM 405  C C   . ASP A 1 53  ? 2.507   7.833   -5.165  1.00 3.17  ? 53  ASP A C   1 
ATOM 406  O O   . ASP A 1 53  ? 3.338   7.670   -6.032  1.00 4.20  ? 53  ASP A O   1 
ATOM 407  C CB  . ASP A 1 53  ? 0.543   7.189   -6.355  1.00 8.56  ? 53  ASP A CB  1 
ATOM 408  C CG  . ASP A 1 53  ? -0.900  7.432   -6.746  1.00 11.16 ? 53  ASP A CG  1 
ATOM 409  O OD1 . ASP A 1 53  ? -1.556  8.314   -6.178  1.00 10.15 ? 53  ASP A OD1 1 
ATOM 410  O OD2 . ASP A 1 53  ? -1.350  6.704   -7.627  1.00 14.52 ? 53  ASP A OD2 1 
ATOM 411  N N   . TYR A 1 54  ? 2.738   7.551   -3.905  1.00 7.19  ? 54  TYR A N   1 
ATOM 412  C CA  . TYR A 1 54  ? 4.036   7.096   -3.392  1.00 5.23  ? 54  TYR A CA  1 
ATOM 413  C C   . TYR A 1 54  ? 4.194   5.634   -2.904  1.00 8.95  ? 54  TYR A C   1 
ATOM 414  O O   . TYR A 1 54  ? 3.404   5.133   -2.062  1.00 7.87  ? 54  TYR A O   1 
ATOM 415  C CB  . TYR A 1 54  ? 4.493   7.965   -2.209  1.00 2.29  ? 54  TYR A CB  1 
ATOM 416  C CG  . TYR A 1 54  ? 4.934   9.377   -2.518  1.00 2.02  ? 54  TYR A CG  1 
ATOM 417  C CD1 . TYR A 1 54  ? 3.972   10.318  -2.847  1.00 2.01  ? 54  TYR A CD1 1 
ATOM 418  C CD2 . TYR A 1 54  ? 6.295   9.694   -2.552  1.00 2.01  ? 54  TYR A CD2 1 
ATOM 419  C CE1 . TYR A 1 54  ? 4.384   11.588  -3.222  1.00 4.48  ? 54  TYR A CE1 1 
ATOM 420  C CE2 . TYR A 1 54  ? 6.714   10.958  -2.931  1.00 2.01  ? 54  TYR A CE2 1 
ATOM 421  C CZ  . TYR A 1 54  ? 5.745   11.890  -3.272  1.00 2.36  ? 54  TYR A CZ  1 
ATOM 422  O OH  . TYR A 1 54  ? 6.078   13.152  -3.674  1.00 2.45  ? 54  TYR A OH  1 
ATOM 423  N N   . GLY A 1 55  ? 5.207   4.924   -3.441  1.00 5.85  ? 55  GLY A N   1 
ATOM 424  C CA  . GLY A 1 55  ? 5.719   3.694   -2.835  1.00 5.91  ? 55  GLY A CA  1 
ATOM 425  C C   . GLY A 1 55  ? 5.003   2.366   -3.040  1.00 5.35  ? 55  GLY A C   1 
ATOM 426  O O   . GLY A 1 55  ? 4.091   2.192   -3.843  1.00 7.73  ? 55  GLY A O   1 
ATOM 427  N N   . LEU A 1 56  ? 5.465   1.410   -2.277  1.00 2.00  ? 56  LEU A N   1 
ATOM 428  C CA  . LEU A 1 56  ? 4.890   0.096   -2.223  1.00 3.23  ? 56  LEU A CA  1 
ATOM 429  C C   . LEU A 1 56  ? 3.352   0.023   -2.189  1.00 2.01  ? 56  LEU A C   1 
ATOM 430  O O   . LEU A 1 56  ? 2.723   -0.862  -2.768  1.00 3.75  ? 56  LEU A O   1 
ATOM 431  C CB  . LEU A 1 56  ? 5.493   -0.593  -0.986  1.00 2.02  ? 56  LEU A CB  1 
ATOM 432  C CG  . LEU A 1 56  ? 4.944   -1.918  -0.497  1.00 2.02  ? 56  LEU A CG  1 
ATOM 433  C CD1 . LEU A 1 56  ? 5.749   -3.020  -1.123  1.00 2.02  ? 56  LEU A CD1 1 
ATOM 434  C CD2 . LEU A 1 56  ? 4.980   -1.970  1.027   1.00 2.40  ? 56  LEU A CD2 1 
ATOM 435  N N   . PHE A 1 57  ? 2.692   0.879   -1.428  1.00 5.51  ? 57  PHE A N   1 
ATOM 436  C CA  . PHE A 1 57  ? 1.247   0.885   -1.414  1.00 4.78  ? 57  PHE A CA  1 
ATOM 437  C C   . PHE A 1 57  ? 0.736   1.985   -2.303  1.00 4.05  ? 57  PHE A C   1 
ATOM 438  O O   . PHE A 1 57  ? -0.448  2.001   -2.411  1.00 9.23  ? 57  PHE A O   1 
ATOM 439  C CB  . PHE A 1 57  ? 0.693   1.125   -0.012  1.00 7.81  ? 57  PHE A CB  1 
ATOM 440  C CG  . PHE A 1 57  ? 1.085   0.123   1.078   1.00 6.46  ? 57  PHE A CG  1 
ATOM 441  C CD1 . PHE A 1 57  ? 0.727   -1.194  0.946   1.00 7.75  ? 57  PHE A CD1 1 
ATOM 442  C CD2 . PHE A 1 57  ? 1.809   0.558   2.177   1.00 4.74  ? 57  PHE A CD2 1 
ATOM 443  C CE1 . PHE A 1 57  ? 1.113   -2.083  1.932   1.00 11.19 ? 57  PHE A CE1 1 
ATOM 444  C CE2 . PHE A 1 57  ? 2.192   -0.323  3.152   1.00 7.33  ? 57  PHE A CE2 1 
ATOM 445  C CZ  . PHE A 1 57  ? 1.842   -1.645  3.031   1.00 11.28 ? 57  PHE A CZ  1 
ATOM 446  N N   . GLN A 1 58  ? 1.463   2.909   -2.943  1.00 4.76  ? 58  GLN A N   1 
ATOM 447  C CA  . GLN A 1 58  ? 0.964   4.017   -3.759  1.00 3.62  ? 58  GLN A CA  1 
ATOM 448  C C   . GLN A 1 58  ? -0.031  4.929   -3.023  1.00 7.32  ? 58  GLN A C   1 
ATOM 449  O O   . GLN A 1 58  ? -1.168  5.212   -3.418  1.00 11.60 ? 58  GLN A O   1 
ATOM 450  C CB  . GLN A 1 58  ? 0.364   3.454   -5.062  1.00 3.20  ? 58  GLN A CB  1 
ATOM 451  C CG  . GLN A 1 58  ? 1.329   2.816   -6.128  1.00 3.02  ? 58  GLN A CG  1 
ATOM 452  C CD  . GLN A 1 58  ? 2.329   3.773   -6.809  1.00 4.61  ? 58  GLN A CD  1 
ATOM 453  O OE1 . GLN A 1 58  ? 2.058   4.499   -7.772  1.00 2.01  ? 58  GLN A OE1 1 
ATOM 454  N NE2 . GLN A 1 58  ? 3.552   3.824   -6.313  1.00 2.82  ? 58  GLN A NE2 1 
ATOM 455  N N   . LEU A 1 59  ? 0.457   5.502   -1.914  1.00 8.97  ? 59  LEU A N   1 
ATOM 456  C CA  . LEU A 1 59  ? -0.289  6.379   -1.024  1.00 5.87  ? 59  LEU A CA  1 
ATOM 457  C C   . LEU A 1 59  ? -0.242  7.743   -1.633  1.00 7.44  ? 59  LEU A C   1 
ATOM 458  O O   . LEU A 1 59  ? 0.824   8.291   -1.939  1.00 9.64  ? 59  LEU A O   1 
ATOM 459  C CB  . LEU A 1 59  ? 0.363   6.434   0.335   1.00 3.77  ? 59  LEU A CB  1 
ATOM 460  C CG  . LEU A 1 59  ? -0.096  5.550   1.513   1.00 6.28  ? 59  LEU A CG  1 
ATOM 461  C CD1 . LEU A 1 59  ? -1.043  4.408   1.062   1.00 5.11  ? 59  LEU A CD1 1 
ATOM 462  C CD2 . LEU A 1 59  ? 1.158   4.979   2.187   1.00 2.09  ? 59  LEU A CD2 1 
ATOM 463  N N   . ASN A 1 60  ? -1.423  8.275   -1.871  1.00 7.46  ? 60  ASN A N   1 
ATOM 464  C CA  . ASN A 1 60  ? -1.483  9.561   -2.553  1.00 6.71  ? 60  ASN A CA  1 
ATOM 465  C C   . ASN A 1 60  ? -1.311  10.812  -1.681  1.00 4.58  ? 60  ASN A C   1 
ATOM 466  O O   . ASN A 1 60  ? -1.845  10.957  -0.569  1.00 2.07  ? 60  ASN A O   1 
ATOM 467  C CB  . ASN A 1 60  ? -2.782  9.586   -3.316  1.00 4.04  ? 60  ASN A CB  1 
ATOM 468  C CG  . ASN A 1 60  ? -3.021  10.892  -4.038  1.00 9.35  ? 60  ASN A CG  1 
ATOM 469  O OD1 . ASN A 1 60  ? -3.638  11.814  -3.486  1.00 8.91  ? 60  ASN A OD1 1 
ATOM 470  N ND2 . ASN A 1 60  ? -2.536  11.029  -5.267  1.00 8.33  ? 60  ASN A ND2 1 
ATOM 471  N N   . ASN A 1 61  ? -0.593  11.757  -2.276  1.00 4.37  ? 61  ASN A N   1 
ATOM 472  C CA  . ASN A 1 61  ? -0.254  12.972  -1.593  1.00 2.67  ? 61  ASN A CA  1 
ATOM 473  C C   . ASN A 1 61  ? -1.427  13.855  -1.293  1.00 2.83  ? 61  ASN A C   1 
ATOM 474  O O   . ASN A 1 61  ? -1.305  14.493  -0.262  1.00 6.94  ? 61  ASN A O   1 
ATOM 475  C CB  . ASN A 1 61  ? 0.783   13.776  -2.383  1.00 2.01  ? 61  ASN A CB  1 
ATOM 476  C CG  . ASN A 1 61  ? 0.409   14.284  -3.758  1.00 3.62  ? 61  ASN A CG  1 
ATOM 477  O OD1 . ASN A 1 61  ? -0.596  13.954  -4.380  1.00 2.00  ? 61  ASN A OD1 1 
ATOM 478  N ND2 . ASN A 1 61  ? 1.270   15.116  -4.308  1.00 7.88  ? 61  ASN A ND2 1 
ATOM 479  N N   . LYS A 1 62  ? -2.555  13.959  -1.981  1.00 2.01  ? 62  LYS A N   1 
ATOM 480  C CA  . LYS A 1 62  ? -3.649  14.826  -1.538  1.00 5.62  ? 62  LYS A CA  1 
ATOM 481  C C   . LYS A 1 62  ? -4.177  14.613  -0.144  1.00 6.03  ? 62  LYS A C   1 
ATOM 482  O O   . LYS A 1 62  ? -4.551  15.581  0.492   1.00 8.95  ? 62  LYS A O   1 
ATOM 483  C CB  . LYS A 1 62  ? -4.878  14.742  -2.415  1.00 3.48  ? 62  LYS A CB  1 
ATOM 484  C CG  . LYS A 1 62  ? -4.454  15.189  -3.794  1.00 6.37  ? 62  LYS A CG  1 
ATOM 485  C CD  . LYS A 1 62  ? -5.478  14.953  -4.883  1.00 10.00 ? 62  LYS A CD  1 
ATOM 486  C CE  . LYS A 1 62  ? -6.214  13.607  -4.887  1.00 8.11  ? 62  LYS A CE  1 
ATOM 487  N NZ  . LYS A 1 62  ? -6.367  13.295  -6.284  1.00 12.51 ? 62  LYS A NZ  1 
ATOM 488  N N   . TRP A 1 63  ? -4.229  13.413  0.393   1.00 8.24  ? 63  TRP A N   1 
ATOM 489  C CA  . TRP A 1 63  ? -4.789  13.238  1.717   1.00 11.90 ? 63  TRP A CA  1 
ATOM 490  C C   . TRP A 1 63  ? -3.802  12.730  2.776   1.00 5.14  ? 63  TRP A C   1 
ATOM 491  O O   . TRP A 1 63  ? -3.759  13.142  3.928   1.00 5.22  ? 63  TRP A O   1 
ATOM 492  C CB  . TRP A 1 63  ? -6.010  12.300  1.460   1.00 20.50 ? 63  TRP A CB  1 
ATOM 493  C CG  . TRP A 1 63  ? -7.000  12.006  2.595   1.00 27.93 ? 63  TRP A CG  1 
ATOM 494  C CD1 . TRP A 1 63  ? -6.608  11.739  3.901   1.00 30.02 ? 63  TRP A CD1 1 
ATOM 495  C CD2 . TRP A 1 63  ? -8.373  11.952  2.458   1.00 30.41 ? 63  TRP A CD2 1 
ATOM 496  N NE1 . TRP A 1 63  ? -7.706  11.517  4.572   1.00 31.05 ? 63  TRP A NE1 1 
ATOM 497  C CE2 . TRP A 1 63  ? -8.781  11.636  3.749   1.00 32.96 ? 63  TRP A CE2 1 
ATOM 498  C CE3 . TRP A 1 63  ? -9.321  12.116  1.474   1.00 30.73 ? 63  TRP A CE3 1 
ATOM 499  C CZ2 . TRP A 1 63  ? -10.137 11.490  4.039   1.00 33.55 ? 63  TRP A CZ2 1 
ATOM 500  C CZ3 . TRP A 1 63  ? -10.661 11.970  1.773   1.00 31.18 ? 63  TRP A CZ3 1 
ATOM 501  C CH2 . TRP A 1 63  ? -11.070 11.660  3.047   1.00 32.00 ? 63  TRP A CH2 1 
ATOM 502  N N   . TRP A 1 64  ? -2.902  11.871  2.378   1.00 4.38  ? 64  TRP A N   1 
ATOM 503  C CA  . TRP A 1 64  ? -2.151  11.045  3.290   1.00 5.08  ? 64  TRP A CA  1 
ATOM 504  C C   . TRP A 1 64  ? -0.735  11.405  3.628   1.00 7.61  ? 64  TRP A C   1 
ATOM 505  O O   . TRP A 1 64  ? -0.198  10.892  4.617   1.00 10.96 ? 64  TRP A O   1 
ATOM 506  C CB  . TRP A 1 64  ? -2.191  9.622   2.751   1.00 4.16  ? 64  TRP A CB  1 
ATOM 507  C CG  . TRP A 1 64  ? -3.627  9.136   2.531   1.00 7.07  ? 64  TRP A CG  1 
ATOM 508  C CD1 . TRP A 1 64  ? -4.105  8.890   1.274   1.00 3.28  ? 64  TRP A CD1 1 
ATOM 509  C CD2 . TRP A 1 64  ? -4.542  8.908   3.537   1.00 5.24  ? 64  TRP A CD2 1 
ATOM 510  N NE1 . TRP A 1 64  ? -5.333  8.508   1.500   1.00 4.90  ? 64  TRP A NE1 1 
ATOM 511  C CE2 . TRP A 1 64  ? -5.637  8.499   2.801   1.00 2.76  ? 64  TRP A CE2 1 
ATOM 512  C CE3 . TRP A 1 64  ? -4.567  8.996   4.935   1.00 2.58  ? 64  TRP A CE3 1 
ATOM 513  C CZ2 . TRP A 1 64  ? -6.806  8.164   3.443   1.00 3.05  ? 64  TRP A CZ2 1 
ATOM 514  C CZ3 . TRP A 1 64  ? -5.737  8.662   5.568   1.00 2.73  ? 64  TRP A CZ3 1 
ATOM 515  C CH2 . TRP A 1 64  ? -6.846  8.250   4.830   1.00 2.01  ? 64  TRP A CH2 1 
ATOM 516  N N   . CYS A 1 65  ? -0.099  12.228  2.837   1.00 7.36  ? 65  CYS A N   1 
ATOM 517  C CA  . CYS A 1 65  ? 1.232   12.661  3.164   1.00 8.99  ? 65  CYS A CA  1 
ATOM 518  C C   . CYS A 1 65  ? 1.465   14.053  2.585   1.00 4.61  ? 65  CYS A C   1 
ATOM 519  O O   . CYS A 1 65  ? 0.730   14.583  1.748   1.00 8.84  ? 65  CYS A O   1 
ATOM 520  C CB  . CYS A 1 65  ? 2.260   11.605  2.635   1.00 10.52 ? 65  CYS A CB  1 
ATOM 521  S SG  . CYS A 1 65  ? 2.424   11.426  0.831   1.00 10.32 ? 65  CYS A SG  1 
ATOM 522  N N   . LYS A 1 66  ? 2.415   14.655  3.251   1.00 3.12  ? 66  LYS A N   1 
ATOM 523  C CA  . LYS A 1 66  ? 2.928   15.954  3.003   1.00 2.80  ? 66  LYS A CA  1 
ATOM 524  C C   . LYS A 1 66  ? 4.196   15.962  2.181   1.00 2.69  ? 66  LYS A C   1 
ATOM 525  O O   . LYS A 1 66  ? 5.197   15.366  2.548   1.00 4.32  ? 66  LYS A O   1 
ATOM 526  C CB  . LYS A 1 66  ? 3.198   16.569  4.303   1.00 4.16  ? 66  LYS A CB  1 
ATOM 527  C CG  . LYS A 1 66  ? 2.874   18.049  4.285   1.00 9.61  ? 66  LYS A CG  1 
ATOM 528  C CD  . LYS A 1 66  ? 4.083   18.952  4.183   1.00 7.06  ? 66  LYS A CD  1 
ATOM 529  C CE  . LYS A 1 66  ? 4.832   18.758  5.477   1.00 11.91 ? 66  LYS A CE  1 
ATOM 530  N NZ  . LYS A 1 66  ? 5.615   19.935  5.756   1.00 18.64 ? 66  LYS A NZ  1 
ATOM 531  N N   . ASP A 1 67  ? 4.167   16.641  1.051   1.00 5.83  ? 67  ASP A N   1 
ATOM 532  C CA  . ASP A 1 67  ? 5.270   16.850  0.119   1.00 6.96  ? 67  ASP A CA  1 
ATOM 533  C C   . ASP A 1 67  ? 5.121   18.314  -0.329  1.00 11.32 ? 67  ASP A C   1 
ATOM 534  O O   . ASP A 1 67  ? 4.198   18.943  0.176   1.00 11.21 ? 67  ASP A O   1 
ATOM 535  C CB  . ASP A 1 67  ? 5.178   15.875  -1.114  1.00 6.04  ? 67  ASP A CB  1 
ATOM 536  C CG  . ASP A 1 67  ? 4.040   15.882  -2.159  1.00 8.61  ? 67  ASP A CG  1 
ATOM 537  O OD1 . ASP A 1 67  ? 3.274   16.830  -2.342  1.00 6.71  ? 67  ASP A OD1 1 
ATOM 538  O OD2 . ASP A 1 67  ? 3.939   14.869  -2.843  1.00 9.33  ? 67  ASP A OD2 1 
ATOM 539  N N   . ASN A 1 68  ? 5.916   18.914  -1.238  1.00 12.49 ? 68  ASN A N   1 
ATOM 540  C CA  . ASN A 1 68  ? 5.753   20.289  -1.650  1.00 10.72 ? 68  ASN A CA  1 
ATOM 541  C C   . ASN A 1 68  ? 4.577   20.563  -2.574  1.00 11.34 ? 68  ASN A C   1 
ATOM 542  O O   . ASN A 1 68  ? 4.264   21.762  -2.676  1.00 9.48  ? 68  ASN A O   1 
ATOM 543  C CB  . ASN A 1 68  ? 6.970   20.851  -2.403  1.00 14.73 ? 68  ASN A CB  1 
ATOM 544  C CG  . ASN A 1 68  ? 7.972   21.612  -1.554  1.00 17.94 ? 68  ASN A CG  1 
ATOM 545  O OD1 . ASN A 1 68  ? 8.870   20.953  -1.056  1.00 19.63 ? 68  ASN A OD1 1 
ATOM 546  N ND2 . ASN A 1 68  ? 7.974   22.925  -1.269  1.00 18.80 ? 68  ASN A ND2 1 
ATOM 547  N N   . LYS A 1 69  ? 3.938   19.633  -3.314  1.00 7.74  ? 69  LYS A N   1 
ATOM 548  C CA  . LYS A 1 69  ? 2.935   20.136  -4.233  1.00 10.59 ? 69  LYS A CA  1 
ATOM 549  C C   . LYS A 1 69  ? 1.477   20.221  -3.772  1.00 16.81 ? 69  LYS A C   1 
ATOM 550  O O   . LYS A 1 69  ? 0.927   19.317  -3.131  1.00 15.27 ? 69  LYS A O   1 
ATOM 551  C CB  . LYS A 1 69  ? 3.011   19.349  -5.545  1.00 10.42 ? 69  LYS A CB  1 
ATOM 552  C CG  . LYS A 1 69  ? 3.602   17.956  -5.700  1.00 11.42 ? 69  LYS A CG  1 
ATOM 553  C CD  . LYS A 1 69  ? 5.014   17.894  -6.293  1.00 10.46 ? 69  LYS A CD  1 
ATOM 554  C CE  . LYS A 1 69  ? 5.062   16.659  -7.202  1.00 11.40 ? 69  LYS A CE  1 
ATOM 555  N NZ  . LYS A 1 69  ? 6.347   16.386  -7.840  1.00 10.85 ? 69  LYS A NZ  1 
ATOM 556  N N   . ARG A 1 70  ? 0.876   21.393  -4.077  1.00 23.23 ? 70  ARG A N   1 
ATOM 557  C CA  . ARG A 1 70  ? -0.520  21.793  -3.762  1.00 29.32 ? 70  ARG A CA  1 
ATOM 558  C C   . ARG A 1 70  ? -1.458  20.796  -3.034  1.00 30.40 ? 70  ARG A C   1 
ATOM 559  O O   . ARG A 1 70  ? -2.033  21.025  -1.929  1.00 28.68 ? 70  ARG A O   1 
ATOM 560  C CB  . ARG A 1 70  ? -1.179  22.281  -5.118  1.00 29.50 ? 70  ARG A CB  1 
ATOM 561  C CG  . ARG A 1 70  ? -2.706  22.317  -5.410  1.00 32.62 ? 70  ARG A CG  1 
ATOM 562  C CD  . ARG A 1 70  ? -3.678  22.833  -4.281  1.00 35.52 ? 70  ARG A CD  1 
ATOM 563  N NE  . ARG A 1 70  ? -3.188  23.945  -3.453  1.00 35.59 ? 70  ARG A NE  1 
ATOM 564  C CZ  . ARG A 1 70  ? -3.251  25.225  -3.867  1.00 38.11 ? 70  ARG A CZ  1 
ATOM 565  N NH1 . ARG A 1 70  ? -3.862  25.573  -5.019  1.00 37.65 ? 70  ARG A NH1 1 
ATOM 566  N NH2 . ARG A 1 70  ? -2.720  26.192  -3.095  1.00 38.57 ? 70  ARG A NH2 1 
ATOM 567  N N   . SER A 1 71  ? -1.612  19.739  -3.859  1.00 26.94 ? 71  SER A N   1 
ATOM 568  C CA  . SER A 1 71  ? -2.439  18.621  -3.527  1.00 22.73 ? 71  SER A CA  1 
ATOM 569  C C   . SER A 1 71  ? -1.385  17.730  -2.877  1.00 21.06 ? 71  SER A C   1 
ATOM 570  O O   . SER A 1 71  ? -0.539  17.203  -3.584  1.00 19.99 ? 71  SER A O   1 
ATOM 571  C CB  . SER A 1 71  ? -3.005  18.118  -4.841  1.00 20.52 ? 71  SER A CB  1 
ATOM 572  O OG  . SER A 1 71  ? -4.323  18.613  -5.072  1.00 15.79 ? 71  SER A OG  1 
ATOM 573  N N   . SER A 1 72  ? -1.366  17.903  -1.548  1.00 22.28 ? 72  SER A N   1 
ATOM 574  C CA  . SER A 1 72  ? -0.631  17.272  -0.427  1.00 15.77 ? 72  SER A CA  1 
ATOM 575  C C   . SER A 1 72  ? -1.614  17.408  0.767   1.00 17.01 ? 72  SER A C   1 
ATOM 576  O O   . SER A 1 72  ? -2.616  18.170  0.657   1.00 11.49 ? 72  SER A O   1 
ATOM 577  C CB  . SER A 1 72  ? 0.675   18.031  -0.151  1.00 16.19 ? 72  SER A CB  1 
ATOM 578  O OG  . SER A 1 72  ? 0.761   19.434  -0.495  1.00 13.55 ? 72  SER A OG  1 
ATOM 579  N N   . SER A 1 73  ? -1.527  16.624  1.860   1.00 16.06 ? 73  SER A N   1 
ATOM 580  C CA  . SER A 1 73  ? -2.278  16.982  3.090   1.00 15.22 ? 73  SER A CA  1 
ATOM 581  C C   . SER A 1 73  ? -1.453  16.244  4.113   1.00 11.93 ? 73  SER A C   1 
ATOM 582  O O   . SER A 1 73  ? -0.246  16.180  3.823   1.00 18.81 ? 73  SER A O   1 
ATOM 583  C CB  . SER A 1 73  ? -3.795  16.487  3.134   1.00 19.39 ? 73  SER A CB  1 
ATOM 584  O OG  . SER A 1 73  ? -4.802  17.376  3.726   1.00 15.83 ? 73  SER A OG  1 
ATOM 585  N N   . ASN A 1 74  ? -1.858  15.851  5.334   1.00 4.47  ? 74  ASN A N   1 
ATOM 586  C CA  . ASN A 1 74  ? -1.001  14.936  6.059   1.00 5.05  ? 74  ASN A CA  1 
ATOM 587  C C   . ASN A 1 74  ? -1.610  14.024  7.119   1.00 6.58  ? 74  ASN A C   1 
ATOM 588  O O   . ASN A 1 74  ? -1.146  14.018  8.254   1.00 8.16  ? 74  ASN A O   1 
ATOM 589  C CB  . ASN A 1 74  ? 0.154   15.670  6.691   1.00 3.08  ? 74  ASN A CB  1 
ATOM 590  C CG  . ASN A 1 74  ? 1.371   14.737  6.793   1.00 6.12  ? 74  ASN A CG  1 
ATOM 591  O OD1 . ASN A 1 74  ? 1.264   13.520  6.663   1.00 2.01  ? 74  ASN A OD1 1 
ATOM 592  N ND2 . ASN A 1 74  ? 2.595   15.160  7.068   1.00 7.10  ? 74  ASN A ND2 1 
ATOM 593  N N   . ALA A 1 75  ? -2.552  13.111  6.809   1.00 5.80  ? 75  ALA A N   1 
ATOM 594  C CA  . ALA A 1 75  ? -3.195  12.357  7.895   1.00 8.19  ? 75  ALA A CA  1 
ATOM 595  C C   . ALA A 1 75  ? -2.365  11.321  8.622   1.00 6.71  ? 75  ALA A C   1 
ATOM 596  O O   . ALA A 1 75  ? -2.527  10.981  9.807   1.00 8.94  ? 75  ALA A O   1 
ATOM 597  C CB  . ALA A 1 75  ? -4.477  11.654  7.393   1.00 11.04 ? 75  ALA A CB  1 
ATOM 598  N N   . CYS A 1 76  ? -1.393  10.928  7.835   1.00 2.17  ? 76  CYS A N   1 
ATOM 599  C CA  . CYS A 1 76  ? -0.472  9.971   8.296   1.00 2.02  ? 76  CYS A CA  1 
ATOM 600  C C   . CYS A 1 76  ? 0.662   10.591  9.056   1.00 4.99  ? 76  CYS A C   1 
ATOM 601  O O   . CYS A 1 76  ? 1.422   9.878   9.698   1.00 3.81  ? 76  CYS A O   1 
ATOM 602  C CB  . CYS A 1 76  ? -0.006  9.230   7.099   1.00 3.38  ? 76  CYS A CB  1 
ATOM 603  S SG  . CYS A 1 76  ? -1.221  7.943   6.750   1.00 2.91  ? 76  CYS A SG  1 
ATOM 604  N N   . ASN A 1 77  ? 0.772   11.924  8.982   1.00 10.66 ? 77  ASN A N   1 
ATOM 605  C CA  . ASN A 1 77  ? 1.874   12.738  9.515   1.00 12.58 ? 77  ASN A CA  1 
ATOM 606  C C   . ASN A 1 77  ? 3.225   12.495  8.913   1.00 12.02 ? 77  ASN A C   1 
ATOM 607  O O   . ASN A 1 77  ? 4.247   12.807  9.522   1.00 15.69 ? 77  ASN A O   1 
ATOM 608  C CB  . ASN A 1 77  ? 2.092   12.578  10.995  1.00 11.90 ? 77  ASN A CB  1 
ATOM 609  C CG  . ASN A 1 77  ? 0.976   13.150  11.776  1.00 10.19 ? 77  ASN A CG  1 
ATOM 610  O OD1 . ASN A 1 77  ? 0.861   12.804  12.953  1.00 13.12 ? 77  ASN A OD1 1 
ATOM 611  N ND2 . ASN A 1 77  ? 0.145   14.030  11.210  1.00 10.63 ? 77  ASN A ND2 1 
ATOM 612  N N   . ILE A 1 78  ? 3.321   11.975  7.706   1.00 9.93  ? 78  ILE A N   1 
ATOM 613  C CA  . ILE A 1 78  ? 4.644   11.707  7.204   1.00 7.93  ? 78  ILE A CA  1 
ATOM 614  C C   . ILE A 1 78  ? 4.954   12.659  6.094   1.00 7.99  ? 78  ILE A C   1 
ATOM 615  O O   . ILE A 1 78  ? 4.041   13.289  5.571   1.00 10.68 ? 78  ILE A O   1 
ATOM 616  C CB  . ILE A 1 78  ? 4.754   10.196  6.753   1.00 6.09  ? 78  ILE A CB  1 
ATOM 617  C CG1 . ILE A 1 78  ? 3.630   9.756   5.916   1.00 5.08  ? 78  ILE A CG1 1 
ATOM 618  C CG2 . ILE A 1 78  ? 4.830   9.327   8.031   1.00 7.43  ? 78  ILE A CG2 1 
ATOM 619  C CD1 . ILE A 1 78  ? 3.686   8.258   5.681   1.00 5.87  ? 78  ILE A CD1 1 
ATOM 620  N N   . MET A 1 79  ? 6.228   12.864  5.789   1.00 7.51  ? 79  MET A N   1 
ATOM 621  C CA  . MET A 1 79  ? 6.625   13.575  4.585   1.00 7.53  ? 79  MET A CA  1 
ATOM 622  C C   . MET A 1 79  ? 6.523   12.474  3.564   1.00 6.96  ? 79  MET A C   1 
ATOM 623  O O   . MET A 1 79  ? 7.074   11.397  3.768   1.00 4.75  ? 79  MET A O   1 
ATOM 624  C CB  . MET A 1 79  ? 8.087   14.008  4.494   1.00 9.59  ? 79  MET A CB  1 
ATOM 625  C CG  . MET A 1 79  ? 8.484   15.165  5.365   1.00 11.04 ? 79  MET A CG  1 
ATOM 626  S SD  . MET A 1 79  ? 7.294   16.461  5.057   1.00 10.65 ? 79  MET A SD  1 
ATOM 627  C CE  . MET A 1 79  ? 8.190   17.508  3.985   1.00 8.75  ? 79  MET A CE  1 
ATOM 628  N N   . CYS A 1 80  ? 5.927   12.675  2.412   1.00 9.19  ? 80  CYS A N   1 
ATOM 629  C CA  . CYS A 1 80  ? 5.835   11.618  1.414   1.00 9.79  ? 80  CYS A CA  1 
ATOM 630  C C   . CYS A 1 80  ? 7.129   10.864  1.067   1.00 10.47 ? 80  CYS A C   1 
ATOM 631  O O   . CYS A 1 80  ? 7.139   9.677   0.683   1.00 7.32  ? 80  CYS A O   1 
ATOM 632  C CB  . CYS A 1 80  ? 5.276   12.200  0.150   1.00 10.43 ? 80  CYS A CB  1 
ATOM 633  S SG  . CYS A 1 80  ? 3.620   12.918  0.237   1.00 10.37 ? 80  CYS A SG  1 
ATOM 634  N N   . SER A 1 81  ? 8.242   11.579  1.258   1.00 10.09 ? 81  SER A N   1 
ATOM 635  C CA  . SER A 1 81  ? 9.532   11.036  0.947   1.00 11.77 ? 81  SER A CA  1 
ATOM 636  C C   . SER A 1 81  ? 9.911   9.861   1.842   1.00 10.03 ? 81  SER A C   1 
ATOM 637  O O   . SER A 1 81  ? 10.677  8.999   1.399   1.00 10.68 ? 81  SER A O   1 
ATOM 638  C CB  . SER A 1 81  ? 10.578  12.158  1.021   1.00 10.37 ? 81  SER A CB  1 
ATOM 639  O OG  . SER A 1 81  ? 10.434  12.989  2.158   1.00 12.02 ? 81  SER A OG  1 
ATOM 640  N N   . LYS A 1 82  ? 9.301   9.752   3.035   1.00 5.43  ? 82  LYS A N   1 
ATOM 641  C CA  . LYS A 1 82  ? 9.533   8.625   3.915   1.00 6.44  ? 82  LYS A CA  1 
ATOM 642  C C   . LYS A 1 82  ? 8.962   7.366   3.230   1.00 6.34  ? 82  LYS A C   1 
ATOM 643  O O   . LYS A 1 82  ? 9.271   6.253   3.602   1.00 8.18  ? 82  LYS A O   1 
ATOM 644  C CB  . LYS A 1 82  ? 8.849   8.888   5.292   1.00 7.23  ? 82  LYS A CB  1 
ATOM 645  C CG  . LYS A 1 82  ? 9.441   10.028  6.103   1.00 4.44  ? 82  LYS A CG  1 
ATOM 646  C CD  . LYS A 1 82  ? 8.464   10.545  7.218   1.00 9.42  ? 82  LYS A CD  1 
ATOM 647  C CE  . LYS A 1 82  ? 8.939   11.989  7.762   1.00 9.60  ? 82  LYS A CE  1 
ATOM 648  N NZ  . LYS A 1 82  ? 7.950   12.817  8.452   1.00 2.06  ? 82  LYS A NZ  1 
ATOM 649  N N   . LEU A 1 83  ? 8.105   7.489   2.206   1.00 9.11  ? 83  LEU A N   1 
ATOM 650  C CA  . LEU A 1 83  ? 7.556   6.415   1.403   1.00 7.09  ? 83  LEU A CA  1 
ATOM 651  C C   . LEU A 1 83  ? 8.428   6.078   0.173   1.00 6.26  ? 83  LEU A C   1 
ATOM 652  O O   . LEU A 1 83  ? 8.131   5.158   -0.585  1.00 3.91  ? 83  LEU A O   1 
ATOM 653  C CB  . LEU A 1 83  ? 6.144   6.843   0.979   1.00 12.00 ? 83  LEU A CB  1 
ATOM 654  C CG  . LEU A 1 83  ? 5.205   7.361   2.064   1.00 11.55 ? 83  LEU A CG  1 
ATOM 655  C CD1 . LEU A 1 83  ? 3.912   7.864   1.452   1.00 13.36 ? 83  LEU A CD1 1 
ATOM 656  C CD2 . LEU A 1 83  ? 4.911   6.243   3.038   1.00 13.21 ? 83  LEU A CD2 1 
ATOM 657  N N   . LEU A 1 84  ? 9.530   6.772   -0.087  1.00 7.57  ? 84  LEU A N   1 
ATOM 658  C CA  . LEU A 1 84  ? 10.382  6.493   -1.234  1.00 12.32 ? 84  LEU A CA  1 
ATOM 659  C C   . LEU A 1 84  ? 11.519  5.491   -0.849  1.00 14.19 ? 84  LEU A C   1 
ATOM 660  O O   . LEU A 1 84  ? 12.393  5.074   -1.636  1.00 16.06 ? 84  LEU A O   1 
ATOM 661  C CB  . LEU A 1 84  ? 10.949  7.885   -1.767  1.00 13.43 ? 84  LEU A CB  1 
ATOM 662  C CG  . LEU A 1 84  ? 10.206  9.023   -2.576  1.00 14.95 ? 84  LEU A CG  1 
ATOM 663  C CD1 . LEU A 1 84  ? 10.564  10.408  -2.128  1.00 14.73 ? 84  LEU A CD1 1 
ATOM 664  C CD2 . LEU A 1 84  ? 10.777  9.135   -3.984  1.00 15.63 ? 84  LEU A CD2 1 
ATOM 665  N N   . ASP A 1 85  ? 11.433  5.015   0.391   1.00 14.41 ? 85  ASP A N   1 
ATOM 666  C CA  . ASP A 1 85  ? 12.496  4.337   1.099   1.00 12.58 ? 85  ASP A CA  1 
ATOM 667  C C   . ASP A 1 85  ? 12.597  2.806   1.115   1.00 11.78 ? 85  ASP A C   1 
ATOM 668  O O   . ASP A 1 85  ? 11.806  2.099   0.511   1.00 11.01 ? 85  ASP A O   1 
ATOM 669  C CB  . ASP A 1 85  ? 12.383  4.983   2.485   1.00 13.63 ? 85  ASP A CB  1 
ATOM 670  C CG  . ASP A 1 85  ? 13.599  4.854   3.369   1.00 15.47 ? 85  ASP A CG  1 
ATOM 671  O OD1 . ASP A 1 85  ? 14.683  4.703   2.817   1.00 16.10 ? 85  ASP A OD1 1 
ATOM 672  O OD2 . ASP A 1 85  ? 13.472  4.907   4.595   1.00 16.95 ? 85  ASP A OD2 1 
ATOM 673  N N   . GLU A 1 86  ? 13.622  2.229   1.766   1.00 12.71 ? 86  GLU A N   1 
ATOM 674  C CA  . GLU A 1 86  ? 13.751  0.772   1.837   1.00 13.60 ? 86  GLU A CA  1 
ATOM 675  C C   . GLU A 1 86  ? 12.867  0.280   2.933   1.00 14.71 ? 86  GLU A C   1 
ATOM 676  O O   . GLU A 1 86  ? 12.363  -0.840  2.872   1.00 15.11 ? 86  GLU A O   1 
ATOM 677  C CB  . GLU A 1 86  ? 15.140  0.219   2.231   1.00 18.03 ? 86  GLU A CB  1 
ATOM 678  C CG  . GLU A 1 86  ? 16.410  0.976   1.795   1.00 18.08 ? 86  GLU A CG  1 
ATOM 679  C CD  . GLU A 1 86  ? 16.376  1.377   0.331   1.00 21.71 ? 86  GLU A CD  1 
ATOM 680  O OE1 . GLU A 1 86  ? 16.172  0.506   -0.558  1.00 20.46 ? 86  GLU A OE1 1 
ATOM 681  O OE2 . GLU A 1 86  ? 16.549  2.592   0.115   1.00 24.87 ? 86  GLU A OE2 1 
ATOM 682  N N   . ASN A 1 87  ? 12.757  1.144   3.958   1.00 15.23 ? 87  ASN A N   1 
ATOM 683  C CA  . ASN A 1 87  ? 11.970  0.829   5.131   1.00 12.60 ? 87  ASN A CA  1 
ATOM 684  C C   . ASN A 1 87  ? 10.492  1.082   4.864   1.00 10.81 ? 87  ASN A C   1 
ATOM 685  O O   . ASN A 1 87  ? 10.084  2.125   4.364   1.00 15.08 ? 87  ASN A O   1 
ATOM 686  C CB  . ASN A 1 87  ? 12.505  1.675   6.277   1.00 10.97 ? 87  ASN A CB  1 
ATOM 687  C CG  . ASN A 1 87  ? 11.779  1.523   7.602   1.00 7.01  ? 87  ASN A CG  1 
ATOM 688  O OD1 . ASN A 1 87  ? 12.111  0.725   8.463   1.00 4.36  ? 87  ASN A OD1 1 
ATOM 689  N ND2 . ASN A 1 87  ? 10.760  2.321   7.816   1.00 5.35  ? 87  ASN A ND2 1 
ATOM 690  N N   . ILE A 1 88  ? 9.645   0.122   5.191   1.00 11.59 ? 88  ILE A N   1 
ATOM 691  C CA  . ILE A 1 88  ? 8.228   0.297   4.967   1.00 9.58  ? 88  ILE A CA  1 
ATOM 692  C C   . ILE A 1 88  ? 7.324   0.382   6.207   1.00 11.22 ? 88  ILE A C   1 
ATOM 693  O O   . ILE A 1 88  ? 6.112   0.134   6.152   1.00 8.82  ? 88  ILE A O   1 
ATOM 694  C CB  . ILE A 1 88  ? 7.733   -0.818  4.038   1.00 7.75  ? 88  ILE A CB  1 
ATOM 695  C CG1 . ILE A 1 88  ? 7.891   -2.228  4.578   1.00 3.80  ? 88  ILE A CG1 1 
ATOM 696  C CG2 . ILE A 1 88  ? 8.444   -0.499  2.740   1.00 9.64  ? 88  ILE A CG2 1 
ATOM 697  C CD1 . ILE A 1 88  ? 6.914   -3.189  3.881   1.00 6.29  ? 88  ILE A CD1 1 
ATOM 698  N N   . ASP A 1 89  ? 7.893   0.870   7.316   1.00 10.19 ? 89  ASP A N   1 
ATOM 699  C CA  . ASP A 1 89  ? 7.122   1.035   8.533   1.00 11.49 ? 89  ASP A CA  1 
ATOM 700  C C   . ASP A 1 89  ? 6.196   2.217   8.445   1.00 9.62  ? 89  ASP A C   1 
ATOM 701  O O   . ASP A 1 89  ? 5.063   2.138   8.903   1.00 13.40 ? 89  ASP A O   1 
ATOM 702  C CB  . ASP A 1 89  ? 8.030   1.200   9.805   1.00 12.63 ? 89  ASP A CB  1 
ATOM 703  C CG  . ASP A 1 89  ? 8.881   -0.038  10.078  1.00 11.39 ? 89  ASP A CG  1 
ATOM 704  O OD1 . ASP A 1 89  ? 8.487   -1.144  9.706   1.00 13.89 ? 89  ASP A OD1 1 
ATOM 705  O OD2 . ASP A 1 89  ? 9.972   0.100   10.611  1.00 8.97  ? 89  ASP A OD2 1 
ATOM 706  N N   . ASP A 1 90  ? 6.557   3.280   7.748   1.00 9.47  ? 90  ASP A N   1 
ATOM 707  C CA  . ASP A 1 90  ? 5.651   4.412   7.709   1.00 7.37  ? 90  ASP A CA  1 
ATOM 708  C C   . ASP A 1 90  ? 4.519   4.035   6.796   1.00 6.65  ? 90  ASP A C   1 
ATOM 709  O O   . ASP A 1 90  ? 3.366   4.408   7.038   1.00 7.36  ? 90  ASP A O   1 
ATOM 710  C CB  . ASP A 1 90  ? 6.334   5.659   7.179   1.00 6.16  ? 90  ASP A CB  1 
ATOM 711  C CG  . ASP A 1 90  ? 7.532   5.965   8.028   1.00 6.60  ? 90  ASP A CG  1 
ATOM 712  O OD1 . ASP A 1 90  ? 8.612   5.444   7.735   1.00 10.35 ? 90  ASP A OD1 1 
ATOM 713  O OD2 . ASP A 1 90  ? 7.381   6.685   8.998   1.00 4.09  ? 90  ASP A OD2 1 
ATOM 714  N N   . ASP A 1 91  ? 4.878   3.235   5.778   1.00 6.67  ? 91  ASP A N   1 
ATOM 715  C CA  . ASP A 1 91  ? 3.920   2.760   4.782   1.00 8.00  ? 91  ASP A CA  1 
ATOM 716  C C   . ASP A 1 91  ? 2.850   1.889   5.454   1.00 9.66  ? 91  ASP A C   1 
ATOM 717  O O   . ASP A 1 91  ? 1.660   2.013   5.153   1.00 9.05  ? 91  ASP A O   1 
ATOM 718  C CB  . ASP A 1 91  ? 4.669   1.968   3.696   1.00 6.20  ? 91  ASP A CB  1 
ATOM 719  C CG  . ASP A 1 91  ? 5.813   2.656   2.954   1.00 5.93  ? 91  ASP A CG  1 
ATOM 720  O OD1 . ASP A 1 91  ? 6.803   3.036   3.567   1.00 9.35  ? 91  ASP A OD1 1 
ATOM 721  O OD2 . ASP A 1 91  ? 5.759   2.772   1.732   1.00 9.06  ? 91  ASP A OD2 1 
ATOM 722  N N   . ILE A 1 92  ? 3.289   1.069   6.428   1.00 11.13 ? 92  ILE A N   1 
ATOM 723  C CA  . ILE A 1 92  ? 2.460   0.223   7.255   1.00 11.84 ? 92  ILE A CA  1 
ATOM 724  C C   . ILE A 1 92  ? 1.511   1.096   8.057   1.00 11.51 ? 92  ILE A C   1 
ATOM 725  O O   . ILE A 1 92  ? 0.299   0.893   7.904   1.00 12.26 ? 92  ILE A O   1 
ATOM 726  C CB  . ILE A 1 92  ? 3.420   -0.616  8.127   1.00 16.38 ? 92  ILE A CB  1 
ATOM 727  C CG1 . ILE A 1 92  ? 3.151   -2.004  7.687   1.00 17.53 ? 92  ILE A CG1 1 
ATOM 728  C CG2 . ILE A 1 92  ? 3.304   -0.468  9.674   1.00 21.73 ? 92  ILE A CG2 1 
ATOM 729  C CD1 . ILE A 1 92  ? 4.223   -2.366  6.637   1.00 16.79 ? 92  ILE A CD1 1 
ATOM 730  N N   . SER A 1 93  ? 1.975   2.075   8.857   1.00 8.56  ? 93  SER A N   1 
ATOM 731  C CA  . SER A 1 93  ? 1.081   2.937   9.589   1.00 5.82  ? 93  SER A CA  1 
ATOM 732  C C   . SER A 1 93  ? 0.110   3.645   8.655   1.00 6.07  ? 93  SER A C   1 
ATOM 733  O O   . SER A 1 93  ? -1.085  3.689   8.965   1.00 6.50  ? 93  SER A O   1 
ATOM 734  C CB  . SER A 1 93  ? 1.862   3.982   10.348  1.00 5.76  ? 93  SER A CB  1 
ATOM 735  O OG  . SER A 1 93  ? 2.637   3.298   11.329  1.00 8.76  ? 93  SER A OG  1 
ATOM 736  N N   . CYS A 1 94  ? 0.511   4.139   7.471   1.00 4.39  ? 94  CYS A N   1 
ATOM 737  C CA  . CYS A 1 94  ? -0.453  4.858   6.678   1.00 3.57  ? 94  CYS A CA  1 
ATOM 738  C C   . CYS A 1 94  ? -1.444  3.901   6.005   1.00 2.01  ? 94  CYS A C   1 
ATOM 739  O O   . CYS A 1 94  ? -2.622  4.217   5.924   1.00 3.00  ? 94  CYS A O   1 
ATOM 740  C CB  . CYS A 1 94  ? 0.315   5.724   5.690   1.00 2.02  ? 94  CYS A CB  1 
ATOM 741  S SG  . CYS A 1 94  ? -0.801  6.968   5.016   1.00 2.71  ? 94  CYS A SG  1 
ATOM 742  N N   . ALA A 1 95  ? -1.094  2.715   5.530   1.00 2.01  ? 95  ALA A N   1 
ATOM 743  C CA  . ALA A 1 95  ? -2.106  1.762   5.085   1.00 4.32  ? 95  ALA A CA  1 
ATOM 744  C C   . ALA A 1 95  ? -3.104  1.440   6.229   1.00 3.30  ? 95  ALA A C   1 
ATOM 745  O O   . ALA A 1 95  ? -4.319  1.468   6.050   1.00 2.00  ? 95  ALA A O   1 
ATOM 746  C CB  . ALA A 1 95  ? -1.424  0.452   4.634   1.00 2.33  ? 95  ALA A CB  1 
ATOM 747  N N   . LYS A 1 96  ? -2.617  1.172   7.448   1.00 3.62  ? 96  LYS A N   1 
ATOM 748  C CA  . LYS A 1 96  ? -3.470  0.913   8.595   1.00 5.24  ? 96  LYS A CA  1 
ATOM 749  C C   . LYS A 1 96  ? -4.562  1.959   8.892   1.00 6.31  ? 96  LYS A C   1 
ATOM 750  O O   . LYS A 1 96  ? -5.698  1.591   9.205   1.00 8.19  ? 96  LYS A O   1 
ATOM 751  C CB  . LYS A 1 96  ? -2.571  0.737   9.817   1.00 3.85  ? 96  LYS A CB  1 
ATOM 752  C CG  . LYS A 1 96  ? -1.925  -0.633  9.969   1.00 4.54  ? 96  LYS A CG  1 
ATOM 753  C CD  . LYS A 1 96  ? -1.061  -0.789  11.233  1.00 3.72  ? 96  LYS A CD  1 
ATOM 754  C CE  . LYS A 1 96  ? -1.078  -2.278  11.572  1.00 7.22  ? 96  LYS A CE  1 
ATOM 755  N NZ  . LYS A 1 96  ? 0.240   -2.862  11.782  1.00 10.09 ? 96  LYS A NZ  1 
ATOM 756  N N   . ARG A 1 97  ? -4.208  3.238   8.765   1.00 4.02  ? 97  ARG A N   1 
ATOM 757  C CA  . ARG A 1 97  ? -5.105  4.371   8.920   1.00 5.31  ? 97  ARG A CA  1 
ATOM 758  C C   . ARG A 1 97  ? -5.960  4.471   7.675   1.00 5.10  ? 97  ARG A C   1 
ATOM 759  O O   . ARG A 1 97  ? -7.112  4.854   7.765   1.00 3.17  ? 97  ARG A O   1 
ATOM 760  C CB  . ARG A 1 97  ? -4.238  5.631   9.142   1.00 8.54  ? 97  ARG A CB  1 
ATOM 761  C CG  . ARG A 1 97  ? -4.696  7.070   9.354   1.00 12.08 ? 97  ARG A CG  1 
ATOM 762  C CD  . ARG A 1 97  ? -3.677  8.076   10.074  1.00 20.78 ? 97  ARG A CD  1 
ATOM 763  N NE  . ARG A 1 97  ? -2.768  7.303   10.910  1.00 26.71 ? 97  ARG A NE  1 
ATOM 764  C CZ  . ARG A 1 97  ? -1.606  7.682   11.482  1.00 26.64 ? 97  ARG A CZ  1 
ATOM 765  N NH1 . ARG A 1 97  ? -0.398  6.985   11.377  1.00 25.37 ? 97  ARG A NH1 1 
ATOM 766  N NH2 . ARG A 1 97  ? -1.676  8.259   12.699  1.00 25.40 ? 97  ARG A NH2 1 
ATOM 767  N N   . VAL A 1 98  ? -5.493  4.113   6.481   1.00 7.53  ? 98  VAL A N   1 
ATOM 768  C CA  . VAL A 1 98  ? -6.311  4.230   5.274   1.00 8.12  ? 98  VAL A CA  1 
ATOM 769  C C   . VAL A 1 98  ? -7.448  3.218   5.319   1.00 8.40  ? 98  VAL A C   1 
ATOM 770  O O   . VAL A 1 98  ? -8.594  3.660   5.224   1.00 11.39 ? 98  VAL A O   1 
ATOM 771  C CB  . VAL A 1 98  ? -5.444  3.987   3.977   1.00 6.00  ? 98  VAL A CB  1 
ATOM 772  C CG1 . VAL A 1 98  ? -6.302  4.046   2.727   1.00 4.38  ? 98  VAL A CG1 1 
ATOM 773  C CG2 . VAL A 1 98  ? -4.410  5.051   3.793   1.00 4.48  ? 98  VAL A CG2 1 
ATOM 774  N N   . VAL A 1 99  ? -7.209  1.894   5.484   1.00 7.13  ? 99  VAL A N   1 
ATOM 775  C CA  . VAL A 1 99  ? -8.276  0.847   5.457   1.00 10.44 ? 99  VAL A CA  1 
ATOM 776  C C   . VAL A 1 99  ? -9.459  1.090   6.392   1.00 10.26 ? 99  VAL A C   1 
ATOM 777  O O   . VAL A 1 99  ? -10.476 0.411   6.288   1.00 11.51 ? 99  VAL A O   1 
ATOM 778  C CB  . VAL A 1 99  ? -7.912  -0.642  5.886   1.00 4.69  ? 99  VAL A CB  1 
ATOM 779  C CG1 . VAL A 1 99  ? -7.819  -1.493  4.656   1.00 4.31  ? 99  VAL A CG1 1 
ATOM 780  C CG2 . VAL A 1 99  ? -6.763  -0.609  6.861   1.00 3.23  ? 99  VAL A CG2 1 
ATOM 781  N N   . ARG A 1 100 ? -9.200  1.958   7.365   1.00 10.87 ? 100 ARG A N   1 
ATOM 782  C CA  . ARG A 1 100 ? -10.107 2.360   8.389   1.00 12.87 ? 100 ARG A CA  1 
ATOM 783  C C   . ARG A 1 100 ? -11.040 3.482   7.980   1.00 11.35 ? 100 ARG A C   1 
ATOM 784  O O   . ARG A 1 100 ? -11.713 4.094   8.804   1.00 14.26 ? 100 ARG A O   1 
ATOM 785  C CB  . ARG A 1 100 ? -9.284  2.744   9.611   1.00 14.14 ? 100 ARG A CB  1 
ATOM 786  C CG  . ARG A 1 100 ? -8.781  1.452   10.278  1.00 18.06 ? 100 ARG A CG  1 
ATOM 787  C CD  . ARG A 1 100 ? -8.247  1.808   11.645  1.00 19.25 ? 100 ARG A CD  1 
ATOM 788  N NE  . ARG A 1 100 ? -6.823  1.594   11.799  1.00 21.79 ? 100 ARG A NE  1 
ATOM 789  C CZ  . ARG A 1 100 ? -6.312  1.348   13.004  1.00 23.88 ? 100 ARG A CZ  1 
ATOM 790  N NH1 . ARG A 1 100 ? -7.172  1.202   14.023  1.00 22.83 ? 100 ARG A NH1 1 
ATOM 791  N NH2 . ARG A 1 100 ? -4.965  1.199   13.170  1.00 23.19 ? 100 ARG A NH2 1 
ATOM 792  N N   . ASP A 1 101 ? -11.015 3.864   6.738   1.00 9.34  ? 101 ASP A N   1 
ATOM 793  C CA  . ASP A 1 101 ? -12.003 4.789   6.292   1.00 12.28 ? 101 ASP A CA  1 
ATOM 794  C C   . ASP A 1 101 ? -13.133 3.918   5.703   1.00 9.72  ? 101 ASP A C   1 
ATOM 795  O O   . ASP A 1 101 ? -12.973 2.705   5.485   1.00 6.77  ? 101 ASP A O   1 
ATOM 796  C CB  . ASP A 1 101 ? -11.310 5.806   5.272   1.00 14.86 ? 101 ASP A CB  1 
ATOM 797  C CG  . ASP A 1 101 ? -10.914 7.133   5.979   1.00 16.82 ? 101 ASP A CG  1 
ATOM 798  O OD1 . ASP A 1 101 ? -11.689 7.589   6.822   1.00 19.63 ? 101 ASP A OD1 1 
ATOM 799  O OD2 . ASP A 1 101 ? -9.851  7.729   5.744   1.00 16.69 ? 101 ASP A OD2 1 
ATOM 800  N N   . PRO A 1 102 ? -14.327 4.472   5.482   1.00 8.29  ? 102 PRO A N   1 
ATOM 801  C CA  . PRO A 1 102 ? -15.426 3.807   4.766   1.00 10.47 ? 102 PRO A CA  1 
ATOM 802  C C   . PRO A 1 102 ? -15.106 3.156   3.426   1.00 11.98 ? 102 PRO A C   1 
ATOM 803  O O   . PRO A 1 102 ? -15.759 2.171   3.097   1.00 16.28 ? 102 PRO A O   1 
ATOM 804  C CB  . PRO A 1 102 ? -16.488 4.856   4.604   1.00 7.71  ? 102 PRO A CB  1 
ATOM 805  C CG  . PRO A 1 102 ? -16.283 5.715   5.808   1.00 6.88  ? 102 PRO A CG  1 
ATOM 806  C CD  . PRO A 1 102 ? -14.764 5.760   6.003   1.00 5.34  ? 102 PRO A CD  1 
ATOM 807  N N   . LYS A 1 103 ? -14.178 3.614   2.578   1.00 14.48 ? 103 LYS A N   1 
ATOM 808  C CA  . LYS A 1 103 ? -13.870 2.881   1.352   1.00 12.65 ? 103 LYS A CA  1 
ATOM 809  C C   . LYS A 1 103 ? -13.159 1.575   1.685   1.00 14.33 ? 103 LYS A C   1 
ATOM 810  O O   . LYS A 1 103 ? -13.178 0.684   0.816   1.00 18.08 ? 103 LYS A O   1 
ATOM 811  C CB  . LYS A 1 103 ? -12.941 3.627   0.396   1.00 12.16 ? 103 LYS A CB  1 
ATOM 812  C CG  . LYS A 1 103 ? -13.497 4.795   -0.408  1.00 15.12 ? 103 LYS A CG  1 
ATOM 813  C CD  . LYS A 1 103 ? -13.317 4.472   -1.903  1.00 17.83 ? 103 LYS A CD  1 
ATOM 814  C CE  . LYS A 1 103 ? -12.844 5.629   -2.833  1.00 21.75 ? 103 LYS A CE  1 
ATOM 815  N NZ  . LYS A 1 103 ? -11.388 5.814   -2.887  1.00 22.27 ? 103 LYS A NZ  1 
ATOM 816  N N   . GLY A 1 104 ? -12.508 1.381   2.837   1.00 8.90  ? 104 GLY A N   1 
ATOM 817  C CA  . GLY A 1 104 ? -11.806 0.128   3.071   1.00 11.18 ? 104 GLY A CA  1 
ATOM 818  C C   . GLY A 1 104 ? -10.746 -0.086  1.986   1.00 12.51 ? 104 GLY A C   1 
ATOM 819  O O   . GLY A 1 104 ? -10.223 0.918   1.449   1.00 13.35 ? 104 GLY A O   1 
ATOM 820  N N   . MET A 1 105 ? -10.486 -1.343  1.525   1.00 10.83 ? 105 MET A N   1 
ATOM 821  C CA  . MET A 1 105 ? -9.438  -1.509  0.514   1.00 10.04 ? 105 MET A CA  1 
ATOM 822  C C   . MET A 1 105 ? -9.752  -1.055  -0.881  1.00 7.94  ? 105 MET A C   1 
ATOM 823  O O   . MET A 1 105 ? -8.920  -1.083  -1.788  1.00 5.57  ? 105 MET A O   1 
ATOM 824  C CB  . MET A 1 105 ? -8.948  -2.954  0.449   1.00 10.02 ? 105 MET A CB  1 
ATOM 825  C CG  . MET A 1 105 ? -7.798  -2.990  1.450   1.00 13.79 ? 105 MET A CG  1 
ATOM 826  S SD  . MET A 1 105 ? -6.354  -4.022  1.202   1.00 12.90 ? 105 MET A SD  1 
ATOM 827  C CE  . MET A 1 105 ? -7.189  -5.526  0.978   1.00 14.71 ? 105 MET A CE  1 
ATOM 828  N N   . SER A 1 106 ? -10.928 -0.467  -0.966  1.00 8.95  ? 106 SER A N   1 
ATOM 829  C CA  . SER A 1 106 ? -11.397 0.043   -2.220  1.00 13.41 ? 106 SER A CA  1 
ATOM 830  C C   . SER A 1 106 ? -10.782 1.410   -2.485  1.00 13.18 ? 106 SER A C   1 
ATOM 831  O O   . SER A 1 106 ? -10.848 1.960   -3.604  1.00 10.52 ? 106 SER A O   1 
ATOM 832  C CB  . SER A 1 106 ? -12.949 0.000   -2.156  1.00 14.90 ? 106 SER A CB  1 
ATOM 833  O OG  . SER A 1 106 ? -13.405 -1.369  -2.092  1.00 16.05 ? 106 SER A OG  1 
ATOM 834  N N   . ALA A 1 107 ? -10.066 1.917   -1.462  1.00 13.09 ? 107 ALA A N   1 
ATOM 835  C CA  . ALA A 1 107 ? -9.251  3.106   -1.683  1.00 13.49 ? 107 ALA A CA  1 
ATOM 836  C C   . ALA A 1 107 ? -8.170  2.785   -2.727  1.00 15.70 ? 107 ALA A C   1 
ATOM 837  O O   . ALA A 1 107 ? -7.629  3.709   -3.329  1.00 17.45 ? 107 ALA A O   1 
ATOM 838  C CB  . ALA A 1 107 ? -8.524  3.557   -0.423  1.00 10.72 ? 107 ALA A CB  1 
ATOM 839  N N   . TRP A 1 108 ? -7.867  1.491   -2.999  1.00 15.85 ? 108 TRP A N   1 
ATOM 840  C CA  . TRP A 1 108 ? -6.851  1.068   -3.941  1.00 9.07  ? 108 TRP A CA  1 
ATOM 841  C C   . TRP A 1 108 ? -7.405  0.462   -5.198  1.00 5.32  ? 108 TRP A C   1 
ATOM 842  O O   . TRP A 1 108 ? -7.659  -0.725  -5.271  1.00 6.33  ? 108 TRP A O   1 
ATOM 843  C CB  . TRP A 1 108 ? -5.936  0.064   -3.249  1.00 9.19  ? 108 TRP A CB  1 
ATOM 844  C CG  . TRP A 1 108 ? -4.932  0.672   -2.292  1.00 7.80  ? 108 TRP A CG  1 
ATOM 845  C CD1 . TRP A 1 108 ? -3.869  1.396   -2.753  1.00 7.01  ? 108 TRP A CD1 1 
ATOM 846  C CD2 . TRP A 1 108 ? -4.985  0.611   -0.933  1.00 7.11  ? 108 TRP A CD2 1 
ATOM 847  N NE1 . TRP A 1 108 ? -3.250  1.811   -1.686  1.00 5.95  ? 108 TRP A NE1 1 
ATOM 848  C CE2 . TRP A 1 108 ? -3.867  1.375   -0.576  1.00 7.18  ? 108 TRP A CE2 1 
ATOM 849  C CE3 . TRP A 1 108 ? -5.805  0.038   0.000   1.00 6.82  ? 108 TRP A CE3 1 
ATOM 850  C CZ2 . TRP A 1 108 ? -3.538  1.588   0.742   1.00 3.87  ? 108 TRP A CZ2 1 
ATOM 851  C CZ3 . TRP A 1 108 ? -5.479  0.251   1.329   1.00 7.58  ? 108 TRP A CZ3 1 
ATOM 852  C CH2 . TRP A 1 108 ? -4.369  1.010   1.694   1.00 4.54  ? 108 TRP A CH2 1 
ATOM 853  N N   . LYS A 1 109 ? -7.506  1.249   -6.253  1.00 9.21  ? 109 LYS A N   1 
ATOM 854  C CA  . LYS A 1 109 ? -7.973  0.862   -7.600  1.00 10.50 ? 109 LYS A CA  1 
ATOM 855  C C   . LYS A 1 109 ? -7.434  -0.431  -8.189  1.00 9.26  ? 109 LYS A C   1 
ATOM 856  O O   . LYS A 1 109 ? -8.178  -1.159  -8.862  1.00 10.39 ? 109 LYS A O   1 
ATOM 857  C CB  . LYS A 1 109 ? -7.651  1.943   -8.591  1.00 11.52 ? 109 LYS A CB  1 
ATOM 858  C CG  . LYS A 1 109 ? -7.962  1.704   -10.068 1.00 18.25 ? 109 LYS A CG  1 
ATOM 859  C CD  . LYS A 1 109 ? -9.366  2.066   -10.608 1.00 19.09 ? 109 LYS A CD  1 
ATOM 860  C CE  . LYS A 1 109 ? -10.490 1.108   -10.249 1.00 20.33 ? 109 LYS A CE  1 
ATOM 861  N NZ  . LYS A 1 109 ? -11.554 1.139   -11.251 1.00 18.73 ? 109 LYS A NZ  1 
ATOM 862  N N   . ALA A 1 110 ? -6.164  -0.743  -7.926  1.00 5.75  ? 110 ALA A N   1 
ATOM 863  C CA  . ALA A 1 110 ? -5.589  -1.973  -8.438  1.00 6.23  ? 110 ALA A CA  1 
ATOM 864  C C   . ALA A 1 110 ? -6.082  -3.185  -7.665  1.00 10.96 ? 110 ALA A C   1 
ATOM 865  O O   . ALA A 1 110 ? -6.201  -4.291  -8.221  1.00 12.33 ? 110 ALA A O   1 
ATOM 866  C CB  . ALA A 1 110 ? -4.086  -1.937  -8.340  1.00 4.57  ? 110 ALA A CB  1 
ATOM 867  N N   . TRP A 1 111 ? -6.426  -2.988  -6.383  1.00 10.83 ? 111 TRP A N   1 
ATOM 868  C CA  . TRP A 1 111 ? -6.916  -4.067  -5.567  1.00 7.53  ? 111 TRP A CA  1 
ATOM 869  C C   . TRP A 1 111 ? -8.319  -4.301  -6.061  1.00 4.78  ? 111 TRP A C   1 
ATOM 870  O O   . TRP A 1 111 ? -8.700  -5.440  -6.284  1.00 5.67  ? 111 TRP A O   1 
ATOM 871  C CB  . TRP A 1 111 ? -6.936  -3.677  -4.080  1.00 7.00  ? 111 TRP A CB  1 
ATOM 872  C CG  . TRP A 1 111 ? -7.636  -4.702  -3.187  1.00 7.81  ? 111 TRP A CG  1 
ATOM 873  C CD1 . TRP A 1 111 ? -6.987  -5.824  -2.729  1.00 5.82  ? 111 TRP A CD1 1 
ATOM 874  C CD2 . TRP A 1 111 ? -8.955  -4.639  -2.790  1.00 6.80  ? 111 TRP A CD2 1 
ATOM 875  N NE1 . TRP A 1 111 ? -7.904  -6.453  -2.059  1.00 5.72  ? 111 TRP A NE1 1 
ATOM 876  C CE2 . TRP A 1 111 ? -9.075  -5.789  -2.067  1.00 5.23  ? 111 TRP A CE2 1 
ATOM 877  C CE3 . TRP A 1 111 ? -10.012 -3.773  -2.942  1.00 6.95  ? 111 TRP A CE3 1 
ATOM 878  C CZ2 . TRP A 1 111 ? -10.259 -6.089  -1.471  1.00 3.18  ? 111 TRP A CZ2 1 
ATOM 879  C CZ3 . TRP A 1 111 ? -11.204 -4.081  -2.342  1.00 5.95  ? 111 TRP A CZ3 1 
ATOM 880  C CH2 . TRP A 1 111 ? -11.313 -5.231  -1.613  1.00 3.77  ? 111 TRP A CH2 1 
ATOM 881  N N   . VAL A 1 112 ? -9.129  -3.256  -6.183  1.00 8.06  ? 112 VAL A N   1 
ATOM 882  C CA  . VAL A 1 112 ? -10.497 -3.359  -6.694  1.00 5.86  ? 112 VAL A CA  1 
ATOM 883  C C   . VAL A 1 112 ? -10.517 -4.126  -8.009  1.00 8.84  ? 112 VAL A C   1 
ATOM 884  O O   . VAL A 1 112 ? -11.251 -5.097  -8.116  1.00 12.42 ? 112 VAL A O   1 
ATOM 885  C CB  . VAL A 1 112 ? -11.055 -1.963  -6.891  1.00 2.88  ? 112 VAL A CB  1 
ATOM 886  C CG1 . VAL A 1 112 ? -12.338 -2.009  -7.635  1.00 4.36  ? 112 VAL A CG1 1 
ATOM 887  C CG2 . VAL A 1 112 ? -11.381 -1.368  -5.561  1.00 2.00  ? 112 VAL A CG2 1 
ATOM 888  N N   . LYS A 1 113 ? -9.652  -3.735  -8.960  1.00 10.68 ? 113 LYS A N   1 
ATOM 889  C CA  . LYS A 1 113 ? -9.542  -4.340  -10.269 1.00 9.43  ? 113 LYS A CA  1 
ATOM 890  C C   . LYS A 1 113 ? -8.828  -5.678  -10.284 1.00 10.42 ? 113 LYS A C   1 
ATOM 891  O O   . LYS A 1 113 ? -8.922  -6.451  -11.238 1.00 6.44  ? 113 LYS A O   1 
ATOM 892  C CB  . LYS A 1 113 ? -8.780  -3.418  -11.198 1.00 7.85  ? 113 LYS A CB  1 
ATOM 893  C CG  . LYS A 1 113 ? -9.640  -2.788  -12.252 1.00 11.35 ? 113 LYS A CG  1 
ATOM 894  C CD  . LYS A 1 113 ? -10.739 -1.897  -11.648 1.00 10.76 ? 113 LYS A CD  1 
ATOM 895  C CE  . LYS A 1 113 ? -12.147 -2.406  -11.902 1.00 8.15  ? 113 LYS A CE  1 
ATOM 896  N NZ  . LYS A 1 113 ? -13.053 -1.554  -11.169 1.00 10.92 ? 113 LYS A NZ  1 
ATOM 897  N N   . HIS A 1 114 ? -7.940  -5.914  -9.334  1.00 13.35 ? 114 HIS A N   1 
ATOM 898  C CA  . HIS A 1 114 ? -7.174  -7.138  -9.419  1.00 16.56 ? 114 HIS A CA  1 
ATOM 899  C C   . HIS A 1 114 ? -7.219  -8.133  -8.297  1.00 13.30 ? 114 HIS A C   1 
ATOM 900  O O   . HIS A 1 114 ? -6.677  -9.203  -8.509  1.00 14.24 ? 114 HIS A O   1 
ATOM 901  C CB  . HIS A 1 114 ? -5.748  -6.782  -9.670  1.00 19.58 ? 114 HIS A CB  1 
ATOM 902  C CG  . HIS A 1 114 ? -5.517  -6.276  -11.076 1.00 24.58 ? 114 HIS A CG  1 
ATOM 903  N ND1 . HIS A 1 114 ? -5.336  -5.015  -11.449 1.00 25.44 ? 114 HIS A ND1 1 
ATOM 904  C CD2 . HIS A 1 114 ? -5.415  -7.088  -12.196 1.00 26.09 ? 114 HIS A CD2 1 
ATOM 905  C CE1 . HIS A 1 114 ? -5.120  -5.020  -12.744 1.00 24.75 ? 114 HIS A CE1 1 
ATOM 906  N NE2 . HIS A 1 114 ? -5.167  -6.269  -13.185 1.00 26.15 ? 114 HIS A NE2 1 
ATOM 907  N N   . CYS A 1 115 ? -7.833  -7.894  -7.140  1.00 11.78 ? 115 CYS A N   1 
ATOM 908  C CA  . CYS A 1 115 ? -7.767  -8.859  -6.047  1.00 11.31 ? 115 CYS A CA  1 
ATOM 909  C C   . CYS A 1 115 ? -9.149  -9.052  -5.550  1.00 9.82  ? 115 CYS A C   1 
ATOM 910  O O   . CYS A 1 115 ? -9.487  -10.195 -5.261  1.00 11.63 ? 115 CYS A O   1 
ATOM 911  C CB  . CYS A 1 115 ? -6.913  -8.408  -4.867  1.00 9.88  ? 115 CYS A CB  1 
ATOM 912  S SG  . CYS A 1 115 ? -5.285  -7.889  -5.446  1.00 8.44  ? 115 CYS A SG  1 
ATOM 913  N N   . LYS A 1 116 ? -9.974  -8.003  -5.524  1.00 10.71 ? 116 LYS A N   1 
ATOM 914  C CA  . LYS A 1 116 ? -11.354 -8.169  -5.111  1.00 14.20 ? 116 LYS A CA  1 
ATOM 915  C C   . LYS A 1 116 ? -11.977 -9.025  -6.208  1.00 16.94 ? 116 LYS A C   1 
ATOM 916  O O   . LYS A 1 116 ? -11.717 -8.843  -7.389  1.00 22.67 ? 116 LYS A O   1 
ATOM 917  C CB  . LYS A 1 116 ? -12.005 -6.811  -5.014  1.00 12.11 ? 116 LYS A CB  1 
ATOM 918  C CG  . LYS A 1 116 ? -13.311 -6.891  -4.236  1.00 10.82 ? 116 LYS A CG  1 
ATOM 919  C CD  . LYS A 1 116 ? -14.128 -5.640  -4.401  1.00 9.38  ? 116 LYS A CD  1 
ATOM 920  C CE  . LYS A 1 116 ? -14.553 -5.555  -5.833  1.00 10.18 ? 116 LYS A CE  1 
ATOM 921  N NZ  . LYS A 1 116 ? -15.418 -4.411  -6.058  1.00 18.05 ? 116 LYS A NZ  1 
ATOM 922  N N   . ASP A 1 117 ? -12.706 -10.045 -5.835  1.00 18.15 ? 117 ASP A N   1 
ATOM 923  C CA  . ASP A 1 117 ? -13.291 -11.030 -6.724  1.00 19.49 ? 117 ASP A CA  1 
ATOM 924  C C   . ASP A 1 117 ? -12.335 -12.095 -7.166  1.00 17.91 ? 117 ASP A C   1 
ATOM 925  O O   . ASP A 1 117 ? -12.826 -13.132 -7.567  1.00 14.61 ? 117 ASP A O   1 
ATOM 926  C CB  . ASP A 1 117 ? -13.921 -10.437 -7.996  1.00 20.09 ? 117 ASP A CB  1 
ATOM 927  C CG  . ASP A 1 117 ? -14.966 -9.350  -7.705  1.00 20.39 ? 117 ASP A CG  1 
ATOM 928  O OD1 . ASP A 1 117 ? -15.819 -9.541  -6.814  1.00 16.49 ? 117 ASP A OD1 1 
ATOM 929  O OD2 . ASP A 1 117 ? -14.873 -8.316  -8.387  1.00 20.49 ? 117 ASP A OD2 1 
ATOM 930  N N   . LYS A 1 118 ? -11.013 -11.983 -7.100  1.00 23.14 ? 118 LYS A N   1 
ATOM 931  C CA  . LYS A 1 118 ? -10.164 -13.152 -7.329  1.00 22.74 ? 118 LYS A CA  1 
ATOM 932  C C   . LYS A 1 118 ? -10.232 -14.133 -6.146  1.00 24.02 ? 118 LYS A C   1 
ATOM 933  O O   . LYS A 1 118 ? -10.545 -13.765 -4.994  1.00 24.34 ? 118 LYS A O   1 
ATOM 934  C CB  . LYS A 1 118 ? -8.733  -12.712 -7.546  1.00 23.30 ? 118 LYS A CB  1 
ATOM 935  C CG  . LYS A 1 118 ? -8.364  -12.365 -9.012  1.00 26.24 ? 118 LYS A CG  1 
ATOM 936  C CD  . LYS A 1 118 ? -8.837  -11.025 -9.620  1.00 25.90 ? 118 LYS A CD  1 
ATOM 937  C CE  . LYS A 1 118 ? -10.278 -10.804 -10.019 1.00 23.00 ? 118 LYS A CE  1 
ATOM 938  N NZ  . LYS A 1 118 ? -10.525 -9.419  -9.726  1.00 21.69 ? 118 LYS A NZ  1 
ATOM 939  N N   . ASP A 1 119 ? -10.027 -15.443 -6.398  1.00 23.93 ? 119 ASP A N   1 
ATOM 940  C CA  . ASP A 1 119 ? -10.019 -16.413 -5.310  1.00 22.35 ? 119 ASP A CA  1 
ATOM 941  C C   . ASP A 1 119 ? -8.546  -16.401 -4.853  1.00 22.36 ? 119 ASP A C   1 
ATOM 942  O O   . ASP A 1 119 ? -7.606  -16.855 -5.532  1.00 18.71 ? 119 ASP A O   1 
ATOM 943  C CB  . ASP A 1 119 ? -10.503 -17.813 -5.847  1.00 23.72 ? 119 ASP A CB  1 
ATOM 944  C CG  . ASP A 1 119 ? -10.732 -18.947 -4.787  1.00 25.54 ? 119 ASP A CG  1 
ATOM 945  O OD1 . ASP A 1 119 ? -11.650 -18.939 -3.945  1.00 22.77 ? 119 ASP A OD1 1 
ATOM 946  O OD2 . ASP A 1 119 ? -9.942  -19.894 -4.777  1.00 28.09 ? 119 ASP A OD2 1 
ATOM 947  N N   . LEU A 1 120 ? -8.321  -15.845 -3.649  1.00 20.91 ? 120 LEU A N   1 
ATOM 948  C CA  . LEU A 1 120 ? -6.958  -15.714 -3.136  1.00 17.96 ? 120 LEU A CA  1 
ATOM 949  C C   . LEU A 1 120 ? -6.582  -16.777 -2.122  1.00 16.92 ? 120 LEU A C   1 
ATOM 950  O O   . LEU A 1 120 ? -5.526  -16.804 -1.498  1.00 14.99 ? 120 LEU A O   1 
ATOM 951  C CB  . LEU A 1 120 ? -6.773  -14.333 -2.514  1.00 19.46 ? 120 LEU A CB  1 
ATOM 952  C CG  . LEU A 1 120 ? -7.053  -13.024 -3.291  1.00 19.88 ? 120 LEU A CG  1 
ATOM 953  C CD1 . LEU A 1 120 ? -6.758  -11.887 -2.329  1.00 18.58 ? 120 LEU A CD1 1 
ATOM 954  C CD2 . LEU A 1 120 ? -6.222  -12.912 -4.586  1.00 19.99 ? 120 LEU A CD2 1 
ATOM 955  N N   . SER A 1 121 ? -7.425  -17.782 -2.105  1.00 15.84 ? 121 SER A N   1 
ATOM 956  C CA  . SER A 1 121 ? -7.355  -18.936 -1.233  1.00 15.63 ? 121 SER A CA  1 
ATOM 957  C C   . SER A 1 121 ? -6.054  -19.716 -1.211  1.00 17.81 ? 121 SER A C   1 
ATOM 958  O O   . SER A 1 121 ? -5.756  -20.497 -0.304  1.00 22.56 ? 121 SER A O   1 
ATOM 959  C CB  . SER A 1 121 ? -8.471  -19.870 -1.637  1.00 14.83 ? 121 SER A CB  1 
ATOM 960  O OG  . SER A 1 121 ? -9.541  -19.115 -2.198  1.00 12.70 ? 121 SER A OG  1 
ATOM 961  N N   . GLU A 1 122 ? -5.315  -19.560 -2.301  1.00 18.37 ? 122 GLU A N   1 
ATOM 962  C CA  . GLU A 1 122 ? -4.071  -20.269 -2.554  1.00 16.11 ? 122 GLU A CA  1 
ATOM 963  C C   . GLU A 1 122 ? -3.042  -19.298 -3.183  1.00 14.15 ? 122 GLU A C   1 
ATOM 964  O O   . GLU A 1 122 ? -2.017  -19.681 -3.755  1.00 9.81  ? 122 GLU A O   1 
ATOM 965  C CB  . GLU A 1 122 ? -4.437  -21.485 -3.438  1.00 18.42 ? 122 GLU A CB  1 
ATOM 966  C CG  . GLU A 1 122 ? -5.126  -21.321 -4.787  1.00 23.95 ? 122 GLU A CG  1 
ATOM 967  C CD  . GLU A 1 122 ? -6.484  -20.568 -4.857  1.00 25.17 ? 122 GLU A CD  1 
ATOM 968  O OE1 . GLU A 1 122 ? -6.482  -19.325 -4.757  1.00 23.18 ? 122 GLU A OE1 1 
ATOM 969  O OE2 . GLU A 1 122 ? -7.520  -21.215 -5.071  1.00 23.17 ? 122 GLU A OE2 1 
ATOM 970  N N   . TYR A 1 123 ? -3.251  -17.978 -2.922  1.00 12.07 ? 123 TYR A N   1 
ATOM 971  C CA  . TYR A 1 123 ? -2.383  -16.919 -3.397  1.00 8.77  ? 123 TYR A CA  1 
ATOM 972  C C   . TYR A 1 123 ? -1.069  -16.928 -2.601  1.00 10.10 ? 123 TYR A C   1 
ATOM 973  O O   . TYR A 1 123 ? -0.006  -16.741 -3.175  1.00 9.77  ? 123 TYR A O   1 
ATOM 974  C CB  . TYR A 1 123 ? -3.105  -15.609 -3.244  1.00 8.89  ? 123 TYR A CB  1 
ATOM 975  C CG  . TYR A 1 123 ? -2.288  -14.371 -3.568  1.00 9.85  ? 123 TYR A CG  1 
ATOM 976  C CD1 . TYR A 1 123 ? -2.117  -14.027 -4.879  1.00 9.27  ? 123 TYR A CD1 1 
ATOM 977  C CD2 . TYR A 1 123 ? -1.750  -13.582 -2.571  1.00 8.61  ? 123 TYR A CD2 1 
ATOM 978  C CE1 . TYR A 1 123 ? -1.435  -12.893 -5.190  1.00 7.33  ? 123 TYR A CE1 1 
ATOM 979  C CE2 . TYR A 1 123 ? -1.067  -12.450 -2.882  1.00 5.48  ? 123 TYR A CE2 1 
ATOM 980  C CZ  . TYR A 1 123 ? -0.931  -12.135 -4.191  1.00 6.21  ? 123 TYR A CZ  1 
ATOM 981  O OH  . TYR A 1 123 ? -0.342  -10.975 -4.548  1.00 7.64  ? 123 TYR A OH  1 
ATOM 982  N N   . LEU A 1 124 ? -1.028  -17.172 -1.292  1.00 7.26  ? 124 LEU A N   1 
ATOM 983  C CA  . LEU A 1 124 ? 0.261   -17.274 -0.667  1.00 2.50  ? 124 LEU A CA  1 
ATOM 984  C C   . LEU A 1 124 ? 0.664   -18.719 -0.443  1.00 5.88  ? 124 LEU A C   1 
ATOM 985  O O   . LEU A 1 124 ? 1.558   -18.986 0.331   1.00 7.56  ? 124 LEU A O   1 
ATOM 986  C CB  . LEU A 1 124 ? 0.192   -16.504 0.626   1.00 2.01  ? 124 LEU A CB  1 
ATOM 987  C CG  . LEU A 1 124 ? -0.246  -15.071 0.447   1.00 2.91  ? 124 LEU A CG  1 
ATOM 988  C CD1 . LEU A 1 124 ? -0.515  -14.475 1.815   1.00 4.17  ? 124 LEU A CD1 1 
ATOM 989  C CD2 . LEU A 1 124 ? 0.811   -14.289 -0.316  1.00 2.00  ? 124 LEU A CD2 1 
ATOM 990  N N   . ALA A 1 125 ? 0.072   -19.720 -1.101  1.00 10.52 ? 125 ALA A N   1 
ATOM 991  C CA  . ALA A 1 125 ? 0.374   -21.157 -0.926  1.00 12.15 ? 125 ALA A CA  1 
ATOM 992  C C   . ALA A 1 125 ? 1.842   -21.573 -0.817  1.00 12.97 ? 125 ALA A C   1 
ATOM 993  O O   . ALA A 1 125 ? 2.303   -22.360 0.010   1.00 14.15 ? 125 ALA A O   1 
ATOM 994  C CB  . ALA A 1 125 ? -0.245  -21.945 -2.102  1.00 9.61  ? 125 ALA A CB  1 
ATOM 995  N N   . SER A 1 126 ? 2.630   -20.945 -1.650  1.00 13.75 ? 126 SER A N   1 
ATOM 996  C CA  . SER A 1 126 ? 4.022   -21.255 -1.714  1.00 15.16 ? 126 SER A CA  1 
ATOM 997  C C   . SER A 1 126 ? 4.889   -20.396 -0.782  1.00 14.74 ? 126 SER A C   1 
ATOM 998  O O   . SER A 1 126 ? 6.117   -20.491 -0.731  1.00 11.99 ? 126 SER A O   1 
ATOM 999  C CB  . SER A 1 126 ? 4.320   -21.122 -3.205  1.00 16.90 ? 126 SER A CB  1 
ATOM 1000 O OG  . SER A 1 126 ? 3.675   -20.002 -3.814  1.00 22.01 ? 126 SER A OG  1 
ATOM 1001 N N   . CYS A 1 127 ? 4.238   -19.612 0.047   1.00 15.24 ? 127 CYS A N   1 
ATOM 1002 C CA  . CYS A 1 127 ? 4.909   -18.668 0.864   1.00 16.68 ? 127 CYS A CA  1 
ATOM 1003 C C   . CYS A 1 127 ? 4.472   -18.998 2.230   1.00 19.43 ? 127 CYS A C   1 
ATOM 1004 O O   . CYS A 1 127 ? 3.541   -18.312 2.686   1.00 22.87 ? 127 CYS A O   1 
ATOM 1005 C CB  . CYS A 1 127 ? 4.498   -17.196 0.728   1.00 15.28 ? 127 CYS A CB  1 
ATOM 1006 S SG  . CYS A 1 127 ? 4.301   -16.609 -0.935  1.00 16.65 ? 127 CYS A SG  1 
ATOM 1007 N N   . ASN A 1 128 ? 4.916   -20.031 2.930   1.00 22.10 ? 128 ASN A N   1 
ATOM 1008 C CA  . ASN A 1 128 ? 4.696   -19.746 4.316   1.00 27.23 ? 128 ASN A CA  1 
ATOM 1009 C C   . ASN A 1 128 ? 6.090   -19.524 4.863   1.00 29.65 ? 128 ASN A C   1 
ATOM 1010 O O   . ASN A 1 128 ? 6.696   -20.293 5.608   1.00 31.48 ? 128 ASN A O   1 
ATOM 1011 C CB  . ASN A 1 128 ? 3.940   -20.807 5.098   1.00 27.96 ? 128 ASN A CB  1 
ATOM 1012 C CG  . ASN A 1 128 ? 3.478   -19.919 6.264   1.00 29.36 ? 128 ASN A CG  1 
ATOM 1013 O OD1 . ASN A 1 128 ? 2.423   -19.280 6.217   1.00 29.38 ? 128 ASN A OD1 1 
ATOM 1014 N ND2 . ASN A 1 128 ? 4.270   -19.750 7.321   1.00 29.28 ? 128 ASN A ND2 1 
ATOM 1015 N N   . LEU A 1 129 ? 6.470   -18.323 4.366   1.00 31.29 ? 129 LEU A N   1 
ATOM 1016 C CA  . LEU A 1 129 ? 7.743   -17.624 4.526   1.00 28.24 ? 129 LEU A CA  1 
ATOM 1017 C C   . LEU A 1 129 ? 7.363   -16.376 5.321   1.00 26.71 ? 129 LEU A C   1 
ATOM 1018 O O   . LEU A 1 129 ? 7.326   -15.277 4.773   1.00 24.77 ? 129 LEU A O   1 
ATOM 1019 C CB  . LEU A 1 129 ? 8.314   -17.280 3.124   1.00 22.66 ? 129 LEU A CB  1 
ATOM 1020 C CG  . LEU A 1 129 ? 9.109   -18.337 2.355   1.00 20.40 ? 129 LEU A CG  1 
ATOM 1021 C CD1 . LEU A 1 129 ? 8.174   -19.280 1.789   1.00 19.68 ? 129 LEU A CD1 1 
ATOM 1022 C CD2 . LEU A 1 129 ? 9.813   -17.794 1.131   1.00 18.65 ? 129 LEU A CD2 1 
ATOM 1023 O OXT . LEU A 1 129 ? 7.039   -16.537 6.502   1.00 26.24 ? 129 LEU A OXT 1 
# 
